data_6E7X
#
_entry.id   6E7X
#
_cell.length_a   268.420
_cell.length_b   59.536
_cell.length_c   146.114
_cell.angle_alpha   90.000
_cell.angle_beta   116.690
_cell.angle_gamma   90.000
#
_symmetry.space_group_name_H-M   'C 1 2 1'
#
loop_
_entity.id
_entity.type
_entity.pdbx_description
1 polymer 'Glutamate receptor ionotropic, NMDA 1'
2 polymer 'Glutamate receptor ionotropic, NMDA 2B'
3 branched alpha-D-mannopyranose-(1-3)-[alpha-D-mannopyranose-(1-6)]beta-D-mannopyranose-(1-4)-2-acetamido-2-deoxy-beta-D-glucopyranose-(1-4)-2-acetamido-2-deoxy-beta-D-glucopyranose
4 non-polymer 2-acetamido-2-deoxy-beta-D-glucopyranose
5 non-polymer 'SODIUM ION'
6 non-polymer 'CHLORIDE ION'
7 non-polymer N-{4-[(2S)-3-{[2-(3,4-dichlorophenyl)ethyl](2-methylpropyl)amino}-2-hydroxypropoxy]phenyl}methanesulfonamide
8 water water
#
loop_
_entity_poly.entity_id
_entity_poly.type
_entity_poly.pdbx_seq_one_letter_code
_entity_poly.pdbx_strand_id
1 'polypeptide(L)'
;DPKIVNIGAVLSTKKHEQIFREAVNQANKRHFTRKIQLQATSVTHRPNAIQMALSVCEDLISSQVYAILVSHPPAPTDHL
TPTPISYTAGFYRIPVIGLTTRMSIYSDKSIHLSFLRTVPPYSHQALVWFEMMRLFNWNHVILIVSDDHEGRAAQKKLET
LLEGKESKSKKRNYENLDQLSYDNKRGPKADKVLQFEPGTKNLTALLLEAKELEARVIILSASEDDATAVYKSAAMLDMT
GAGYVWLVGEREISGSALRYAPDGIIGLQLINGKNESAHISDAVAVVAQAIHELFEMENITDPPRGCVGNTNIWKTGPLF
KRVLMSSKYPDGVTGRIEFNEDGDRKFAQYSIMNLQNRKLVQVGIFNGSYIIQNDRKIIWPGGET
;
A,C
2 'polypeptide(L)'
;PPSIGIAVILVGTSDEVAIKDAHEKDDFHHLSVVPRVELVAMNETDPKSIITRICDLMSDRKIQGVVFADDTDQEAIAQI
LDFISAQTLTPILGIHGGSSMIMADKDESSMFFQFGPSIEQQASVMLNIMEEYDWYIFSIVTTYFPGYQDFVNKIRSTIE
NSFVGWELEEVLLLDMSLDDGDSKIQNQLKKLQSPIILLYCTKEEATYIFEVANSVGLTGYGYTWIVPSLVAGDTDTVPS
EFPTGLISVSYDEWDYGLPARVRDGIAIITTAASDMLSEHSFIPEPKSSCYNTHEKRIYQSNMLNRYLINVTFEGRDLSF
SEDGYQMHPKLVIILLNKERKWERVGKWKDKSLQMKYYVWPRM
;
B,D
#
loop_
_chem_comp.id
_chem_comp.type
_chem_comp.name
_chem_comp.formula
BMA D-saccharide, beta linking beta-D-mannopyranose 'C6 H12 O6'
CL non-polymer 'CHLORIDE ION' 'Cl -1'
MAN D-saccharide, alpha linking alpha-D-mannopyranose 'C6 H12 O6'
NA non-polymer 'SODIUM ION' 'Na 1'
NAG D-saccharide, beta linking 2-acetamido-2-deoxy-beta-D-glucopyranose 'C8 H15 N O6'
T97 non-polymer N-{4-[(2S)-3-{[2-(3,4-dichlorophenyl)ethyl](2-methylpropyl)amino}-2-hydroxypropoxy]phenyl}methanesulfonamide 'C22 H30 Cl2 N2 O4 S'
#
# COMPACT_ATOMS: atom_id res chain seq x y z
N ASP A 1 -33.25 -19.81 48.80
CA ASP A 1 -32.30 -19.16 47.84
C ASP A 1 -32.59 -19.60 46.42
N PRO A 2 -32.96 -18.65 45.55
CA PRO A 2 -33.34 -18.97 44.17
C PRO A 2 -32.13 -19.21 43.28
N LYS A 3 -32.37 -19.83 42.13
CA LYS A 3 -31.35 -19.96 41.10
C LYS A 3 -31.17 -18.64 40.35
N ILE A 4 -29.94 -18.15 40.28
CA ILE A 4 -29.66 -16.91 39.58
C ILE A 4 -29.46 -17.15 38.09
N VAL A 5 -30.24 -16.44 37.27
CA VAL A 5 -30.17 -16.56 35.83
C VAL A 5 -29.79 -15.22 35.21
N ASN A 6 -28.63 -15.19 34.56
CA ASN A 6 -28.07 -13.93 34.09
C ASN A 6 -28.63 -13.57 32.71
N ILE A 7 -29.02 -12.31 32.56
CA ILE A 7 -29.24 -11.72 31.24
C ILE A 7 -28.10 -10.78 30.88
N GLY A 8 -27.64 -10.88 29.64
CA GLY A 8 -26.58 -10.02 29.15
C GLY A 8 -27.12 -8.85 28.35
N ALA A 9 -26.34 -7.77 28.29
CA ALA A 9 -26.63 -6.66 27.40
C ALA A 9 -25.35 -6.03 26.89
N VAL A 10 -25.33 -5.70 25.60
CA VAL A 10 -24.38 -4.74 25.07
C VAL A 10 -25.10 -3.47 24.62
N LEU A 11 -24.82 -2.38 25.31
CA LEU A 11 -25.64 -1.17 25.18
C LEU A 11 -24.75 0.05 24.97
N SER A 12 -25.37 1.17 24.64
CA SER A 12 -24.65 2.28 24.04
C SER A 12 -23.94 3.11 25.11
N THR A 13 -24.60 3.29 26.25
CA THR A 13 -24.08 4.16 27.30
C THR A 13 -24.30 3.56 28.68
N LYS A 14 -23.64 4.11 29.68
CA LYS A 14 -23.83 3.69 31.05
C LYS A 14 -25.23 4.03 31.55
N LYS A 15 -25.81 5.11 31.06
CA LYS A 15 -27.20 5.44 31.36
C LYS A 15 -28.09 4.27 31.01
N HIS A 16 -27.82 3.64 29.86
CA HIS A 16 -28.66 2.58 29.36
C HIS A 16 -28.37 1.25 30.07
N GLU A 17 -27.15 1.10 30.55
CA GLU A 17 -26.80 0.00 31.43
C GLU A 17 -27.64 0.07 32.71
N GLN A 18 -27.77 1.27 33.26
CA GLN A 18 -28.53 1.47 34.48
C GLN A 18 -30.02 1.19 34.24
N ILE A 19 -30.49 1.54 33.04
CA ILE A 19 -31.87 1.26 32.65
C ILE A 19 -32.10 -0.24 32.53
N PHE A 20 -31.14 -0.93 31.93
CA PHE A 20 -31.17 -2.39 31.84
C PHE A 20 -31.25 -3.00 33.24
N ARG A 21 -30.38 -2.56 34.13
CA ARG A 21 -30.37 -3.04 35.52
C ARG A 21 -31.74 -2.89 36.17
N GLU A 22 -32.34 -1.72 36.01
CA GLU A 22 -33.57 -1.38 36.71
C GLU A 22 -34.76 -2.12 36.10
N ALA A 23 -34.66 -2.41 34.81
CA ALA A 23 -35.69 -3.18 34.12
C ALA A 23 -35.70 -4.62 34.61
N VAL A 24 -34.50 -5.19 34.75
CA VAL A 24 -34.36 -6.54 35.27
C VAL A 24 -34.84 -6.61 36.72
N ASN A 25 -34.56 -5.55 37.48
CA ASN A 25 -34.99 -5.46 38.87
C ASN A 25 -36.51 -5.45 38.95
N GLN A 26 -37.14 -4.72 38.04
CA GLN A 26 -38.60 -4.64 37.98
C GLN A 26 -39.19 -6.00 37.60
N ALA A 27 -38.54 -6.68 36.66
CA ALA A 27 -38.98 -8.00 36.24
C ALA A 27 -38.99 -8.96 37.42
N ASN A 28 -38.01 -8.82 38.30
CA ASN A 28 -37.89 -9.69 39.46
C ASN A 28 -38.98 -9.39 40.48
N LYS A 29 -39.30 -8.11 40.63
CA LYS A 29 -40.41 -7.69 41.50
C LYS A 29 -41.74 -8.18 40.92
N ARG A 30 -41.89 -8.04 39.61
CA ARG A 30 -43.14 -8.34 38.93
C ARG A 30 -43.45 -9.84 38.99
N HIS A 31 -42.41 -10.65 38.80
CA HIS A 31 -42.58 -12.10 38.65
C HIS A 31 -42.50 -12.81 40.00
N PHE A 32 -42.92 -14.07 40.01
CA PHE A 32 -42.63 -14.96 41.13
C PHE A 32 -41.25 -15.57 40.99
N THR A 33 -40.37 -15.28 41.94
CA THR A 33 -38.94 -15.51 41.76
C THR A 33 -38.33 -16.26 42.93
N ARG A 34 -39.11 -17.13 43.55
CA ARG A 34 -38.58 -18.05 44.55
C ARG A 34 -37.67 -19.09 43.90
N LYS A 35 -38.03 -19.53 42.70
CA LYS A 35 -37.28 -20.56 42.02
C LYS A 35 -36.14 -19.97 41.18
N ILE A 36 -36.49 -19.07 40.26
CA ILE A 36 -35.47 -18.42 39.44
C ILE A 36 -35.53 -16.91 39.58
N GLN A 37 -34.37 -16.27 39.48
CA GLN A 37 -34.25 -14.84 39.72
C GLN A 37 -33.17 -14.26 38.82
N LEU A 38 -33.51 -13.21 38.07
CA LEU A 38 -32.67 -12.71 37.00
C LEU A 38 -31.55 -11.83 37.56
N GLN A 39 -30.42 -11.83 36.87
CA GLN A 39 -29.33 -10.90 37.19
C GLN A 39 -28.86 -10.19 35.92
N ALA A 40 -28.78 -8.86 35.99
CA ALA A 40 -28.33 -8.07 34.86
C ALA A 40 -26.81 -8.09 34.77
N THR A 41 -26.30 -8.45 33.61
CA THR A 41 -24.88 -8.30 33.31
C THR A 41 -24.71 -7.57 31.99
N SER A 42 -23.96 -6.48 32.00
CA SER A 42 -23.97 -5.57 30.86
C SER A 42 -22.60 -4.96 30.58
N VAL A 43 -22.50 -4.36 29.41
CA VAL A 43 -21.26 -3.84 28.88
C VAL A 43 -21.65 -2.85 27.80
N THR A 44 -20.81 -1.86 27.54
CA THR A 44 -21.02 -0.99 26.39
C THR A 44 -20.19 -1.47 25.21
N HIS A 45 -20.51 -0.99 24.01
CA HIS A 45 -19.84 -1.42 22.80
C HIS A 45 -18.35 -1.14 22.87
N ARG A 46 -17.55 -2.10 22.41
CA ARG A 46 -16.13 -1.88 22.19
C ARG A 46 -15.89 -1.20 20.85
N PRO A 47 -14.73 -0.56 20.69
CA PRO A 47 -14.45 0.30 19.54
C PRO A 47 -14.15 -0.46 18.25
N ASN A 48 -13.96 -1.77 18.33
CA ASN A 48 -13.87 -2.60 17.13
C ASN A 48 -14.36 -4.03 17.37
N ALA A 49 -14.47 -4.80 16.29
CA ALA A 49 -15.30 -6.00 16.26
C ALA A 49 -14.63 -7.13 17.03
N ILE A 50 -13.30 -7.17 16.98
CA ILE A 50 -12.55 -8.20 17.67
C ILE A 50 -12.62 -7.98 19.18
N GLN A 51 -12.37 -6.76 19.62
CA GLN A 51 -12.54 -6.40 21.02
C GLN A 51 -13.95 -6.73 21.50
N MET A 52 -14.94 -6.49 20.65
CA MET A 52 -16.34 -6.72 21.00
C MET A 52 -16.62 -8.21 21.18
N ALA A 53 -16.13 -9.02 20.24
CA ALA A 53 -16.26 -10.47 20.33
C ALA A 53 -15.63 -10.97 21.64
N LEU A 54 -14.43 -10.50 21.93
CA LEU A 54 -13.70 -10.93 23.11
C LEU A 54 -14.47 -10.55 24.38
N SER A 55 -15.05 -9.36 24.37
CA SER A 55 -15.74 -8.84 25.55
C SER A 55 -17.00 -9.66 25.83
N VAL A 56 -17.68 -10.07 24.77
CA VAL A 56 -18.82 -10.97 24.89
C VAL A 56 -18.42 -12.24 25.65
N CYS A 57 -17.24 -12.76 25.33
CA CYS A 57 -16.74 -13.94 26.00
C CYS A 57 -16.35 -13.63 27.43
N GLU A 58 -15.61 -12.55 27.63
CA GLU A 58 -14.96 -12.28 28.90
C GLU A 58 -15.95 -11.72 29.91
N ASP A 59 -16.92 -10.95 29.42
CA ASP A 59 -17.75 -10.12 30.30
C ASP A 59 -19.14 -10.71 30.45
N LEU A 60 -19.63 -11.39 29.42
CA LEU A 60 -21.02 -11.83 29.37
C LEU A 60 -21.14 -13.34 29.53
N ILE A 61 -20.56 -14.08 28.58
CA ILE A 61 -20.71 -15.53 28.56
C ILE A 61 -20.03 -16.18 29.77
N SER A 62 -19.03 -15.49 30.32
CA SER A 62 -18.39 -15.94 31.55
C SER A 62 -19.36 -15.89 32.72
N SER A 63 -20.44 -15.13 32.56
CA SER A 63 -21.48 -15.05 33.59
C SER A 63 -22.64 -15.99 33.25
N GLN A 64 -22.47 -16.78 32.20
CA GLN A 64 -23.47 -17.75 31.81
C GLN A 64 -24.79 -17.06 31.51
N VAL A 65 -24.77 -16.11 30.59
CA VAL A 65 -25.97 -15.41 30.18
C VAL A 65 -26.86 -16.31 29.34
N TYR A 66 -28.16 -16.24 29.59
CA TYR A 66 -29.14 -17.02 28.84
C TYR A 66 -29.52 -16.29 27.55
N ALA A 67 -29.27 -14.99 27.52
CA ALA A 67 -29.60 -14.16 26.37
C ALA A 67 -28.84 -12.85 26.43
N ILE A 68 -28.65 -12.23 25.28
CA ILE A 68 -27.93 -10.96 25.21
C ILE A 68 -28.71 -9.91 24.41
N LEU A 69 -29.20 -8.90 25.10
CA LEU A 69 -29.70 -7.69 24.45
C LEU A 69 -28.55 -6.93 23.79
N VAL A 70 -28.82 -6.37 22.60
CA VAL A 70 -27.82 -5.61 21.88
C VAL A 70 -28.44 -4.39 21.22
N SER A 71 -27.97 -3.20 21.59
CA SER A 71 -28.35 -1.98 20.91
C SER A 71 -27.43 -1.72 19.73
N HIS A 72 -27.99 -1.08 18.70
CA HIS A 72 -27.19 -0.44 17.66
C HIS A 72 -26.61 0.87 18.19
N PRO A 73 -25.27 0.99 18.21
CA PRO A 73 -24.66 2.24 18.63
C PRO A 73 -24.85 3.33 17.58
N PRO A 74 -25.15 4.56 18.04
CA PRO A 74 -24.86 5.76 17.26
C PRO A 74 -23.39 6.16 17.31
N ALA A 75 -22.92 6.83 16.26
CA ALA A 75 -21.49 7.02 16.04
C ALA A 75 -20.71 5.74 16.31
N HIS A 79 -20.13 2.06 12.08
CA HIS A 79 -19.20 1.00 11.68
C HIS A 79 -19.22 -0.16 12.67
N LEU A 80 -19.98 0.00 13.75
CA LEU A 80 -19.99 -0.98 14.83
C LEU A 80 -21.35 -1.66 14.94
N THR A 81 -21.45 -2.87 14.40
CA THR A 81 -22.73 -3.56 14.31
C THR A 81 -22.86 -4.62 15.41
N PRO A 82 -24.08 -5.15 15.59
CA PRO A 82 -24.36 -6.28 16.47
C PRO A 82 -23.65 -7.56 16.04
N THR A 83 -23.05 -7.55 14.85
CA THR A 83 -22.72 -8.78 14.16
C THR A 83 -21.76 -9.66 14.96
N PRO A 84 -20.70 -9.06 15.53
CA PRO A 84 -19.72 -9.82 16.30
C PRO A 84 -20.34 -10.46 17.54
N ILE A 85 -21.37 -9.83 18.08
CA ILE A 85 -22.09 -10.36 19.22
C ILE A 85 -22.99 -11.52 18.80
N SER A 86 -23.67 -11.35 17.67
CA SER A 86 -24.48 -12.42 17.08
C SER A 86 -23.62 -13.64 16.76
N TYR A 87 -22.45 -13.40 16.16
CA TYR A 87 -21.54 -14.48 15.80
C TYR A 87 -21.10 -15.28 17.03
N THR A 88 -20.63 -14.57 18.05
CA THR A 88 -20.05 -15.22 19.21
C THR A 88 -21.12 -15.93 20.03
N ALA A 89 -22.22 -15.23 20.27
CA ALA A 89 -23.37 -15.83 20.93
C ALA A 89 -23.94 -16.98 20.11
N GLY A 90 -23.99 -16.79 18.79
CA GLY A 90 -24.52 -17.82 17.89
C GLY A 90 -23.70 -19.09 17.96
N PHE A 91 -22.40 -18.94 18.18
CA PHE A 91 -21.50 -20.08 18.34
C PHE A 91 -22.08 -21.05 19.36
N TYR A 92 -22.68 -20.52 20.42
CA TYR A 92 -23.17 -21.33 21.53
C TYR A 92 -24.70 -21.48 21.47
N ARG A 93 -25.32 -20.82 20.49
CA ARG A 93 -26.77 -20.83 20.38
C ARG A 93 -27.41 -20.08 21.54
N ILE A 94 -26.71 -19.09 22.07
CA ILE A 94 -27.30 -18.13 22.98
C ILE A 94 -28.03 -17.04 22.21
N PRO A 95 -29.35 -16.94 22.43
CA PRO A 95 -30.19 -15.97 21.73
C PRO A 95 -29.72 -14.54 21.89
N VAL A 96 -29.68 -13.80 20.79
CA VAL A 96 -29.40 -12.38 20.83
C VAL A 96 -30.65 -11.59 20.46
N ILE A 97 -30.94 -10.54 21.22
CA ILE A 97 -32.08 -9.68 20.94
C ILE A 97 -31.63 -8.29 20.51
N GLY A 98 -31.81 -7.99 19.22
CA GLY A 98 -31.48 -6.68 18.69
C GLY A 98 -32.52 -5.65 19.06
N LEU A 99 -32.08 -4.48 19.51
CA LEU A 99 -32.99 -3.47 20.05
C LEU A 99 -33.37 -2.44 19.00
N THR A 100 -32.46 -2.15 18.07
CA THR A 100 -32.61 -0.98 17.22
C THR A 100 -32.05 -1.18 15.81
N THR A 101 -31.49 -2.35 15.54
CA THR A 101 -30.94 -2.64 14.22
C THR A 101 -32.03 -2.98 13.22
N ARG A 102 -32.05 -2.27 12.09
CA ARG A 102 -33.14 -2.38 11.13
C ARG A 102 -32.72 -3.06 9.83
N MET A 103 -31.42 -3.24 9.65
CA MET A 103 -30.91 -3.84 8.41
C MET A 103 -31.46 -5.25 8.24
N SER A 104 -31.85 -5.58 7.01
CA SER A 104 -32.62 -6.79 6.76
C SER A 104 -31.74 -8.03 6.87
N ILE A 105 -30.43 -7.84 6.76
CA ILE A 105 -29.49 -8.95 6.71
C ILE A 105 -29.56 -9.79 7.98
N TYR A 106 -30.04 -9.18 9.06
CA TYR A 106 -30.12 -9.86 10.35
C TYR A 106 -31.34 -10.76 10.43
N SER A 107 -32.09 -10.85 9.34
CA SER A 107 -33.22 -11.76 9.25
C SER A 107 -32.79 -13.08 8.60
N ASP A 108 -31.51 -13.18 8.28
CA ASP A 108 -30.98 -14.33 7.56
C ASP A 108 -30.47 -15.39 8.54
N LYS A 109 -31.12 -16.53 8.57
CA LYS A 109 -30.90 -17.52 9.61
C LYS A 109 -29.55 -18.20 9.46
N SER A 110 -29.05 -18.25 8.23
CA SER A 110 -27.76 -18.87 7.95
C SER A 110 -26.63 -18.07 8.59
N ILE A 111 -26.82 -16.76 8.70
CA ILE A 111 -25.80 -15.87 9.22
C ILE A 111 -26.04 -15.56 10.69
N HIS A 112 -27.30 -15.34 11.03
CA HIS A 112 -27.67 -14.98 12.39
C HIS A 112 -28.72 -15.94 12.95
N LEU A 113 -28.26 -17.06 13.49
CA LEU A 113 -29.13 -18.24 13.66
C LEU A 113 -29.73 -18.29 15.05
N SER A 114 -29.46 -17.28 15.86
CA SER A 114 -30.22 -17.06 17.09
C SER A 114 -30.40 -15.58 17.38
N PHE A 115 -31.14 -14.91 16.51
CA PHE A 115 -31.27 -13.46 16.57
C PHE A 115 -32.74 -13.08 16.44
N LEU A 116 -33.26 -12.44 17.50
CA LEU A 116 -34.54 -11.76 17.42
C LEU A 116 -34.33 -10.26 17.55
N ARG A 117 -35.34 -9.47 17.19
CA ARG A 117 -35.29 -8.02 17.39
C ARG A 117 -36.67 -7.43 17.62
N THR A 118 -36.72 -6.37 18.42
CA THR A 118 -37.97 -5.75 18.81
C THR A 118 -38.32 -4.57 17.89
N VAL A 119 -37.45 -4.31 16.94
CA VAL A 119 -37.80 -3.46 15.79
C VAL A 119 -37.78 -4.28 14.51
N PRO A 120 -38.62 -3.90 13.55
CA PRO A 120 -38.68 -4.59 12.26
C PRO A 120 -37.53 -4.19 11.34
N PRO A 121 -37.18 -5.06 10.39
CA PRO A 121 -36.24 -4.70 9.33
C PRO A 121 -36.83 -3.70 8.36
N TYR A 122 -35.98 -2.91 7.71
CA TYR A 122 -36.46 -1.86 6.83
C TYR A 122 -37.42 -2.40 5.79
N SER A 123 -37.23 -3.66 5.41
CA SER A 123 -37.99 -4.28 4.33
C SER A 123 -39.46 -4.41 4.69
N HIS A 124 -39.74 -4.43 5.99
CA HIS A 124 -41.11 -4.61 6.48
C HIS A 124 -41.93 -3.35 6.27
N GLN A 125 -41.28 -2.28 5.82
CA GLN A 125 -42.00 -1.07 5.44
C GLN A 125 -42.93 -1.34 4.27
N ALA A 126 -42.64 -2.40 3.52
CA ALA A 126 -43.50 -2.82 2.41
C ALA A 126 -44.91 -3.16 2.88
N LEU A 127 -45.02 -3.62 4.12
CA LEU A 127 -46.32 -3.91 4.71
C LEU A 127 -47.18 -2.66 4.74
N VAL A 128 -46.55 -1.54 5.07
CA VAL A 128 -47.26 -0.26 5.16
C VAL A 128 -47.57 0.26 3.76
N TRP A 129 -46.59 0.19 2.86
CA TRP A 129 -46.80 0.57 1.47
C TRP A 129 -48.05 -0.13 0.92
N PHE A 130 -48.17 -1.42 1.23
CA PHE A 130 -49.23 -2.24 0.66
C PHE A 130 -50.60 -1.77 1.13
N GLU A 131 -50.72 -1.50 2.42
CA GLU A 131 -51.98 -1.01 2.99
C GLU A 131 -52.33 0.36 2.43
N MET A 132 -51.30 1.17 2.18
CA MET A 132 -51.50 2.47 1.55
C MET A 132 -52.03 2.32 0.13
N MET A 133 -51.53 1.30 -0.56
CA MET A 133 -51.89 1.08 -1.96
C MET A 133 -53.35 0.66 -2.08
N ARG A 134 -53.82 -0.11 -1.10
CA ARG A 134 -55.25 -0.40 -0.98
C ARG A 134 -56.04 0.85 -0.62
N LEU A 135 -55.58 1.55 0.42
CA LEU A 135 -56.31 2.69 0.94
C LEU A 135 -56.52 3.74 -0.14
N PHE A 136 -55.43 4.15 -0.78
CA PHE A 136 -55.48 5.22 -1.77
C PHE A 136 -55.59 4.66 -3.18
N ASN A 137 -55.79 3.35 -3.27
CA ASN A 137 -56.21 2.72 -4.53
C ASN A 137 -55.19 2.96 -5.63
N TRP A 138 -53.92 2.89 -5.27
CA TRP A 138 -52.84 2.78 -6.25
C TRP A 138 -52.66 1.34 -6.69
N ASN A 139 -53.19 1.01 -7.86
CA ASN A 139 -53.24 -0.37 -8.30
C ASN A 139 -52.10 -0.66 -9.28
N HIS A 140 -51.38 0.39 -9.67
CA HIS A 140 -50.23 0.25 -10.56
C HIS A 140 -49.06 1.08 -10.07
N VAL A 141 -47.99 0.41 -9.64
CA VAL A 141 -46.84 1.10 -9.08
C VAL A 141 -45.56 0.71 -9.80
N ILE A 142 -44.62 1.64 -9.87
CA ILE A 142 -43.24 1.33 -10.25
C ILE A 142 -42.35 1.26 -9.02
N LEU A 143 -41.61 0.16 -8.89
CA LEU A 143 -40.73 -0.04 -7.75
C LEU A 143 -39.27 0.16 -8.15
N ILE A 144 -38.63 1.16 -7.55
CA ILE A 144 -37.20 1.36 -7.72
C ILE A 144 -36.45 0.99 -6.45
N VAL A 145 -35.49 0.07 -6.59
CA VAL A 145 -34.71 -0.37 -5.43
C VAL A 145 -33.22 -0.38 -5.75
N SER A 146 -32.40 -0.16 -4.72
CA SER A 146 -30.96 -0.33 -4.83
C SER A 146 -30.60 -1.81 -4.96
N ASP A 147 -29.70 -2.11 -5.89
CA ASP A 147 -29.17 -3.47 -6.03
C ASP A 147 -28.16 -3.78 -4.93
N ASP A 148 -28.62 -3.70 -3.69
CA ASP A 148 -27.93 -4.36 -2.58
C ASP A 148 -28.92 -5.25 -1.82
N HIS A 149 -28.46 -5.82 -0.71
CA HIS A 149 -29.28 -6.75 0.05
C HIS A 149 -30.57 -6.07 0.51
N GLU A 150 -30.44 -4.85 1.01
CA GLU A 150 -31.57 -4.14 1.59
C GLU A 150 -32.61 -3.82 0.52
N GLY A 151 -32.16 -3.36 -0.63
CA GLY A 151 -33.05 -3.04 -1.74
C GLY A 151 -33.81 -4.26 -2.20
N ARG A 152 -33.09 -5.36 -2.39
CA ARG A 152 -33.69 -6.58 -2.89
C ARG A 152 -34.62 -7.20 -1.85
N ALA A 153 -34.30 -6.98 -0.58
CA ALA A 153 -35.15 -7.44 0.52
C ALA A 153 -36.51 -6.73 0.46
N ALA A 154 -36.49 -5.44 0.19
CA ALA A 154 -37.73 -4.67 0.08
C ALA A 154 -38.56 -5.15 -1.11
N GLN A 155 -37.89 -5.41 -2.23
CA GLN A 155 -38.57 -5.91 -3.41
C GLN A 155 -39.22 -7.27 -3.15
N LYS A 156 -38.44 -8.19 -2.58
CA LYS A 156 -38.95 -9.51 -2.24
C LYS A 156 -40.22 -9.38 -1.39
N LYS A 157 -40.17 -8.47 -0.41
CA LYS A 157 -41.24 -8.38 0.58
C LYS A 157 -42.52 -7.83 -0.04
N LEU A 158 -42.38 -6.79 -0.85
CA LEU A 158 -43.53 -6.20 -1.52
C LEU A 158 -44.14 -7.19 -2.50
N GLU A 159 -43.30 -7.85 -3.28
CA GLU A 159 -43.76 -8.75 -4.33
C GLU A 159 -44.46 -9.97 -3.74
N THR A 160 -44.01 -10.40 -2.57
CA THR A 160 -44.72 -11.42 -1.80
C THR A 160 -46.13 -10.95 -1.47
N LEU A 161 -46.25 -9.70 -1.04
CA LEU A 161 -47.56 -9.16 -0.64
C LEU A 161 -48.46 -8.98 -1.86
N LEU A 162 -47.86 -8.56 -2.97
CA LEU A 162 -48.60 -8.37 -4.22
C LEU A 162 -48.88 -9.71 -4.89
N GLU A 163 -47.82 -10.28 -5.46
CA GLU A 163 -47.89 -11.61 -6.05
C GLU A 163 -48.31 -12.63 -5.00
N GLY A 164 -49.47 -12.41 -4.40
CA GLY A 164 -50.08 -13.40 -3.52
C GLY A 164 -49.67 -13.20 -2.07
N GLY A 187 -55.78 -7.49 -6.99
CA GLY A 187 -55.47 -6.26 -6.26
C GLY A 187 -54.46 -5.39 -7.00
N PRO A 188 -53.61 -4.69 -6.25
CA PRO A 188 -52.55 -3.86 -6.81
C PRO A 188 -51.42 -4.68 -7.42
N LYS A 189 -50.78 -4.14 -8.44
CA LYS A 189 -49.66 -4.81 -9.11
C LYS A 189 -48.49 -3.86 -9.31
N ALA A 190 -47.28 -4.41 -9.31
CA ALA A 190 -46.10 -3.68 -9.74
C ALA A 190 -45.89 -3.79 -11.24
N ASP A 191 -46.00 -2.65 -11.94
CA ASP A 191 -45.95 -2.63 -13.39
C ASP A 191 -44.52 -2.77 -13.90
N LYS A 192 -43.56 -2.55 -13.01
CA LYS A 192 -42.16 -2.83 -13.30
C LYS A 192 -41.31 -2.65 -12.05
N VAL A 193 -40.17 -3.34 -12.01
CA VAL A 193 -39.17 -3.11 -10.97
C VAL A 193 -37.84 -2.72 -11.59
N LEU A 194 -37.27 -1.62 -11.11
CA LEU A 194 -35.96 -1.17 -11.57
C LEU A 194 -34.95 -1.22 -10.43
N GLN A 195 -33.79 -1.81 -10.70
CA GLN A 195 -32.69 -1.79 -9.75
C GLN A 195 -31.53 -0.95 -10.28
N PHE A 196 -30.84 -0.27 -9.38
CA PHE A 196 -29.67 0.51 -9.75
C PHE A 196 -28.48 0.16 -8.87
N GLU A 197 -27.28 0.40 -9.37
CA GLU A 197 -26.06 0.11 -8.63
C GLU A 197 -25.83 1.14 -7.54
N PRO A 198 -25.77 0.70 -6.27
CA PRO A 198 -25.51 1.60 -5.15
C PRO A 198 -24.28 2.47 -5.40
N GLY A 199 -24.47 3.78 -5.30
CA GLY A 199 -23.36 4.73 -5.44
C GLY A 199 -23.35 5.42 -6.78
N THR A 200 -24.28 5.04 -7.65
CA THR A 200 -24.48 5.74 -8.91
C THR A 200 -25.08 7.12 -8.68
N LYS A 201 -24.57 8.12 -9.41
CA LYS A 201 -24.93 9.51 -9.16
C LYS A 201 -25.84 10.03 -10.25
N ASN A 202 -25.51 9.74 -11.50
CA ASN A 202 -26.41 9.99 -12.62
C ASN A 202 -27.34 8.80 -12.85
N LEU A 203 -28.60 8.94 -12.47
CA LEU A 203 -29.57 7.87 -12.57
C LEU A 203 -30.62 8.19 -13.63
N THR A 204 -30.24 9.02 -14.60
CA THR A 204 -31.17 9.50 -15.61
C THR A 204 -31.63 8.36 -16.50
N ALA A 205 -30.69 7.47 -16.85
CA ALA A 205 -31.02 6.31 -17.66
C ALA A 205 -32.14 5.50 -17.02
N LEU A 206 -31.98 5.17 -15.74
CA LEU A 206 -32.95 4.36 -15.02
C LEU A 206 -34.32 5.05 -14.98
N LEU A 207 -34.32 6.36 -14.77
CA LEU A 207 -35.54 7.09 -14.45
C LEU A 207 -36.33 7.43 -15.70
N LEU A 208 -35.62 7.57 -16.82
CA LEU A 208 -36.27 7.68 -18.13
C LEU A 208 -37.04 6.41 -18.45
N GLU A 209 -36.48 5.27 -18.06
CA GLU A 209 -37.17 4.00 -18.21
C GLU A 209 -38.48 4.00 -17.42
N ALA A 210 -38.45 4.59 -16.23
CA ALA A 210 -39.64 4.70 -15.40
C ALA A 210 -40.61 5.72 -15.98
N LYS A 211 -40.07 6.81 -16.50
CA LYS A 211 -40.89 7.87 -17.08
C LYS A 211 -41.73 7.34 -18.24
N GLU A 212 -41.22 6.31 -18.90
CA GLU A 212 -41.85 5.77 -20.10
C GLU A 212 -43.21 5.17 -19.76
N LEU A 213 -43.29 4.53 -18.59
CA LEU A 213 -44.45 3.70 -18.26
C LEU A 213 -45.61 4.57 -17.78
N GLU A 214 -46.82 4.00 -17.80
CA GLU A 214 -48.03 4.77 -17.59
C GLU A 214 -48.32 4.94 -16.10
N ALA A 215 -47.83 3.99 -15.31
CA ALA A 215 -47.86 4.13 -13.85
C ALA A 215 -47.08 5.37 -13.42
N ARG A 216 -47.61 6.08 -12.44
CA ARG A 216 -46.98 7.31 -11.96
C ARG A 216 -46.84 7.27 -10.44
N VAL A 217 -47.10 6.11 -9.85
CA VAL A 217 -46.76 5.87 -8.45
C VAL A 217 -45.41 5.18 -8.33
N ILE A 218 -44.45 5.85 -7.70
CA ILE A 218 -43.08 5.34 -7.62
C ILE A 218 -42.71 5.03 -6.17
N ILE A 219 -42.29 3.79 -5.93
CA ILE A 219 -41.83 3.38 -4.61
C ILE A 219 -40.33 3.16 -4.60
N LEU A 220 -39.66 3.66 -3.56
CA LEU A 220 -38.20 3.70 -3.53
C LEU A 220 -37.66 3.02 -2.29
N SER A 221 -36.74 2.07 -2.48
CA SER A 221 -35.87 1.62 -1.41
C SER A 221 -34.42 1.95 -1.73
N ALA A 222 -33.79 2.71 -0.85
CA ALA A 222 -32.42 3.17 -1.07
C ALA A 222 -31.83 3.73 0.23
N SER A 223 -30.50 3.75 0.30
CA SER A 223 -29.82 4.41 1.41
C SER A 223 -29.95 5.93 1.28
N GLU A 224 -29.58 6.64 2.34
CA GLU A 224 -29.66 8.10 2.35
C GLU A 224 -29.07 8.71 1.08
N ASP A 225 -27.84 8.30 0.75
CA ASP A 225 -27.08 8.96 -0.31
C ASP A 225 -27.62 8.56 -1.67
N ASP A 226 -28.11 7.33 -1.78
CA ASP A 226 -28.63 6.82 -3.04
C ASP A 226 -29.98 7.44 -3.35
N ALA A 227 -30.78 7.67 -2.31
CA ALA A 227 -32.05 8.37 -2.44
C ALA A 227 -31.84 9.81 -2.91
N THR A 228 -30.83 10.46 -2.36
CA THR A 228 -30.44 11.79 -2.82
C THR A 228 -30.25 11.81 -4.32
N ALA A 229 -29.49 10.84 -4.82
CA ALA A 229 -29.17 10.78 -6.25
C ALA A 229 -30.44 10.59 -7.07
N VAL A 230 -31.32 9.71 -6.60
CA VAL A 230 -32.59 9.47 -7.28
C VAL A 230 -33.41 10.76 -7.33
N TYR A 231 -33.55 11.42 -6.20
CA TYR A 231 -34.37 12.62 -6.09
C TYR A 231 -33.89 13.68 -7.08
N LYS A 232 -32.58 13.93 -7.08
CA LYS A 232 -32.01 14.93 -7.97
C LYS A 232 -32.33 14.64 -9.42
N SER A 233 -31.98 13.44 -9.87
CA SER A 233 -32.22 13.04 -11.26
C SER A 233 -33.70 13.14 -11.61
N ALA A 234 -34.55 12.69 -10.69
CA ALA A 234 -35.99 12.70 -10.91
C ALA A 234 -36.51 14.12 -11.10
N ALA A 235 -35.86 15.08 -10.45
CA ALA A 235 -36.25 16.48 -10.56
C ALA A 235 -35.89 17.03 -11.94
N MET A 236 -34.66 16.75 -12.38
CA MET A 236 -34.22 17.16 -13.71
C MET A 236 -35.17 16.67 -14.79
N LEU A 237 -35.80 15.52 -14.54
CA LEU A 237 -36.69 14.91 -15.53
C LEU A 237 -38.15 15.25 -15.24
N ASP A 238 -38.36 16.17 -14.31
CA ASP A 238 -39.71 16.68 -14.05
C ASP A 238 -40.65 15.54 -13.66
N MET A 239 -40.20 14.66 -12.78
CA MET A 239 -41.01 13.54 -12.33
C MET A 239 -41.37 13.70 -10.85
N THR A 240 -41.23 14.93 -10.34
CA THR A 240 -41.53 15.20 -8.94
C THR A 240 -42.69 16.18 -8.82
N GLY A 241 -43.30 16.50 -9.96
CA GLY A 241 -44.41 17.45 -9.99
C GLY A 241 -45.75 16.73 -9.97
N ALA A 242 -46.78 17.42 -10.48
CA ALA A 242 -48.15 16.94 -10.34
C ALA A 242 -48.37 15.67 -11.16
N GLY A 243 -49.18 14.76 -10.63
CA GLY A 243 -49.48 13.52 -11.33
C GLY A 243 -48.67 12.36 -10.79
N TYR A 244 -47.49 12.65 -10.24
CA TYR A 244 -46.62 11.63 -9.70
C TYR A 244 -46.84 11.46 -8.20
N VAL A 245 -46.82 10.22 -7.74
CA VAL A 245 -46.74 9.93 -6.31
C VAL A 245 -45.43 9.26 -5.95
N TRP A 246 -44.78 9.75 -4.89
CA TRP A 246 -43.56 9.14 -4.40
C TRP A 246 -43.75 8.56 -3.00
N LEU A 247 -43.43 7.27 -2.87
CA LEU A 247 -43.70 6.53 -1.64
C LEU A 247 -42.43 5.82 -1.19
N VAL A 248 -41.89 6.21 -0.04
CA VAL A 248 -40.61 5.70 0.42
C VAL A 248 -40.66 5.31 1.90
N GLY A 249 -39.52 4.90 2.44
CA GLY A 249 -39.42 4.52 3.84
C GLY A 249 -38.73 5.59 4.67
N GLU A 250 -37.92 5.14 5.63
CA GLU A 250 -37.38 6.05 6.64
C GLU A 250 -36.02 6.58 6.22
N ARG A 251 -35.18 5.71 5.69
CA ARG A 251 -33.84 6.09 5.27
C ARG A 251 -33.91 7.20 4.22
N GLU A 252 -34.96 7.15 3.40
CA GLU A 252 -35.03 7.97 2.19
C GLU A 252 -35.61 9.35 2.50
N ILE A 253 -36.01 9.57 3.74
CA ILE A 253 -36.32 10.91 4.23
C ILE A 253 -35.53 11.22 5.50
N SER A 254 -34.29 10.75 5.55
CA SER A 254 -33.39 11.06 6.66
C SER A 254 -32.16 11.82 6.16
N GLY A 255 -31.55 12.59 7.05
CA GLY A 255 -30.29 13.26 6.75
C GLY A 255 -30.32 13.94 5.39
N SER A 256 -29.34 13.62 4.56
CA SER A 256 -29.13 14.34 3.31
C SER A 256 -30.24 14.06 2.31
N ALA A 257 -30.90 12.91 2.48
CA ALA A 257 -32.01 12.54 1.61
C ALA A 257 -33.14 13.54 1.72
N LEU A 258 -33.39 14.01 2.94
CA LEU A 258 -34.37 15.06 3.19
C LEU A 258 -34.03 16.32 2.41
N ARG A 259 -32.73 16.56 2.23
CA ARG A 259 -32.24 17.85 1.76
C ARG A 259 -32.73 18.13 0.33
N TYR A 260 -32.96 17.07 -0.44
CA TYR A 260 -33.28 17.22 -1.86
C TYR A 260 -34.58 16.50 -2.20
N ALA A 261 -35.21 15.90 -1.20
CA ALA A 261 -36.48 15.23 -1.39
C ALA A 261 -37.49 16.19 -2.01
N PRO A 262 -38.28 15.69 -2.99
CA PRO A 262 -39.32 16.49 -3.62
C PRO A 262 -40.51 16.66 -2.69
N ASP A 263 -41.22 17.77 -2.83
CA ASP A 263 -42.33 18.06 -1.94
C ASP A 263 -43.53 17.21 -2.30
N GLY A 264 -44.31 16.83 -1.29
CA GLY A 264 -45.44 15.93 -1.48
C GLY A 264 -45.07 14.47 -1.28
N ILE A 265 -43.78 14.20 -1.15
CA ILE A 265 -43.31 12.84 -0.92
C ILE A 265 -43.93 12.27 0.35
N ILE A 266 -44.18 10.97 0.33
CA ILE A 266 -44.64 10.27 1.52
C ILE A 266 -43.61 9.25 1.98
N GLY A 267 -43.29 9.28 3.27
CA GLY A 267 -42.32 8.35 3.83
C GLY A 267 -42.73 7.89 5.21
N LEU A 268 -41.84 7.17 5.89
CA LEU A 268 -42.21 6.47 7.12
C LEU A 268 -41.18 6.76 8.22
N GLN A 269 -41.65 6.77 9.46
CA GLN A 269 -40.77 6.73 10.62
C GLN A 269 -41.27 5.73 11.65
N LEU A 270 -40.46 4.71 11.91
CA LEU A 270 -40.77 3.74 12.96
C LEU A 270 -40.84 4.42 14.31
N ILE A 271 -42.03 4.41 14.90
CA ILE A 271 -42.24 5.08 16.19
C ILE A 271 -41.43 4.38 17.29
N ASN A 272 -40.60 5.15 17.98
CA ASN A 272 -39.76 4.63 19.04
C ASN A 272 -38.59 3.82 18.48
N GLY A 273 -38.38 3.91 17.18
CA GLY A 273 -37.39 3.08 16.50
C GLY A 273 -35.98 3.34 17.01
N LYS A 274 -35.78 4.51 17.60
CA LYS A 274 -34.45 4.93 18.01
C LYS A 274 -34.39 5.15 19.51
N ASN A 275 -35.47 4.80 20.20
CA ASN A 275 -35.55 4.94 21.65
C ASN A 275 -34.99 3.70 22.32
N GLU A 276 -33.70 3.73 22.63
CA GLU A 276 -33.01 2.57 23.18
C GLU A 276 -33.58 2.18 24.53
N SER A 277 -34.04 3.19 25.28
CA SER A 277 -34.55 2.96 26.62
C SER A 277 -35.89 2.22 26.59
N ALA A 278 -36.75 2.59 25.64
CA ALA A 278 -38.02 1.91 25.47
C ALA A 278 -37.81 0.43 25.16
N HIS A 279 -36.83 0.15 24.31
CA HIS A 279 -36.66 -1.19 23.76
C HIS A 279 -35.95 -2.10 24.76
N ILE A 280 -35.02 -1.53 25.52
CA ILE A 280 -34.46 -2.21 26.67
C ILE A 280 -35.58 -2.68 27.60
N SER A 281 -36.53 -1.79 27.86
CA SER A 281 -37.62 -2.08 28.78
C SER A 281 -38.50 -3.21 28.27
N ASP A 282 -38.83 -3.15 26.98
CA ASP A 282 -39.71 -4.14 26.37
C ASP A 282 -38.99 -5.48 26.22
N ALA A 283 -37.73 -5.43 25.85
CA ALA A 283 -36.96 -6.64 25.59
C ALA A 283 -36.75 -7.42 26.88
N VAL A 284 -36.48 -6.71 27.96
CA VAL A 284 -36.30 -7.33 29.27
C VAL A 284 -37.59 -8.00 29.73
N ALA A 285 -38.72 -7.32 29.53
CA ALA A 285 -40.02 -7.87 29.87
C ALA A 285 -40.28 -9.17 29.12
N VAL A 286 -39.99 -9.17 27.83
CA VAL A 286 -40.19 -10.34 27.00
C VAL A 286 -39.27 -11.48 27.44
N VAL A 287 -38.00 -11.15 27.65
CA VAL A 287 -37.00 -12.16 27.98
C VAL A 287 -37.28 -12.74 29.37
N ALA A 288 -37.65 -11.88 30.31
CA ALA A 288 -38.01 -12.32 31.64
C ALA A 288 -39.16 -13.32 31.58
N GLN A 289 -40.21 -12.96 30.85
CA GLN A 289 -41.36 -13.83 30.67
C GLN A 289 -40.94 -15.17 30.09
N ALA A 290 -40.06 -15.13 29.09
CA ALA A 290 -39.64 -16.34 28.39
C ALA A 290 -38.79 -17.22 29.29
N ILE A 291 -37.96 -16.61 30.12
CA ILE A 291 -37.12 -17.36 31.05
C ILE A 291 -37.97 -18.16 32.01
N HIS A 292 -38.99 -17.52 32.58
CA HIS A 292 -39.85 -18.18 33.56
C HIS A 292 -40.68 -19.27 32.88
N GLU A 293 -41.05 -19.06 31.63
CA GLU A 293 -41.74 -20.08 30.85
C GLU A 293 -40.80 -21.26 30.57
N LEU A 294 -39.56 -20.96 30.24
CA LEU A 294 -38.56 -21.99 29.98
C LEU A 294 -38.43 -22.96 31.15
N PHE A 295 -38.43 -22.41 32.36
CA PHE A 295 -38.12 -23.21 33.55
C PHE A 295 -39.35 -23.91 34.09
N GLU A 296 -40.46 -23.81 33.37
CA GLU A 296 -41.61 -24.68 33.58
C GLU A 296 -41.35 -26.06 32.97
N MET A 297 -40.47 -26.10 31.98
CA MET A 297 -40.16 -27.34 31.29
C MET A 297 -39.02 -28.07 31.99
N GLU A 298 -38.80 -29.32 31.58
CA GLU A 298 -37.85 -30.18 32.28
C GLU A 298 -36.50 -30.19 31.55
N ASN A 299 -35.44 -30.42 32.30
CA ASN A 299 -34.14 -30.71 31.72
C ASN A 299 -33.55 -29.46 31.08
N ILE A 300 -33.72 -28.33 31.74
CA ILE A 300 -33.05 -27.09 31.35
C ILE A 300 -31.60 -27.10 31.82
N THR A 301 -30.69 -27.01 30.86
CA THR A 301 -29.26 -26.94 31.18
C THR A 301 -28.76 -25.51 31.20
N ASP A 302 -27.68 -25.27 31.93
CA ASP A 302 -27.05 -23.96 31.96
C ASP A 302 -26.21 -23.74 30.72
N PRO A 303 -26.10 -22.47 30.28
CA PRO A 303 -25.16 -22.12 29.22
C PRO A 303 -23.73 -22.35 29.66
N PRO A 304 -22.80 -22.46 28.69
CA PRO A 304 -21.39 -22.59 29.02
C PRO A 304 -20.90 -21.41 29.85
N ARG A 305 -20.07 -21.69 30.86
CA ARG A 305 -19.44 -20.64 31.64
C ARG A 305 -18.11 -20.25 31.01
N GLY A 306 -18.12 -19.14 30.27
CA GLY A 306 -16.92 -18.68 29.58
C GLY A 306 -16.72 -19.36 28.24
N CYS A 307 -15.88 -18.76 27.40
CA CYS A 307 -15.66 -19.27 26.06
C CYS A 307 -14.53 -20.29 26.04
N VAL A 308 -13.49 -20.03 26.81
CA VAL A 308 -12.26 -20.82 26.74
C VAL A 308 -12.54 -22.29 27.06
N GLY A 309 -12.18 -23.18 26.14
CA GLY A 309 -12.31 -24.61 26.37
C GLY A 309 -13.65 -25.16 25.92
N ASN A 310 -14.57 -24.27 25.56
CA ASN A 310 -15.95 -24.66 25.32
C ASN A 310 -16.34 -24.49 23.85
N THR A 311 -16.60 -25.61 23.19
CA THR A 311 -16.85 -25.62 21.76
C THR A 311 -18.17 -26.29 21.42
N ASN A 312 -18.82 -26.84 22.44
CA ASN A 312 -20.17 -27.39 22.27
C ASN A 312 -21.20 -26.29 22.39
N ILE A 313 -22.32 -26.45 21.67
CA ILE A 313 -23.44 -25.54 21.84
C ILE A 313 -24.11 -25.74 23.18
N TRP A 314 -24.73 -24.67 23.68
CA TRP A 314 -25.71 -24.76 24.75
C TRP A 314 -26.89 -25.63 24.33
N LYS A 315 -27.07 -26.76 25.00
CA LYS A 315 -28.02 -27.77 24.56
C LYS A 315 -29.45 -27.22 24.58
N THR A 316 -29.70 -26.30 25.50
CA THR A 316 -31.05 -25.77 25.70
C THR A 316 -31.27 -24.51 24.89
N GLY A 317 -30.23 -24.05 24.21
CA GLY A 317 -30.29 -22.80 23.46
C GLY A 317 -31.43 -22.78 22.45
N PRO A 318 -31.51 -23.81 21.61
CA PRO A 318 -32.55 -23.93 20.59
C PRO A 318 -33.97 -23.99 21.16
N LEU A 319 -34.13 -24.59 22.34
CA LEU A 319 -35.41 -24.60 23.01
C LEU A 319 -35.80 -23.19 23.46
N PHE A 320 -34.86 -22.51 24.10
CA PHE A 320 -35.09 -21.15 24.57
C PHE A 320 -35.43 -20.23 23.40
N LYS A 321 -34.83 -20.48 22.25
CA LYS A 321 -35.11 -19.68 21.06
C LYS A 321 -36.57 -19.85 20.64
N ARG A 322 -37.05 -21.09 20.65
CA ARG A 322 -38.45 -21.36 20.30
C ARG A 322 -39.40 -20.64 21.25
N VAL A 323 -39.06 -20.65 22.54
CA VAL A 323 -39.89 -20.00 23.55
C VAL A 323 -39.94 -18.49 23.32
N LEU A 324 -38.78 -17.89 23.07
CA LEU A 324 -38.70 -16.47 22.75
C LEU A 324 -39.51 -16.15 21.50
N MET A 325 -39.34 -16.96 20.46
CA MET A 325 -39.93 -16.69 19.16
C MET A 325 -41.45 -16.58 19.27
N SER A 326 -42.03 -17.34 20.19
CA SER A 326 -43.48 -17.45 20.30
C SER A 326 -43.99 -16.69 21.51
N SER A 327 -43.13 -15.83 22.07
CA SER A 327 -43.53 -14.96 23.17
C SER A 327 -44.44 -13.85 22.68
N LYS A 328 -45.47 -13.55 23.48
CA LYS A 328 -46.32 -12.39 23.23
C LYS A 328 -46.31 -11.46 24.44
N TYR A 329 -45.98 -10.19 24.21
CA TYR A 329 -46.11 -9.17 25.23
C TYR A 329 -46.95 -8.00 24.71
N PRO A 330 -48.24 -7.98 25.07
CA PRO A 330 -49.22 -7.10 24.44
C PRO A 330 -49.10 -5.66 24.91
N ASP A 331 -48.64 -5.47 26.13
CA ASP A 331 -48.69 -4.16 26.78
C ASP A 331 -47.29 -3.55 26.85
N GLY A 332 -46.58 -3.57 25.73
CA GLY A 332 -45.23 -3.06 25.67
C GLY A 332 -45.20 -1.56 25.42
N VAL A 333 -44.14 -0.91 25.89
CA VAL A 333 -43.96 0.51 25.66
C VAL A 333 -43.98 0.83 24.16
N THR A 334 -43.50 -0.10 23.36
CA THR A 334 -43.43 0.09 21.92
C THR A 334 -44.62 -0.57 21.22
N GLY A 335 -45.60 -0.98 22.01
CA GLY A 335 -46.81 -1.60 21.47
C GLY A 335 -46.84 -3.10 21.69
N ARG A 336 -47.50 -3.80 20.77
CA ARG A 336 -47.69 -5.24 20.89
C ARG A 336 -46.47 -5.99 20.39
N ILE A 337 -45.80 -6.70 21.30
CA ILE A 337 -44.59 -7.44 20.94
C ILE A 337 -44.90 -8.87 20.54
N GLU A 338 -44.72 -9.17 19.26
CA GLU A 338 -44.58 -10.55 18.82
C GLU A 338 -43.48 -10.65 17.77
N PHE A 339 -43.12 -11.88 17.40
CA PHE A 339 -42.06 -12.11 16.43
C PHE A 339 -42.54 -13.05 15.34
N ASN A 340 -42.03 -12.85 14.13
CA ASN A 340 -42.41 -13.70 12.99
C ASN A 340 -41.40 -14.82 12.79
N GLU A 341 -41.52 -15.53 11.67
CA GLU A 341 -40.74 -16.74 11.43
C GLU A 341 -39.25 -16.44 11.45
N ASP A 342 -38.89 -15.21 11.12
CA ASP A 342 -37.49 -14.79 11.04
C ASP A 342 -37.05 -14.14 12.34
N GLY A 343 -37.92 -14.16 13.33
CA GLY A 343 -37.61 -13.57 14.64
C GLY A 343 -37.67 -12.06 14.60
N ASP A 344 -38.32 -11.53 13.58
CA ASP A 344 -38.44 -10.09 13.43
C ASP A 344 -39.72 -9.58 14.07
N ARG A 345 -39.70 -8.31 14.47
CA ARG A 345 -40.79 -7.71 15.21
C ARG A 345 -42.04 -7.57 14.35
N LYS A 346 -43.17 -7.99 14.90
CA LYS A 346 -44.47 -7.78 14.27
C LYS A 346 -45.26 -6.71 15.00
N PHE A 347 -46.21 -6.12 14.30
CA PHE A 347 -47.12 -5.14 14.89
C PHE A 347 -46.36 -3.88 15.29
N ALA A 348 -45.34 -3.55 14.51
CA ALA A 348 -44.61 -2.30 14.67
C ALA A 348 -45.45 -1.13 14.16
N GLN A 349 -45.22 0.05 14.73
CA GLN A 349 -46.03 1.22 14.42
C GLN A 349 -45.19 2.29 13.74
N TYR A 350 -45.72 2.83 12.64
CA TYR A 350 -45.00 3.83 11.86
C TYR A 350 -45.76 5.15 11.85
N SER A 351 -45.02 6.25 11.94
CA SER A 351 -45.54 7.54 11.51
C SER A 351 -45.52 7.66 9.99
N ILE A 352 -46.66 8.04 9.42
CA ILE A 352 -46.72 8.33 8.01
C ILE A 352 -46.46 9.81 7.75
N MET A 353 -45.36 10.11 7.06
CA MET A 353 -44.84 11.47 6.98
C MET A 353 -44.97 12.02 5.57
N ASN A 354 -45.30 13.30 5.48
CA ASN A 354 -45.55 13.94 4.19
C ASN A 354 -44.78 15.26 4.15
N LEU A 355 -43.97 15.44 3.12
CA LEU A 355 -43.17 16.65 3.01
C LEU A 355 -44.01 17.80 2.45
N GLN A 356 -44.32 18.76 3.32
CA GLN A 356 -45.18 19.89 2.95
C GLN A 356 -44.45 21.20 3.18
N ASN A 357 -44.32 22.00 2.12
CA ASN A 357 -43.46 23.16 2.15
C ASN A 357 -42.17 22.86 2.92
N ARG A 358 -41.63 21.67 2.69
CA ARG A 358 -40.26 21.35 3.09
C ARG A 358 -40.17 21.03 4.57
N LYS A 359 -41.31 20.97 5.24
CA LYS A 359 -41.39 20.36 6.57
C LYS A 359 -41.96 18.94 6.48
N LEU A 360 -41.35 18.02 7.21
CA LEU A 360 -41.94 16.71 7.44
C LEU A 360 -43.11 16.82 8.39
N VAL A 361 -44.30 16.46 7.91
CA VAL A 361 -45.52 16.58 8.69
C VAL A 361 -46.21 15.22 8.78
N GLN A 362 -46.62 14.85 10.00
CA GLN A 362 -47.29 13.58 10.20
C GLN A 362 -48.74 13.65 9.74
N VAL A 363 -49.10 12.79 8.79
CA VAL A 363 -50.45 12.78 8.23
C VAL A 363 -51.22 11.54 8.68
N GLY A 364 -50.58 10.72 9.49
CA GLY A 364 -51.23 9.50 10.00
C GLY A 364 -50.25 8.56 10.65
N ILE A 365 -50.76 7.42 11.14
CA ILE A 365 -49.91 6.35 11.63
C ILE A 365 -50.39 4.99 11.13
N PHE A 366 -49.46 4.07 10.99
CA PHE A 366 -49.78 2.65 10.89
C PHE A 366 -49.64 2.00 12.26
N ASN A 367 -50.76 1.55 12.82
CA ASN A 367 -50.86 1.28 14.25
C ASN A 367 -50.47 -0.17 14.55
N GLY A 368 -49.94 -0.86 13.55
CA GLY A 368 -49.59 -2.26 13.69
C GLY A 368 -50.33 -3.14 12.69
N SER A 369 -51.54 -2.74 12.33
CA SER A 369 -52.35 -3.52 11.40
C SER A 369 -53.27 -2.63 10.57
N TYR A 370 -53.40 -1.36 10.99
CA TYR A 370 -54.42 -0.48 10.44
C TYR A 370 -53.84 0.92 10.19
N ILE A 371 -54.16 1.49 9.03
CA ILE A 371 -53.83 2.89 8.75
C ILE A 371 -54.83 3.83 9.40
N ILE A 372 -54.33 4.76 10.20
CA ILE A 372 -55.15 5.79 10.81
C ILE A 372 -54.71 7.17 10.33
N GLN A 373 -55.53 7.79 9.50
CA GLN A 373 -55.26 9.15 9.02
C GLN A 373 -55.66 10.18 10.06
N ASN A 374 -54.78 11.13 10.32
CA ASN A 374 -55.07 12.23 11.24
C ASN A 374 -55.62 13.44 10.48
N ASP A 375 -55.87 14.52 11.21
CA ASP A 375 -56.68 15.63 10.69
C ASP A 375 -55.84 16.55 9.80
N ARG A 376 -54.53 16.32 9.76
CA ARG A 376 -53.65 17.04 8.84
C ARG A 376 -53.78 16.48 7.42
N LYS A 377 -54.13 17.35 6.48
CA LYS A 377 -54.38 16.93 5.10
C LYS A 377 -53.08 16.65 4.38
N ILE A 378 -53.04 15.52 3.67
CA ILE A 378 -51.94 15.22 2.77
C ILE A 378 -51.87 16.23 1.63
N ILE A 379 -50.66 16.67 1.30
CA ILE A 379 -50.42 17.41 0.07
C ILE A 379 -49.48 16.65 -0.86
N TRP A 380 -49.96 16.35 -2.05
CA TRP A 380 -49.22 15.52 -3.00
C TRP A 380 -48.28 16.37 -3.84
N PRO A 381 -47.34 15.71 -4.54
CA PRO A 381 -46.44 16.40 -5.46
C PRO A 381 -47.20 17.22 -6.49
N GLY A 382 -46.88 18.51 -6.58
CA GLY A 382 -47.80 19.49 -7.14
C GLY A 382 -48.60 20.21 -6.08
N GLY A 383 -49.81 19.73 -5.82
CA GLY A 383 -50.80 20.48 -5.06
C GLY A 383 -50.18 21.23 -3.89
N PRO B 1 18.27 -11.77 1.23
CA PRO B 1 16.86 -11.43 1.03
C PRO B 1 16.08 -11.36 2.34
N PRO B 2 15.15 -10.41 2.44
CA PRO B 2 14.47 -10.09 3.69
C PRO B 2 13.50 -11.19 4.12
N SER B 3 13.24 -11.27 5.42
CA SER B 3 12.43 -12.36 5.97
C SER B 3 11.02 -11.88 6.28
N ILE B 4 10.03 -12.68 5.89
CA ILE B 4 8.66 -12.46 6.33
C ILE B 4 8.25 -13.52 7.34
N GLY B 5 7.48 -13.10 8.35
CA GLY B 5 7.06 -14.00 9.42
C GLY B 5 5.81 -14.77 9.03
N ILE B 6 5.90 -16.09 9.13
CA ILE B 6 4.73 -16.94 8.95
C ILE B 6 4.52 -17.81 10.18
N ALA B 7 3.39 -17.60 10.86
CA ALA B 7 2.96 -18.51 11.90
C ALA B 7 2.28 -19.74 11.30
N VAL B 8 2.74 -20.92 11.68
CA VAL B 8 1.99 -22.15 11.49
C VAL B 8 1.37 -22.60 12.81
N ILE B 9 0.05 -22.64 12.86
CA ILE B 9 -0.67 -22.97 14.09
C ILE B 9 -1.24 -24.38 14.02
N LEU B 10 -0.84 -25.23 14.96
CA LEU B 10 -1.25 -26.62 14.95
C LEU B 10 -2.08 -26.95 16.18
N VAL B 11 -3.34 -27.30 15.94
CA VAL B 11 -4.23 -27.73 17.01
C VAL B 11 -4.25 -29.25 17.08
N GLY B 12 -4.01 -29.79 18.28
CA GLY B 12 -4.07 -31.22 18.49
C GLY B 12 -2.80 -31.92 18.07
N THR B 13 -2.64 -33.17 18.49
CA THR B 13 -1.37 -33.86 18.36
C THR B 13 -0.86 -33.81 16.93
N SER B 14 0.45 -33.64 16.78
CA SER B 14 1.03 -33.36 15.47
C SER B 14 2.49 -33.81 15.44
N ASP B 15 2.90 -34.43 14.34
CA ASP B 15 4.30 -34.62 14.04
C ASP B 15 4.95 -33.29 13.65
N GLU B 16 5.14 -32.42 14.63
CA GLU B 16 5.92 -31.21 14.44
C GLU B 16 7.20 -31.51 13.67
N VAL B 17 7.76 -32.69 13.91
CA VAL B 17 9.09 -33.01 13.43
C VAL B 17 9.06 -33.36 11.95
N ALA B 18 8.12 -34.21 11.55
CA ALA B 18 7.89 -34.50 10.14
C ALA B 18 7.52 -33.24 9.39
N ILE B 19 6.92 -32.29 10.10
CA ILE B 19 6.42 -31.07 9.48
C ILE B 19 7.57 -30.12 9.16
N LYS B 20 8.38 -29.81 10.18
CA LYS B 20 9.60 -29.05 9.98
C LYS B 20 10.43 -29.65 8.86
N ASP B 21 10.45 -30.97 8.78
CA ASP B 21 11.42 -31.67 7.94
C ASP B 21 10.97 -31.65 6.48
N ALA B 22 9.67 -31.49 6.25
CA ALA B 22 9.13 -31.40 4.90
C ALA B 22 9.34 -30.00 4.34
N HIS B 23 9.66 -29.06 5.22
CA HIS B 23 9.82 -27.67 4.84
C HIS B 23 11.30 -27.36 4.63
N GLU B 24 12.11 -28.42 4.56
CA GLU B 24 13.54 -28.29 4.34
C GLU B 24 13.85 -27.92 2.88
N LYS B 25 12.81 -27.95 2.05
CA LYS B 25 12.77 -27.12 0.84
C LYS B 25 12.77 -25.63 1.22
N ASP B 26 13.28 -25.34 2.40
CA ASP B 26 13.48 -23.95 2.83
C ASP B 26 14.69 -23.34 2.15
N ASP B 27 15.77 -24.11 2.02
CA ASP B 27 16.69 -23.97 0.90
C ASP B 27 15.92 -24.05 -0.41
N PHE B 28 14.62 -23.77 -0.33
CA PHE B 28 13.69 -24.13 -1.39
C PHE B 28 13.10 -22.88 -2.03
N HIS B 29 13.36 -21.74 -1.43
CA HIS B 29 12.92 -20.46 -1.97
C HIS B 29 14.06 -19.76 -2.70
N HIS B 30 13.95 -19.68 -4.03
CA HIS B 30 14.71 -18.71 -4.80
C HIS B 30 13.82 -17.52 -5.18
N LEU B 31 13.30 -16.84 -4.17
CA LEU B 31 12.35 -15.75 -4.38
C LEU B 31 12.92 -14.44 -3.86
N SER B 32 12.18 -13.36 -4.05
CA SER B 32 12.59 -12.04 -3.56
C SER B 32 12.54 -11.98 -2.04
N VAL B 33 11.98 -13.01 -1.42
CA VAL B 33 11.73 -13.00 0.01
C VAL B 33 11.74 -14.42 0.57
N VAL B 34 12.15 -14.57 1.83
CA VAL B 34 12.25 -15.88 2.46
C VAL B 34 11.43 -15.95 3.74
N PRO B 35 10.80 -17.11 3.98
CA PRO B 35 9.92 -17.31 5.12
C PRO B 35 10.70 -17.44 6.42
N ARG B 36 10.10 -16.96 7.50
CA ARG B 36 10.61 -17.23 8.84
C ARG B 36 9.54 -17.93 9.66
N VAL B 37 9.57 -19.26 9.61
CA VAL B 37 8.44 -20.07 10.06
C VAL B 37 8.51 -20.27 11.57
N GLU B 38 7.38 -20.09 12.24
CA GLU B 38 7.28 -20.38 13.66
C GLU B 38 6.08 -21.29 13.93
N LEU B 39 6.36 -22.54 14.29
CA LEU B 39 5.32 -23.44 14.78
C LEU B 39 4.79 -22.95 16.12
N VAL B 40 3.48 -22.75 16.19
CA VAL B 40 2.79 -22.57 17.47
C VAL B 40 1.79 -23.70 17.70
N ALA B 41 1.78 -24.24 18.91
CA ALA B 41 0.76 -25.22 19.30
C ALA B 41 -0.42 -24.51 19.98
N MET B 42 -1.61 -25.04 19.75
CA MET B 42 -2.81 -24.54 20.42
C MET B 42 -3.71 -25.70 20.86
N ASN B 43 -4.29 -25.59 22.05
CA ASN B 43 -5.02 -26.69 22.64
C ASN B 43 -6.54 -26.51 22.46
N GLU B 44 -6.96 -25.26 22.29
CA GLU B 44 -8.38 -24.93 22.36
C GLU B 44 -8.84 -24.26 21.06
N THR B 45 -10.12 -24.42 20.74
CA THR B 45 -10.64 -23.98 19.45
C THR B 45 -11.96 -23.21 19.59
N ASP B 46 -12.21 -22.70 20.79
CA ASP B 46 -13.25 -21.71 20.99
C ASP B 46 -12.82 -20.34 20.48
N PRO B 47 -13.80 -19.44 20.25
CA PRO B 47 -13.54 -18.13 19.65
C PRO B 47 -12.49 -17.33 20.40
N LYS B 48 -12.58 -17.29 21.73
CA LYS B 48 -11.64 -16.51 22.54
C LYS B 48 -10.21 -17.02 22.39
N SER B 49 -10.05 -18.33 22.53
CA SER B 49 -8.73 -18.94 22.49
C SER B 49 -8.07 -18.71 21.15
N ILE B 50 -8.84 -18.83 20.08
CA ILE B 50 -8.32 -18.70 18.72
C ILE B 50 -7.95 -17.24 18.43
N ILE B 51 -8.83 -16.32 18.85
CA ILE B 51 -8.61 -14.91 18.62
C ILE B 51 -7.40 -14.41 19.41
N THR B 52 -7.38 -14.69 20.71
CA THR B 52 -6.32 -14.19 21.58
C THR B 52 -4.97 -14.76 21.16
N ARG B 53 -4.97 -15.99 20.68
CA ARG B 53 -3.72 -16.67 20.31
C ARG B 53 -3.10 -15.99 19.10
N ILE B 54 -3.91 -15.73 18.08
CA ILE B 54 -3.43 -15.14 16.85
C ILE B 54 -3.07 -13.66 17.06
N CYS B 55 -3.83 -13.00 17.93
CA CYS B 55 -3.57 -11.59 18.23
C CYS B 55 -2.29 -11.42 19.03
N ASP B 56 -2.04 -12.36 19.94
CA ASP B 56 -0.81 -12.36 20.70
C ASP B 56 0.39 -12.61 19.79
N LEU B 57 0.26 -13.56 18.88
CA LEU B 57 1.28 -13.79 17.86
C LEU B 57 1.56 -12.50 17.11
N MET B 58 0.51 -11.80 16.70
CA MET B 58 0.62 -10.67 15.79
C MET B 58 1.30 -9.49 16.49
N SER B 59 1.25 -9.50 17.83
CA SER B 59 1.80 -8.39 18.61
C SER B 59 3.15 -8.75 19.21
N ASP B 60 3.44 -10.04 19.31
CA ASP B 60 4.76 -10.52 19.69
C ASP B 60 5.46 -11.15 18.50
N ARG B 61 5.64 -10.38 17.44
CA ARG B 61 6.24 -10.88 16.20
C ARG B 61 5.51 -10.33 14.99
N LYS B 62 6.22 -10.22 13.87
CA LYS B 62 5.66 -9.61 12.67
C LYS B 62 5.17 -10.68 11.70
N ILE B 63 3.87 -10.92 11.72
CA ILE B 63 3.28 -12.03 10.96
C ILE B 63 2.70 -11.54 9.64
N GLN B 64 3.26 -12.01 8.54
CA GLN B 64 2.76 -11.67 7.21
C GLN B 64 1.57 -12.55 6.83
N GLY B 65 1.42 -13.68 7.52
CA GLY B 65 0.36 -14.62 7.20
C GLY B 65 0.34 -15.82 8.14
N VAL B 66 -0.82 -16.49 8.20
CA VAL B 66 -1.00 -17.61 9.11
C VAL B 66 -1.36 -18.88 8.34
N VAL B 67 -0.70 -19.98 8.68
CA VAL B 67 -1.12 -21.30 8.22
C VAL B 67 -1.68 -22.11 9.37
N PHE B 68 -2.92 -22.56 9.22
CA PHE B 68 -3.69 -23.09 10.35
C PHE B 68 -4.14 -24.52 10.06
N ALA B 69 -3.81 -25.44 10.95
CA ALA B 69 -4.32 -26.80 10.87
C ALA B 69 -4.87 -27.25 12.22
N ASP B 70 -5.99 -27.97 12.20
CA ASP B 70 -6.53 -28.55 13.42
C ASP B 70 -7.02 -29.99 13.20
N ASP B 71 -7.26 -30.70 14.29
CA ASP B 71 -7.65 -32.10 14.24
C ASP B 71 -9.09 -32.29 14.70
N THR B 72 -9.91 -31.27 14.52
CA THR B 72 -11.29 -31.32 15.00
C THR B 72 -12.27 -31.45 13.85
N ASP B 73 -13.54 -31.64 14.18
CA ASP B 73 -14.61 -31.65 13.18
C ASP B 73 -15.41 -30.36 13.25
N GLN B 74 -14.77 -29.28 13.68
CA GLN B 74 -15.48 -28.07 14.03
C GLN B 74 -15.42 -27.05 12.89
N GLU B 75 -16.50 -26.99 12.11
CA GLU B 75 -16.54 -26.14 10.93
C GLU B 75 -16.56 -24.66 11.32
N ALA B 76 -16.85 -24.38 12.58
CA ALA B 76 -16.93 -23.01 13.06
C ALA B 76 -15.55 -22.37 13.12
N ILE B 77 -14.52 -23.20 13.18
CA ILE B 77 -13.15 -22.70 13.16
C ILE B 77 -12.87 -21.91 11.89
N ALA B 78 -13.45 -22.36 10.78
CA ALA B 78 -13.32 -21.66 9.51
C ALA B 78 -13.93 -20.26 9.60
N GLN B 79 -15.08 -20.17 10.26
CA GLN B 79 -15.80 -18.90 10.38
C GLN B 79 -15.02 -17.91 11.23
N ILE B 80 -14.50 -18.41 12.35
CA ILE B 80 -13.71 -17.58 13.25
C ILE B 80 -12.50 -17.03 12.52
N LEU B 81 -11.89 -17.88 11.69
CA LEU B 81 -10.64 -17.53 11.00
C LEU B 81 -10.90 -16.50 9.90
N ASP B 82 -12.01 -16.67 9.17
CA ASP B 82 -12.43 -15.68 8.19
C ASP B 82 -12.64 -14.32 8.85
N PHE B 83 -13.39 -14.32 9.95
CA PHE B 83 -13.62 -13.12 10.73
C PHE B 83 -12.31 -12.44 11.11
N ILE B 84 -11.40 -13.21 11.69
CA ILE B 84 -10.10 -12.68 12.09
C ILE B 84 -9.35 -12.15 10.89
N SER B 85 -9.37 -12.91 9.80
CA SER B 85 -8.66 -12.55 8.58
C SER B 85 -9.17 -11.20 8.04
N ALA B 86 -10.47 -11.01 8.07
CA ALA B 86 -11.09 -9.82 7.48
C ALA B 86 -10.83 -8.60 8.36
N GLN B 87 -10.89 -8.80 9.67
CA GLN B 87 -10.76 -7.70 10.62
C GLN B 87 -9.33 -7.18 10.66
N THR B 88 -8.37 -8.08 10.52
CA THR B 88 -6.96 -7.72 10.66
C THR B 88 -6.29 -7.62 9.29
N LEU B 89 -7.04 -7.98 8.25
CA LEU B 89 -6.50 -8.06 6.90
C LEU B 89 -5.18 -8.83 6.91
N THR B 90 -5.23 -10.04 7.47
CA THR B 90 -4.09 -10.95 7.46
C THR B 90 -4.47 -12.23 6.71
N PRO B 91 -3.62 -12.63 5.74
CA PRO B 91 -3.82 -13.92 5.08
C PRO B 91 -3.86 -15.07 6.07
N ILE B 92 -4.89 -15.89 5.98
CA ILE B 92 -4.96 -17.13 6.74
C ILE B 92 -5.33 -18.29 5.82
N LEU B 93 -4.55 -19.36 5.88
CA LEU B 93 -4.87 -20.59 5.17
C LEU B 93 -5.32 -21.66 6.15
N GLY B 94 -6.56 -22.13 5.98
CA GLY B 94 -7.04 -23.29 6.73
C GLY B 94 -6.84 -24.57 5.94
N ILE B 95 -5.86 -25.37 6.35
CA ILE B 95 -5.31 -26.40 5.47
C ILE B 95 -5.79 -27.80 5.88
N HIS B 96 -6.39 -27.91 7.05
CA HIS B 96 -6.73 -29.22 7.62
C HIS B 96 -7.74 -29.08 8.75
N GLY B 97 -8.73 -29.96 8.76
CA GLY B 97 -9.66 -30.07 9.89
C GLY B 97 -10.80 -29.09 9.77
N GLY B 98 -11.29 -28.62 10.91
CA GLY B 98 -12.38 -27.64 10.95
C GLY B 98 -12.06 -26.40 10.12
N SER B 99 -10.79 -26.02 10.11
CA SER B 99 -10.36 -24.80 9.43
C SER B 99 -10.57 -24.91 7.92
N SER B 100 -10.63 -26.13 7.41
CA SER B 100 -10.69 -26.36 5.98
C SER B 100 -12.11 -26.73 5.54
N MET B 101 -13.03 -26.77 6.49
CA MET B 101 -14.42 -27.08 6.19
C MET B 101 -15.13 -25.89 5.56
N ILE B 102 -15.90 -26.15 4.51
CA ILE B 102 -16.35 -25.09 3.62
C ILE B 102 -16.90 -23.90 4.40
N MET B 103 -16.40 -22.72 4.08
CA MET B 103 -16.95 -21.47 4.58
C MET B 103 -17.57 -20.70 3.41
N ALA B 104 -18.89 -20.78 3.29
CA ALA B 104 -19.58 -20.07 2.21
C ALA B 104 -19.78 -18.61 2.58
N ASP B 105 -19.69 -17.74 1.60
CA ASP B 105 -19.85 -16.31 1.84
C ASP B 105 -18.82 -15.82 2.86
N LYS B 106 -17.55 -15.94 2.48
CA LYS B 106 -16.48 -15.23 3.18
C LYS B 106 -16.65 -13.73 3.06
N ASP B 107 -16.12 -13.01 4.03
CA ASP B 107 -16.22 -11.56 4.06
C ASP B 107 -15.61 -10.93 2.81
N GLU B 108 -16.16 -9.80 2.39
CA GLU B 108 -15.66 -9.10 1.22
C GLU B 108 -14.17 -8.84 1.31
N SER B 109 -13.68 -8.55 2.51
CA SER B 109 -12.28 -8.18 2.69
C SER B 109 -11.50 -9.27 3.42
N SER B 110 -12.07 -10.47 3.46
CA SER B 110 -11.35 -11.64 3.95
C SER B 110 -10.12 -11.92 3.10
N MET B 111 -9.06 -12.39 3.75
CA MET B 111 -7.95 -13.02 3.05
C MET B 111 -7.78 -14.46 3.53
N PHE B 112 -8.91 -15.14 3.66
CA PHE B 112 -8.94 -16.49 4.22
C PHE B 112 -9.15 -17.51 3.10
N PHE B 113 -8.24 -18.48 3.03
CA PHE B 113 -8.28 -19.47 1.96
C PHE B 113 -8.18 -20.89 2.52
N GLN B 114 -8.93 -21.81 1.92
CA GLN B 114 -9.08 -23.15 2.48
C GLN B 114 -8.62 -24.20 1.48
N PHE B 115 -7.80 -25.13 1.93
CA PHE B 115 -7.63 -26.40 1.25
C PHE B 115 -8.92 -27.20 1.30
N GLY B 116 -9.30 -27.79 0.17
CA GLY B 116 -10.56 -28.51 0.06
C GLY B 116 -11.43 -27.98 -1.06
N PRO B 117 -12.45 -28.76 -1.44
CA PRO B 117 -13.29 -28.43 -2.59
C PRO B 117 -14.38 -27.42 -2.23
N SER B 118 -14.75 -26.59 -3.20
CA SER B 118 -15.92 -25.74 -3.07
C SER B 118 -17.18 -26.57 -2.86
N ILE B 119 -18.26 -25.90 -2.48
CA ILE B 119 -19.55 -26.55 -2.32
C ILE B 119 -20.04 -27.06 -3.67
N GLU B 120 -19.84 -26.24 -4.70
CA GLU B 120 -20.45 -26.49 -6.00
C GLU B 120 -19.73 -27.63 -6.72
N GLN B 121 -18.43 -27.74 -6.46
CA GLN B 121 -17.64 -28.83 -7.03
C GLN B 121 -18.07 -30.17 -6.45
N GLN B 122 -18.27 -30.21 -5.14
CA GLN B 122 -18.76 -31.39 -4.46
C GLN B 122 -20.14 -31.78 -4.98
N ALA B 123 -21.01 -30.79 -5.12
CA ALA B 123 -22.35 -31.02 -5.63
C ALA B 123 -22.30 -31.72 -6.98
N SER B 124 -21.35 -31.30 -7.81
CA SER B 124 -21.25 -31.82 -9.16
C SER B 124 -20.59 -33.20 -9.18
N VAL B 125 -19.66 -33.42 -8.25
CA VAL B 125 -19.10 -34.75 -8.05
C VAL B 125 -20.20 -35.73 -7.68
N MET B 126 -21.12 -35.29 -6.84
CA MET B 126 -22.22 -36.15 -6.39
C MET B 126 -23.08 -36.60 -7.56
N LEU B 127 -23.36 -35.68 -8.47
CA LEU B 127 -24.20 -35.97 -9.62
C LEU B 127 -23.48 -36.90 -10.60
N ASN B 128 -22.15 -36.80 -10.64
CA ASN B 128 -21.34 -37.68 -11.47
C ASN B 128 -21.39 -39.11 -10.94
N ILE B 129 -21.28 -39.25 -9.63
CA ILE B 129 -21.46 -40.55 -8.99
C ILE B 129 -22.83 -41.13 -9.36
N MET B 130 -23.86 -40.31 -9.23
CA MET B 130 -25.23 -40.76 -9.48
C MET B 130 -25.41 -41.16 -10.94
N GLU B 131 -24.79 -40.40 -11.83
CA GLU B 131 -24.88 -40.67 -13.26
C GLU B 131 -24.19 -41.97 -13.63
N GLU B 132 -23.06 -42.23 -12.98
CA GLU B 132 -22.32 -43.48 -13.18
C GLU B 132 -23.24 -44.67 -12.97
N TYR B 133 -24.01 -44.64 -11.89
CA TYR B 133 -24.79 -45.80 -11.47
C TYR B 133 -26.26 -45.62 -11.82
N ASP B 134 -26.55 -44.65 -12.69
CA ASP B 134 -27.90 -44.39 -13.16
C ASP B 134 -28.86 -44.23 -12.00
N TRP B 135 -28.43 -43.51 -10.96
CA TRP B 135 -29.33 -43.06 -9.91
C TRP B 135 -29.87 -41.67 -10.23
N TYR B 136 -30.97 -41.62 -10.98
CA TYR B 136 -31.42 -40.38 -11.58
C TYR B 136 -32.52 -39.75 -10.75
N ILE B 137 -33.06 -40.51 -9.80
CA ILE B 137 -34.18 -40.07 -8.99
C ILE B 137 -33.77 -39.88 -7.54
N PHE B 138 -33.92 -38.67 -7.03
CA PHE B 138 -33.31 -38.30 -5.76
C PHE B 138 -34.01 -37.11 -5.11
N SER B 139 -33.76 -36.93 -3.82
CA SER B 139 -34.21 -35.75 -3.09
C SER B 139 -33.04 -35.07 -2.41
N ILE B 140 -33.27 -33.86 -1.90
CA ILE B 140 -32.25 -33.12 -1.17
C ILE B 140 -32.72 -32.76 0.22
N VAL B 141 -31.86 -32.97 1.21
CA VAL B 141 -32.06 -32.43 2.55
C VAL B 141 -30.89 -31.53 2.92
N THR B 142 -31.20 -30.32 3.38
CA THR B 142 -30.20 -29.44 3.96
C THR B 142 -30.69 -28.79 5.24
N THR B 143 -29.76 -28.27 6.03
CA THR B 143 -30.08 -27.29 7.05
C THR B 143 -29.90 -25.87 6.54
N TYR B 144 -29.89 -24.91 7.45
CA TYR B 144 -29.65 -23.52 7.11
C TYR B 144 -28.16 -23.20 7.14
N PHE B 145 -27.33 -24.21 7.35
CA PHE B 145 -25.89 -24.02 7.35
C PHE B 145 -25.43 -23.37 6.05
N PRO B 146 -24.63 -22.29 6.16
CA PRO B 146 -24.23 -21.50 5.01
C PRO B 146 -23.67 -22.37 3.89
N GLY B 147 -24.09 -22.10 2.67
CA GLY B 147 -23.72 -22.92 1.53
C GLY B 147 -24.91 -23.67 0.95
N TYR B 148 -25.92 -23.90 1.79
CA TYR B 148 -27.00 -24.80 1.44
C TYR B 148 -27.75 -24.31 0.20
N GLN B 149 -27.82 -23.00 0.04
CA GLN B 149 -28.41 -22.40 -1.15
C GLN B 149 -27.54 -22.67 -2.38
N ASP B 150 -26.23 -22.46 -2.23
CA ASP B 150 -25.30 -22.70 -3.32
C ASP B 150 -25.33 -24.17 -3.73
N PHE B 151 -25.45 -25.04 -2.73
CA PHE B 151 -25.60 -26.47 -2.98
C PHE B 151 -26.84 -26.75 -3.82
N VAL B 152 -28.01 -26.35 -3.32
CA VAL B 152 -29.27 -26.65 -3.98
C VAL B 152 -29.32 -26.05 -5.38
N ASN B 153 -28.82 -24.81 -5.50
CA ASN B 153 -28.85 -24.11 -6.78
C ASN B 153 -27.95 -24.79 -7.80
N LYS B 154 -26.81 -25.30 -7.35
CA LYS B 154 -25.86 -25.96 -8.22
C LYS B 154 -26.45 -27.24 -8.80
N ILE B 155 -27.03 -28.07 -7.93
CA ILE B 155 -27.78 -29.23 -8.36
C ILE B 155 -28.82 -28.83 -9.39
N ARG B 156 -29.69 -27.88 -9.03
CA ARG B 156 -30.82 -27.51 -9.87
C ARG B 156 -30.33 -26.98 -11.21
N SER B 157 -29.29 -26.16 -11.18
CA SER B 157 -28.74 -25.58 -12.40
C SER B 157 -28.19 -26.67 -13.32
N THR B 158 -27.55 -27.67 -12.74
CA THR B 158 -26.92 -28.74 -13.51
C THR B 158 -27.98 -29.59 -14.21
N ILE B 159 -29.03 -29.97 -13.48
CA ILE B 159 -29.97 -30.97 -13.95
C ILE B 159 -31.01 -30.36 -14.88
N GLU B 160 -31.29 -29.07 -14.71
CA GLU B 160 -32.21 -28.36 -15.58
C GLU B 160 -31.55 -28.04 -16.93
N ASN B 161 -30.22 -28.14 -16.97
CA ASN B 161 -29.47 -27.78 -18.16
C ASN B 161 -28.95 -29.03 -18.89
N SER B 162 -29.55 -30.18 -18.60
CA SER B 162 -29.02 -31.45 -19.08
C SER B 162 -30.13 -32.38 -19.56
N PHE B 163 -29.82 -33.20 -20.56
CA PHE B 163 -30.84 -34.00 -21.24
C PHE B 163 -30.95 -35.38 -20.59
N VAL B 164 -30.14 -35.61 -19.57
CA VAL B 164 -30.31 -36.78 -18.71
C VAL B 164 -31.60 -36.67 -17.91
N GLY B 165 -32.19 -37.82 -17.57
CA GLY B 165 -33.56 -37.85 -17.05
C GLY B 165 -33.60 -37.68 -15.54
N TRP B 166 -32.97 -36.62 -15.04
CA TRP B 166 -32.99 -36.32 -13.62
C TRP B 166 -34.41 -36.08 -13.12
N GLU B 167 -34.73 -36.63 -11.95
CA GLU B 167 -35.97 -36.30 -11.27
C GLU B 167 -35.71 -35.90 -9.82
N LEU B 168 -35.72 -34.60 -9.56
CA LEU B 168 -35.55 -34.08 -8.22
C LEU B 168 -36.90 -33.98 -7.50
N GLU B 169 -37.16 -34.92 -6.60
CA GLU B 169 -38.52 -35.18 -6.13
C GLU B 169 -38.91 -34.23 -5.01
N GLU B 170 -37.98 -34.00 -4.09
CA GLU B 170 -38.28 -33.26 -2.88
C GLU B 170 -37.03 -32.55 -2.36
N VAL B 171 -37.20 -31.32 -1.90
CA VAL B 171 -36.11 -30.58 -1.28
C VAL B 171 -36.52 -30.11 0.12
N LEU B 172 -35.94 -30.72 1.14
CA LEU B 172 -36.28 -30.40 2.52
C LEU B 172 -35.31 -29.38 3.11
N LEU B 173 -35.85 -28.43 3.86
CA LEU B 173 -35.05 -27.47 4.58
C LEU B 173 -35.31 -27.59 6.08
N LEU B 174 -34.31 -28.07 6.82
CA LEU B 174 -34.48 -28.40 8.22
C LEU B 174 -33.95 -27.28 9.11
N ASP B 175 -34.79 -26.78 10.00
CA ASP B 175 -34.40 -25.71 10.92
C ASP B 175 -33.95 -26.30 12.25
N MET B 176 -32.64 -26.43 12.42
CA MET B 176 -32.09 -27.00 13.63
C MET B 176 -31.57 -25.92 14.56
N SER B 177 -32.13 -24.71 14.43
CA SER B 177 -31.91 -23.65 15.40
C SER B 177 -33.02 -23.65 16.44
N LEU B 178 -34.07 -24.42 16.19
CA LEU B 178 -35.10 -24.68 17.18
C LEU B 178 -35.03 -26.13 17.66
N ASP B 179 -35.49 -26.36 18.89
CA ASP B 179 -35.59 -27.71 19.42
C ASP B 179 -36.60 -28.53 18.63
N ASP B 180 -36.53 -29.85 18.78
CA ASP B 180 -37.35 -30.76 17.99
C ASP B 180 -38.33 -31.50 18.88
N GLY B 181 -39.03 -30.77 19.74
CA GLY B 181 -39.97 -31.37 20.68
C GLY B 181 -41.34 -31.56 20.07
N ASP B 182 -41.60 -30.87 18.96
CA ASP B 182 -42.85 -31.03 18.23
C ASP B 182 -42.69 -32.00 17.06
N SER B 183 -41.56 -32.70 17.04
CA SER B 183 -41.33 -33.76 16.06
C SER B 183 -41.44 -33.22 14.63
N LYS B 184 -41.02 -31.97 14.44
CA LYS B 184 -41.17 -31.30 13.15
C LYS B 184 -40.29 -31.95 12.09
N ILE B 185 -39.04 -32.23 12.46
CA ILE B 185 -38.07 -32.74 11.50
C ILE B 185 -38.38 -34.18 11.14
N GLN B 186 -38.96 -34.93 12.08
CA GLN B 186 -39.48 -36.26 11.81
C GLN B 186 -40.52 -36.19 10.69
N ASN B 187 -41.45 -35.25 10.82
CA ASN B 187 -42.58 -35.17 9.89
C ASN B 187 -42.11 -34.72 8.52
N GLN B 188 -41.05 -33.94 8.49
CA GLN B 188 -40.45 -33.50 7.22
C GLN B 188 -39.76 -34.67 6.53
N LEU B 189 -38.99 -35.45 7.29
CA LEU B 189 -38.24 -36.56 6.73
C LEU B 189 -39.18 -37.65 6.23
N LYS B 190 -40.31 -37.82 6.92
CA LYS B 190 -41.29 -38.83 6.54
C LYS B 190 -41.74 -38.66 5.10
N LYS B 191 -41.49 -37.47 4.54
CA LYS B 191 -42.01 -37.13 3.22
C LYS B 191 -41.12 -37.68 2.11
N LEU B 192 -40.00 -38.28 2.49
CA LEU B 192 -38.99 -38.68 1.52
C LEU B 192 -39.30 -40.04 0.90
N GLN B 193 -39.33 -40.08 -0.42
CA GLN B 193 -39.60 -41.32 -1.14
C GLN B 193 -38.35 -41.80 -1.87
N SER B 194 -37.51 -40.86 -2.29
CA SER B 194 -36.46 -41.15 -3.26
C SER B 194 -35.48 -42.16 -2.69
N PRO B 195 -34.85 -42.95 -3.58
CA PRO B 195 -33.85 -43.93 -3.18
C PRO B 195 -32.48 -43.30 -2.95
N ILE B 196 -32.24 -42.13 -3.56
CA ILE B 196 -31.07 -41.33 -3.24
C ILE B 196 -31.45 -40.06 -2.49
N ILE B 197 -30.74 -39.79 -1.41
CA ILE B 197 -30.89 -38.53 -0.69
C ILE B 197 -29.55 -37.81 -0.56
N LEU B 198 -29.48 -36.61 -1.11
CA LEU B 198 -28.32 -35.74 -0.91
C LEU B 198 -28.51 -34.88 0.34
N LEU B 199 -27.52 -34.91 1.22
CA LEU B 199 -27.61 -34.20 2.48
C LEU B 199 -26.50 -33.17 2.59
N TYR B 200 -26.87 -31.90 2.77
CA TYR B 200 -25.92 -30.84 3.09
C TYR B 200 -26.17 -30.28 4.47
N CYS B 201 -25.21 -30.50 5.37
CA CYS B 201 -25.29 -30.00 6.73
C CYS B 201 -23.94 -30.18 7.41
N THR B 202 -23.85 -29.85 8.69
CA THR B 202 -22.63 -30.10 9.45
C THR B 202 -22.62 -31.54 9.97
N LYS B 203 -21.47 -31.96 10.48
CA LYS B 203 -21.30 -33.30 10.99
C LYS B 203 -22.23 -33.55 12.18
N GLU B 204 -22.28 -32.58 13.10
CA GLU B 204 -23.10 -32.71 14.29
C GLU B 204 -24.58 -32.69 13.93
N GLU B 205 -24.94 -31.88 12.94
CA GLU B 205 -26.31 -31.82 12.45
C GLU B 205 -26.72 -33.15 11.82
N ALA B 206 -25.82 -33.72 11.03
CA ALA B 206 -26.08 -35.00 10.37
C ALA B 206 -26.28 -36.10 11.40
N THR B 207 -25.50 -36.04 12.47
CA THR B 207 -25.60 -37.00 13.55
C THR B 207 -27.04 -37.11 14.05
N TYR B 208 -27.72 -35.98 14.12
CA TYR B 208 -29.08 -35.95 14.64
C TYR B 208 -30.09 -36.32 13.55
N ILE B 209 -29.86 -35.81 12.35
CA ILE B 209 -30.76 -36.06 11.24
C ILE B 209 -30.81 -37.55 10.92
N PHE B 210 -29.66 -38.21 11.00
CA PHE B 210 -29.58 -39.64 10.75
C PHE B 210 -30.32 -40.42 11.82
N GLU B 211 -30.16 -40.02 13.08
CA GLU B 211 -30.89 -40.66 14.17
C GLU B 211 -32.39 -40.64 13.91
N VAL B 212 -32.91 -39.48 13.52
CA VAL B 212 -34.32 -39.34 13.23
C VAL B 212 -34.70 -40.14 11.99
N ALA B 213 -33.88 -40.05 10.95
CA ALA B 213 -34.15 -40.75 9.70
C ALA B 213 -34.25 -42.26 9.94
N ASN B 214 -33.41 -42.78 10.83
CA ASN B 214 -33.45 -44.19 11.17
C ASN B 214 -34.77 -44.56 11.82
N SER B 215 -35.23 -43.70 12.72
CA SER B 215 -36.45 -43.97 13.49
C SER B 215 -37.65 -44.15 12.56
N VAL B 216 -37.60 -43.51 11.39
CA VAL B 216 -38.69 -43.61 10.43
C VAL B 216 -38.22 -44.32 9.15
N GLY B 217 -37.14 -45.08 9.27
CA GLY B 217 -36.90 -46.21 8.37
C GLY B 217 -36.29 -45.80 7.05
N LEU B 218 -35.36 -44.85 7.09
CA LEU B 218 -34.91 -44.16 5.89
C LEU B 218 -33.41 -44.36 5.65
N THR B 219 -32.79 -45.19 6.49
CA THR B 219 -31.34 -45.37 6.46
C THR B 219 -30.96 -46.78 6.04
N GLY B 220 -31.95 -47.65 5.92
CA GLY B 220 -31.70 -49.05 5.61
C GLY B 220 -31.40 -49.27 4.14
N TYR B 221 -31.58 -50.51 3.68
CA TYR B 221 -31.60 -50.81 2.26
C TYR B 221 -32.75 -50.10 1.57
N GLY B 222 -32.55 -49.73 0.31
CA GLY B 222 -33.54 -48.96 -0.43
C GLY B 222 -33.22 -47.47 -0.42
N TYR B 223 -32.45 -47.03 0.57
CA TYR B 223 -32.10 -45.63 0.71
C TYR B 223 -30.59 -45.44 0.79
N THR B 224 -30.06 -44.62 -0.11
CA THR B 224 -28.63 -44.30 -0.12
C THR B 224 -28.41 -42.81 0.10
N TRP B 225 -27.69 -42.47 1.15
CA TRP B 225 -27.39 -41.07 1.46
C TRP B 225 -26.00 -40.69 0.96
N ILE B 226 -25.91 -39.50 0.37
CA ILE B 226 -24.62 -38.96 -0.06
C ILE B 226 -24.37 -37.60 0.59
N VAL B 227 -23.22 -37.46 1.24
CA VAL B 227 -22.89 -36.24 1.95
C VAL B 227 -21.56 -35.67 1.47
N PRO B 228 -21.33 -34.38 1.73
CA PRO B 228 -20.07 -33.74 1.37
C PRO B 228 -18.99 -33.89 2.43
N SER B 229 -17.80 -33.35 2.15
CA SER B 229 -16.61 -33.63 2.92
C SER B 229 -16.82 -33.35 4.41
N LEU B 230 -17.53 -32.29 4.73
CA LEU B 230 -17.55 -31.76 6.09
C LEU B 230 -18.44 -32.59 7.01
N VAL B 231 -19.30 -33.42 6.42
CA VAL B 231 -20.12 -34.34 7.20
C VAL B 231 -19.30 -35.55 7.64
N ALA B 232 -18.61 -36.18 6.70
CA ALA B 232 -17.63 -37.21 7.01
C ALA B 232 -16.56 -36.66 7.96
N GLY B 233 -16.10 -35.46 7.65
CA GLY B 233 -15.09 -34.80 8.48
C GLY B 233 -13.86 -35.67 8.67
N ASP B 234 -13.42 -35.77 9.93
CA ASP B 234 -12.35 -36.69 10.29
C ASP B 234 -12.86 -38.14 10.24
N THR B 235 -12.27 -38.94 9.35
CA THR B 235 -12.84 -40.23 9.00
C THR B 235 -12.49 -41.28 10.04
N ASP B 236 -11.63 -40.92 10.99
CA ASP B 236 -11.33 -41.78 12.13
C ASP B 236 -12.33 -41.57 13.25
N THR B 237 -13.18 -40.56 13.11
CA THR B 237 -14.28 -40.35 14.03
C THR B 237 -15.61 -40.58 13.34
N VAL B 238 -16.25 -41.71 13.63
CA VAL B 238 -17.47 -42.10 12.94
C VAL B 238 -18.61 -42.25 13.94
N PRO B 239 -19.53 -41.28 13.96
CA PRO B 239 -20.65 -41.32 14.90
C PRO B 239 -21.49 -42.57 14.70
N SER B 240 -22.00 -43.12 15.80
CA SER B 240 -22.72 -44.39 15.75
C SER B 240 -23.97 -44.27 14.89
N GLU B 241 -24.46 -43.05 14.71
CA GLU B 241 -25.76 -42.83 14.10
C GLU B 241 -25.64 -42.72 12.58
N PHE B 242 -24.44 -42.43 12.09
CA PHE B 242 -24.13 -42.60 10.69
C PHE B 242 -24.52 -44.00 10.22
N PRO B 243 -25.32 -44.09 9.16
CA PRO B 243 -25.72 -45.38 8.60
C PRO B 243 -24.64 -45.99 7.73
N THR B 244 -24.36 -47.27 7.92
CA THR B 244 -23.57 -48.02 6.95
C THR B 244 -24.15 -47.88 5.56
N GLY B 245 -23.28 -47.68 4.57
CA GLY B 245 -23.72 -47.42 3.20
C GLY B 245 -23.72 -45.94 2.87
N LEU B 246 -23.40 -45.12 3.87
CA LEU B 246 -23.18 -43.70 3.64
C LEU B 246 -22.06 -43.48 2.63
N ILE B 247 -22.33 -42.65 1.63
CA ILE B 247 -21.30 -42.23 0.68
C ILE B 247 -20.90 -40.79 0.94
N SER B 248 -19.60 -40.51 0.87
CA SER B 248 -19.11 -39.15 0.98
C SER B 248 -18.07 -38.84 -0.08
N VAL B 249 -18.09 -37.60 -0.57
CA VAL B 249 -16.89 -36.97 -1.12
C VAL B 249 -15.99 -36.49 0.01
N SER B 250 -14.69 -36.73 -0.12
CA SER B 250 -13.79 -36.52 1.00
C SER B 250 -12.47 -35.87 0.63
N TYR B 251 -11.96 -35.13 1.60
CA TYR B 251 -10.66 -34.50 1.55
C TYR B 251 -10.25 -34.45 3.01
N ASP B 252 -9.37 -35.36 3.41
CA ASP B 252 -9.02 -35.51 4.82
C ASP B 252 -7.64 -36.13 4.93
N GLU B 253 -6.71 -35.60 4.13
CA GLU B 253 -5.40 -36.19 3.96
C GLU B 253 -5.49 -37.70 3.74
N TRP B 254 -5.74 -38.08 2.49
CA TRP B 254 -5.53 -39.45 2.05
C TRP B 254 -4.16 -39.59 1.38
N ASP B 255 -3.92 -38.80 0.34
CA ASP B 255 -2.63 -38.78 -0.33
C ASP B 255 -1.91 -37.46 -0.11
N TYR B 256 -2.64 -36.49 0.43
CA TYR B 256 -2.11 -35.16 0.67
C TYR B 256 -1.93 -34.97 2.18
N GLY B 257 -0.71 -35.17 2.67
CA GLY B 257 -0.46 -35.26 4.10
C GLY B 257 -0.25 -33.88 4.71
N LEU B 258 -0.38 -33.80 6.03
CA LEU B 258 -0.33 -32.51 6.71
C LEU B 258 1.00 -31.80 6.45
N PRO B 259 2.12 -32.52 6.64
CA PRO B 259 3.44 -31.97 6.32
C PRO B 259 3.49 -31.31 4.95
N ALA B 260 3.01 -32.02 3.93
CA ALA B 260 2.98 -31.50 2.57
C ALA B 260 2.11 -30.25 2.48
N ARG B 261 1.04 -30.23 3.26
CA ARG B 261 0.11 -29.11 3.24
C ARG B 261 0.73 -27.87 3.87
N VAL B 262 1.39 -28.06 5.01
CA VAL B 262 2.06 -26.97 5.70
C VAL B 262 3.16 -26.39 4.81
N ARG B 263 3.84 -27.26 4.07
CA ARG B 263 4.89 -26.84 3.16
C ARG B 263 4.29 -25.98 2.04
N ASP B 264 3.13 -26.38 1.54
CA ASP B 264 2.48 -25.66 0.46
C ASP B 264 1.89 -24.35 0.95
N GLY B 265 1.35 -24.36 2.16
CA GLY B 265 0.84 -23.15 2.79
C GLY B 265 1.92 -22.10 2.94
N ILE B 266 3.06 -22.51 3.48
CA ILE B 266 4.21 -21.62 3.60
C ILE B 266 4.62 -21.08 2.24
N ALA B 267 4.61 -21.96 1.24
CA ALA B 267 5.05 -21.60 -0.10
C ALA B 267 4.10 -20.56 -0.71
N ILE B 268 2.80 -20.80 -0.56
CA ILE B 268 1.80 -19.92 -1.14
C ILE B 268 1.93 -18.50 -0.59
N ILE B 269 2.09 -18.39 0.72
CA ILE B 269 2.19 -17.09 1.37
C ILE B 269 3.50 -16.41 0.96
N THR B 270 4.55 -17.21 0.79
CA THR B 270 5.87 -16.66 0.50
C THR B 270 6.01 -16.27 -0.97
N THR B 271 5.51 -17.11 -1.87
CA THR B 271 5.52 -16.79 -3.30
C THR B 271 4.71 -15.52 -3.54
N ALA B 272 3.57 -15.43 -2.86
CA ALA B 272 2.64 -14.33 -3.07
C ALA B 272 3.27 -13.00 -2.64
N ALA B 273 3.98 -13.02 -1.52
CA ALA B 273 4.64 -11.83 -1.02
C ALA B 273 5.79 -11.41 -1.93
N SER B 274 6.53 -12.40 -2.41
CA SER B 274 7.62 -12.14 -3.35
C SER B 274 7.09 -11.51 -4.63
N ASP B 275 5.96 -12.02 -5.10
CA ASP B 275 5.39 -11.56 -6.35
C ASP B 275 4.95 -10.10 -6.24
N MET B 276 4.37 -9.75 -5.11
CA MET B 276 3.93 -8.38 -4.87
C MET B 276 5.12 -7.44 -4.71
N LEU B 277 6.13 -7.88 -3.96
CA LEU B 277 7.32 -7.08 -3.74
C LEU B 277 8.02 -6.76 -5.06
N SER B 278 8.01 -7.73 -5.97
CA SER B 278 8.74 -7.59 -7.22
C SER B 278 8.04 -6.60 -8.15
N GLU B 279 6.76 -6.35 -7.89
CA GLU B 279 5.93 -5.59 -8.82
C GLU B 279 5.63 -4.20 -8.26
N HIS B 280 5.58 -4.08 -6.94
CA HIS B 280 5.14 -2.85 -6.30
C HIS B 280 6.19 -2.30 -5.33
N SER B 281 7.26 -3.06 -5.13
CA SER B 281 8.37 -2.62 -4.29
C SER B 281 7.90 -2.30 -2.87
N PHE B 282 6.78 -2.91 -2.48
CA PHE B 282 6.46 -3.06 -1.07
C PHE B 282 5.57 -4.28 -0.85
N ILE B 283 5.50 -4.75 0.39
CA ILE B 283 4.40 -5.60 0.83
C ILE B 283 3.69 -4.95 2.01
N PRO B 284 2.48 -5.44 2.34
CA PRO B 284 1.72 -4.91 3.45
C PRO B 284 2.42 -5.14 4.78
N GLU B 285 2.54 -4.09 5.60
CA GLU B 285 3.16 -4.23 6.91
C GLU B 285 2.28 -5.06 7.84
N PRO B 286 2.86 -6.10 8.45
CA PRO B 286 2.17 -6.88 9.46
C PRO B 286 1.51 -6.01 10.51
N LYS B 287 0.29 -6.35 10.89
CA LYS B 287 -0.48 -5.55 11.83
C LYS B 287 0.09 -5.69 13.24
N SER B 288 0.30 -4.55 13.89
CA SER B 288 0.94 -4.53 15.21
C SER B 288 0.00 -5.07 16.29
N SER B 289 -1.30 -5.04 16.00
CA SER B 289 -2.30 -5.49 16.96
C SER B 289 -3.67 -5.67 16.31
N CYS B 290 -4.54 -6.44 16.98
CA CYS B 290 -5.94 -6.51 16.62
C CYS B 290 -6.72 -5.36 17.23
N TYR B 291 -6.14 -4.74 18.25
CA TYR B 291 -6.91 -3.89 19.16
C TYR B 291 -6.84 -2.43 18.70
N ASN B 292 -6.36 -2.22 17.47
CA ASN B 292 -6.23 -0.88 16.91
C ASN B 292 -6.69 -0.85 15.45
N THR B 293 -7.51 -1.82 15.07
CA THR B 293 -7.82 -2.05 13.66
C THR B 293 -8.72 -0.96 13.11
N HIS B 294 -9.48 -0.32 14.00
CA HIS B 294 -10.40 0.74 13.60
C HIS B 294 -9.63 1.97 13.12
N GLU B 295 -8.55 2.30 13.82
CA GLU B 295 -7.68 3.40 13.42
C GLU B 295 -7.05 3.13 12.06
N LYS B 296 -6.48 1.93 11.90
CA LYS B 296 -5.41 1.71 10.94
C LYS B 296 -5.96 1.26 9.60
N ARG B 297 -7.26 1.49 9.38
CA ARG B 297 -8.00 0.76 8.36
C ARG B 297 -7.77 1.34 6.97
N ILE B 298 -7.62 2.66 6.89
CA ILE B 298 -7.29 3.31 5.63
C ILE B 298 -5.87 2.97 5.20
N TYR B 299 -5.10 2.40 6.12
CA TYR B 299 -3.69 2.12 5.87
C TYR B 299 -3.49 0.66 5.48
N GLN B 300 -4.59 -0.08 5.36
CA GLN B 300 -4.53 -1.51 5.12
C GLN B 300 -5.45 -1.91 3.98
N SER B 301 -5.14 -3.03 3.33
CA SER B 301 -5.94 -3.52 2.22
C SER B 301 -5.73 -5.01 2.04
N ASN B 302 -6.56 -5.63 1.21
CA ASN B 302 -6.39 -7.03 0.86
C ASN B 302 -5.68 -7.17 -0.48
N MET B 303 -4.79 -6.22 -0.76
CA MET B 303 -4.07 -6.20 -2.03
C MET B 303 -3.39 -7.54 -2.31
N LEU B 304 -2.91 -8.18 -1.26
CA LEU B 304 -2.05 -9.36 -1.41
C LEU B 304 -2.84 -10.56 -1.91
N ASN B 305 -4.16 -10.40 -2.01
CA ASN B 305 -5.04 -11.52 -2.34
C ASN B 305 -4.82 -11.98 -3.77
N ARG B 306 -4.62 -11.03 -4.68
CA ARG B 306 -4.56 -11.35 -6.10
C ARG B 306 -3.34 -12.19 -6.41
N TYR B 307 -2.34 -12.14 -5.52
CA TYR B 307 -1.15 -12.96 -5.66
C TYR B 307 -1.33 -14.29 -4.94
N LEU B 308 -2.05 -14.25 -3.83
CA LEU B 308 -2.25 -15.44 -3.00
C LEU B 308 -2.99 -16.53 -3.78
N ILE B 309 -3.75 -16.13 -4.79
CA ILE B 309 -4.67 -17.05 -5.47
C ILE B 309 -4.07 -17.59 -6.76
N ASN B 310 -2.83 -17.20 -7.05
CA ASN B 310 -2.22 -17.50 -8.35
C ASN B 310 -0.78 -17.97 -8.18
N VAL B 311 -0.54 -18.81 -7.17
CA VAL B 311 0.78 -19.37 -6.94
C VAL B 311 0.92 -20.74 -7.61
N THR B 312 1.96 -20.88 -8.42
CA THR B 312 2.50 -22.20 -8.74
C THR B 312 3.84 -22.40 -8.04
N PHE B 313 4.09 -23.63 -7.56
CA PHE B 313 5.26 -23.91 -6.76
C PHE B 313 5.69 -25.37 -6.89
N GLU B 314 6.98 -25.59 -7.09
CA GLU B 314 7.50 -26.92 -7.42
C GLU B 314 6.64 -27.58 -8.49
N GLY B 315 6.18 -26.78 -9.45
CA GLY B 315 5.62 -27.33 -10.69
C GLY B 315 4.12 -27.50 -10.62
N ARG B 316 3.54 -27.23 -9.46
CA ARG B 316 2.12 -27.55 -9.22
C ARG B 316 1.29 -26.29 -9.08
N ASP B 317 0.14 -26.27 -9.74
CA ASP B 317 -0.78 -25.15 -9.67
C ASP B 317 -1.54 -25.17 -8.34
N LEU B 318 -1.24 -24.20 -7.48
CA LEU B 318 -1.86 -24.13 -6.16
C LEU B 318 -2.90 -23.01 -6.13
N SER B 319 -3.45 -22.69 -7.29
CA SER B 319 -4.42 -21.60 -7.41
C SER B 319 -5.55 -21.78 -6.41
N PHE B 320 -6.06 -20.67 -5.90
CA PHE B 320 -7.37 -20.65 -5.26
C PHE B 320 -8.40 -20.02 -6.19
N SER B 321 -9.66 -20.41 -6.03
CA SER B 321 -10.78 -19.59 -6.48
C SER B 321 -10.84 -18.29 -5.69
N GLU B 322 -11.47 -17.28 -6.27
CA GLU B 322 -11.71 -16.02 -5.58
C GLU B 322 -12.73 -16.22 -4.44
N ASP B 323 -13.46 -17.32 -4.50
CA ASP B 323 -14.37 -17.71 -3.43
C ASP B 323 -13.60 -18.34 -2.26
N GLY B 324 -12.34 -18.67 -2.49
CA GLY B 324 -11.41 -18.95 -1.40
C GLY B 324 -11.19 -20.45 -1.21
N TYR B 325 -11.39 -21.21 -2.30
CA TYR B 325 -11.20 -22.64 -2.26
C TYR B 325 -10.08 -23.06 -3.20
N GLN B 326 -9.52 -24.24 -2.96
CA GLN B 326 -8.60 -24.85 -3.89
C GLN B 326 -9.28 -25.12 -5.23
N MET B 327 -8.56 -24.89 -6.32
CA MET B 327 -9.12 -24.94 -7.66
C MET B 327 -9.25 -26.38 -8.13
N HIS B 328 -8.14 -27.12 -8.07
CA HIS B 328 -8.11 -28.48 -8.57
C HIS B 328 -7.61 -29.43 -7.49
N PRO B 329 -8.46 -29.73 -6.50
CA PRO B 329 -8.17 -30.76 -5.52
C PRO B 329 -8.44 -32.16 -6.07
N LYS B 330 -7.55 -33.10 -5.76
CA LYS B 330 -7.85 -34.52 -5.93
C LYS B 330 -8.76 -35.01 -4.81
N LEU B 331 -9.99 -35.36 -5.17
CA LEU B 331 -11.00 -35.75 -4.19
C LEU B 331 -11.09 -37.27 -4.11
N VAL B 332 -11.43 -37.77 -2.92
CA VAL B 332 -11.60 -39.20 -2.71
C VAL B 332 -13.05 -39.52 -2.36
N ILE B 333 -13.67 -40.40 -3.12
CA ILE B 333 -15.00 -40.90 -2.78
C ILE B 333 -14.89 -42.06 -1.80
N ILE B 334 -15.63 -41.97 -0.70
CA ILE B 334 -15.49 -42.94 0.38
C ILE B 334 -16.83 -43.51 0.79
N LEU B 335 -16.80 -44.71 1.37
CA LEU B 335 -18.01 -45.43 1.72
C LEU B 335 -17.87 -46.02 3.12
N LEU B 336 -18.88 -45.81 3.95
CA LEU B 336 -18.87 -46.33 5.31
C LEU B 336 -19.36 -47.77 5.33
N ASN B 337 -18.47 -48.70 5.68
CA ASN B 337 -18.69 -50.11 5.43
C ASN B 337 -19.20 -50.83 6.68
N LYS B 338 -19.37 -52.14 6.58
CA LYS B 338 -20.08 -52.91 7.61
C LYS B 338 -19.34 -52.87 8.94
N GLU B 339 -18.03 -52.63 8.88
CA GLU B 339 -17.21 -52.54 10.08
C GLU B 339 -17.13 -51.09 10.56
N ARG B 340 -18.07 -50.26 10.11
CA ARG B 340 -18.08 -48.84 10.46
C ARG B 340 -16.73 -48.20 10.18
N LYS B 341 -16.11 -48.57 9.07
CA LYS B 341 -14.89 -47.91 8.61
C LYS B 341 -15.11 -47.22 7.28
N TRP B 342 -14.53 -46.04 7.12
CA TRP B 342 -14.58 -45.31 5.86
C TRP B 342 -13.58 -45.89 4.86
N GLU B 343 -14.05 -46.13 3.64
CA GLU B 343 -13.34 -46.97 2.68
C GLU B 343 -13.27 -46.27 1.33
N ARG B 344 -12.06 -46.13 0.79
CA ARG B 344 -11.87 -45.59 -0.55
C ARG B 344 -12.63 -46.42 -1.58
N VAL B 345 -13.45 -45.77 -2.40
CA VAL B 345 -14.17 -46.45 -3.46
C VAL B 345 -14.21 -45.65 -4.76
N GLY B 346 -13.42 -44.57 -4.81
CA GLY B 346 -13.32 -43.78 -6.03
C GLY B 346 -12.39 -42.59 -5.90
N LYS B 347 -11.91 -42.09 -7.03
CA LYS B 347 -11.15 -40.85 -7.08
C LYS B 347 -11.78 -39.87 -8.05
N TRP B 348 -11.67 -38.58 -7.75
CA TRP B 348 -12.07 -37.53 -8.67
C TRP B 348 -10.87 -36.68 -9.06
N LYS B 349 -10.41 -36.83 -10.30
CA LYS B 349 -9.20 -36.16 -10.76
C LYS B 349 -9.32 -35.76 -12.23
N ASP B 350 -8.89 -34.56 -12.56
CA ASP B 350 -9.03 -34.03 -13.91
C ASP B 350 -10.51 -33.99 -14.32
N LYS B 351 -11.33 -33.35 -13.48
CA LYS B 351 -12.77 -33.31 -13.71
C LYS B 351 -13.28 -34.63 -14.26
N SER B 352 -12.68 -35.73 -13.81
CA SER B 352 -13.11 -37.06 -14.23
C SER B 352 -13.27 -37.98 -13.01
N LEU B 353 -14.36 -38.73 -13.00
CA LEU B 353 -14.63 -39.67 -11.92
C LEU B 353 -14.12 -41.07 -12.29
N GLN B 354 -13.33 -41.66 -11.39
CA GLN B 354 -12.94 -43.06 -11.52
C GLN B 354 -13.39 -43.86 -10.32
N MET B 355 -14.44 -44.65 -10.49
CA MET B 355 -15.01 -45.43 -9.40
C MET B 355 -14.40 -46.82 -9.36
N LYS B 356 -14.32 -47.39 -8.17
CA LYS B 356 -13.77 -48.74 -8.00
C LYS B 356 -14.73 -49.78 -8.57
N TYR B 357 -15.99 -49.69 -8.15
CA TYR B 357 -16.97 -50.72 -8.48
C TYR B 357 -17.82 -50.30 -9.66
N TYR B 358 -18.17 -51.29 -10.49
CA TYR B 358 -19.23 -51.14 -11.46
C TYR B 358 -20.57 -51.44 -10.81
N VAL B 359 -20.59 -52.42 -9.91
CA VAL B 359 -21.75 -52.72 -9.09
C VAL B 359 -21.39 -52.65 -7.62
N TRP B 360 -22.19 -51.94 -6.84
CA TRP B 360 -21.98 -51.85 -5.39
C TRP B 360 -22.27 -53.19 -4.72
N PRO B 361 -21.23 -53.84 -4.19
CA PRO B 361 -21.37 -54.93 -3.22
C PRO B 361 -22.19 -54.53 -1.99
N ARG B 362 -22.75 -55.51 -1.30
CA ARG B 362 -23.52 -55.26 -0.10
C ARG B 362 -22.58 -54.86 1.04
N MET B 363 -23.01 -53.85 1.81
CA MET B 363 -22.33 -53.50 3.06
C MET B 363 -23.35 -52.97 4.08
N ASP C 1 50.30 28.55 22.47
CA ASP C 1 49.14 27.96 21.75
C ASP C 1 49.27 28.15 20.24
N PRO C 2 49.11 27.07 19.48
CA PRO C 2 48.83 27.15 18.05
C PRO C 2 47.34 27.26 17.75
N LYS C 3 47.01 27.54 16.50
CA LYS C 3 45.63 27.45 16.02
C LYS C 3 45.25 26.00 15.76
N ILE C 4 44.13 25.57 16.34
CA ILE C 4 43.67 24.20 16.17
C ILE C 4 42.78 24.08 14.93
N VAL C 5 43.12 23.15 14.05
CA VAL C 5 42.37 22.94 12.83
C VAL C 5 41.87 21.49 12.75
N ASN C 6 40.56 21.33 12.73
CA ASN C 6 39.95 20.01 12.88
C ASN C 6 39.82 19.33 11.51
N ILE C 7 40.16 18.05 11.46
CA ILE C 7 39.80 17.21 10.35
C ILE C 7 38.68 16.25 10.75
N GLY C 8 37.71 16.07 9.86
CA GLY C 8 36.60 15.16 10.11
C GLY C 8 36.77 13.82 9.42
N ALA C 9 36.15 12.79 9.96
CA ALA C 9 36.09 11.49 9.31
C ALA C 9 34.78 10.77 9.63
N VAL C 10 34.19 10.14 8.62
CA VAL C 10 33.17 9.13 8.84
C VAL C 10 33.68 7.76 8.40
N LEU C 11 33.88 6.87 9.36
CA LEU C 11 34.63 5.65 9.12
C LEU C 11 33.86 4.43 9.60
N SER C 12 34.39 3.24 9.32
CA SER C 12 33.61 2.02 9.38
C SER C 12 33.47 1.51 10.81
N THR C 13 34.57 1.60 11.57
CA THR C 13 34.63 0.99 12.89
C THR C 13 35.41 1.87 13.85
N LYS C 14 35.26 1.61 15.14
CA LYS C 14 36.05 2.28 16.17
C LYS C 14 37.53 2.09 15.91
N LYS C 15 37.91 0.90 15.45
CA LYS C 15 39.31 0.59 15.15
C LYS C 15 39.86 1.59 14.14
N HIS C 16 39.04 1.97 13.17
CA HIS C 16 39.48 2.85 12.09
C HIS C 16 39.51 4.31 12.56
N GLU C 17 38.60 4.65 13.47
CA GLU C 17 38.66 5.94 14.16
C GLU C 17 39.99 6.09 14.91
N GLN C 18 40.40 5.01 15.57
CA GLN C 18 41.69 4.98 16.24
C GLN C 18 42.82 5.25 15.25
N ILE C 19 42.72 4.66 14.07
CA ILE C 19 43.77 4.76 13.06
C ILE C 19 43.80 6.17 12.46
N PHE C 20 42.61 6.74 12.27
CA PHE C 20 42.48 8.14 11.89
C PHE C 20 43.22 9.05 12.88
N ARG C 21 42.98 8.82 14.17
CA ARG C 21 43.63 9.60 15.21
C ARG C 21 45.14 9.43 15.16
N GLU C 22 45.59 8.18 15.04
CA GLU C 22 47.00 7.88 14.84
C GLU C 22 47.58 8.72 13.71
N ALA C 23 46.89 8.74 12.58
CA ALA C 23 47.43 9.32 11.36
C ALA C 23 47.55 10.84 11.50
N VAL C 24 46.59 11.44 12.18
CA VAL C 24 46.58 12.88 12.38
C VAL C 24 47.77 13.31 13.23
N ASN C 25 48.14 12.49 14.21
CA ASN C 25 49.27 12.78 15.06
C ASN C 25 50.58 12.65 14.29
N GLN C 26 50.65 11.66 13.41
CA GLN C 26 51.78 11.52 12.50
C GLN C 26 51.97 12.79 11.69
N ALA C 27 50.87 13.36 11.21
CA ALA C 27 50.91 14.58 10.42
C ALA C 27 51.44 15.74 11.26
N ASN C 28 51.11 15.74 12.54
CA ASN C 28 51.55 16.79 13.44
C ASN C 28 53.02 16.63 13.79
N LYS C 29 53.47 15.39 13.92
CA LYS C 29 54.89 15.08 14.06
C LYS C 29 55.66 15.50 12.81
N ARG C 30 55.08 15.25 11.66
CA ARG C 30 55.75 15.45 10.38
C ARG C 30 55.96 16.94 10.10
N HIS C 31 54.94 17.73 10.40
CA HIS C 31 54.92 19.14 9.98
C HIS C 31 55.34 20.04 11.13
N PHE C 32 55.64 21.29 10.80
CA PHE C 32 55.91 22.30 11.83
C PHE C 32 54.61 22.94 12.30
N THR C 33 54.33 22.79 13.59
CA THR C 33 52.97 22.93 14.11
C THR C 33 52.92 23.90 15.29
N ARG C 34 53.85 24.87 15.29
CA ARG C 34 53.75 26.00 16.20
C ARG C 34 52.60 26.91 15.80
N LYS C 35 52.33 27.00 14.50
CA LYS C 35 51.34 27.93 13.98
C LYS C 35 49.96 27.29 13.89
N ILE C 36 49.86 26.18 13.16
CA ILE C 36 48.63 25.42 13.10
C ILE C 36 48.87 23.96 13.52
N GLN C 37 47.86 23.37 14.15
CA GLN C 37 47.96 22.01 14.67
C GLN C 37 46.65 21.26 14.49
N LEU C 38 46.73 20.07 13.91
CA LEU C 38 45.54 19.36 13.44
C LEU C 38 44.89 18.58 14.59
N GLN C 39 43.58 18.43 14.50
CA GLN C 39 42.82 17.73 15.53
C GLN C 39 41.78 16.81 14.91
N ALA C 40 41.76 15.56 15.35
CA ALA C 40 40.89 14.55 14.76
C ALA C 40 39.48 14.64 15.32
N THR C 41 38.50 14.71 14.43
CA THR C 41 37.10 14.51 14.81
C THR C 41 36.45 13.50 13.89
N SER C 42 35.85 12.45 14.48
CA SER C 42 35.35 11.34 13.70
C SER C 42 34.02 10.82 14.26
N VAL C 43 33.22 10.23 13.38
CA VAL C 43 32.20 9.28 13.79
C VAL C 43 32.28 8.02 12.93
N THR C 44 31.50 7.00 13.29
CA THR C 44 31.22 5.90 12.38
C THR C 44 29.89 6.12 11.67
N HIS C 45 29.63 5.31 10.65
CA HIS C 45 28.44 5.47 9.82
C HIS C 45 27.17 5.27 10.66
N ARG C 46 26.20 6.17 10.47
CA ARG C 46 24.87 5.97 11.02
C ARG C 46 24.05 5.07 10.11
N PRO C 47 23.01 4.44 10.65
CA PRO C 47 22.35 3.30 10.00
C PRO C 47 21.45 3.71 8.85
N ASN C 48 21.25 5.01 8.66
CA ASN C 48 20.53 5.50 7.48
C ASN C 48 20.93 6.93 7.13
N ALA C 49 20.46 7.39 5.97
CA ALA C 49 21.06 8.54 5.30
C ALA C 49 20.73 9.83 6.03
N ILE C 50 19.51 9.91 6.56
CA ILE C 50 19.08 11.11 7.27
C ILE C 50 19.85 11.27 8.58
N GLN C 51 19.96 10.18 9.34
CA GLN C 51 20.78 10.19 10.55
C GLN C 51 22.22 10.58 10.22
N MET C 52 22.72 10.07 9.10
CA MET C 52 24.10 10.32 8.70
C MET C 52 24.30 11.80 8.40
N ALA C 53 23.35 12.39 7.67
CA ALA C 53 23.39 13.82 7.37
C ALA C 53 23.41 14.63 8.65
N LEU C 54 22.48 14.32 9.55
CA LEU C 54 22.39 15.02 10.83
C LEU C 54 23.69 14.92 11.61
N SER C 55 24.30 13.74 11.60
CA SER C 55 25.50 13.49 12.39
C SER C 55 26.68 14.30 11.85
N VAL C 56 26.74 14.44 10.53
CA VAL C 56 27.72 15.31 9.91
C VAL C 56 27.61 16.73 10.46
N CYS C 57 26.38 17.20 10.61
CA CYS C 57 26.13 18.52 11.16
C CYS C 57 26.50 18.57 12.64
N GLU C 58 26.02 17.60 13.40
CA GLU C 58 26.05 17.68 14.87
C GLU C 58 27.42 17.31 15.42
N ASP C 59 28.13 16.44 14.71
CA ASP C 59 29.32 15.81 15.26
C ASP C 59 30.59 16.36 14.62
N LEU C 60 30.49 16.75 13.35
CA LEU C 60 31.67 17.11 12.58
C LEU C 60 31.75 18.61 12.32
N ILE C 61 30.73 19.13 11.63
CA ILE C 61 30.75 20.53 11.22
C ILE C 61 30.65 21.45 12.43
N SER C 62 30.07 20.95 13.50
CA SER C 62 30.01 21.68 14.77
C SER C 62 31.39 21.87 15.36
N SER C 63 32.37 21.11 14.87
CA SER C 63 33.76 21.26 15.29
C SER C 63 34.57 22.02 14.25
N GLN C 64 33.88 22.61 13.28
CA GLN C 64 34.53 23.40 12.24
C GLN C 64 35.60 22.60 11.53
N VAL C 65 35.21 21.46 10.97
CA VAL C 65 36.13 20.64 10.19
C VAL C 65 36.44 21.30 8.85
N TYR C 66 37.71 21.22 8.45
CA TYR C 66 38.15 21.79 7.19
C TYR C 66 37.95 20.80 6.05
N ALA C 67 37.79 19.53 6.41
CA ALA C 67 37.58 18.48 5.43
C ALA C 67 37.08 17.21 6.11
N ILE C 68 36.39 16.35 5.36
CA ILE C 68 35.82 15.14 5.92
C ILE C 68 36.22 13.92 5.07
N LEU C 69 37.06 13.06 5.64
CA LEU C 69 37.28 11.73 5.11
C LEU C 69 36.03 10.87 5.30
N VAL C 70 35.71 10.06 4.30
CA VAL C 70 34.56 9.18 4.40
C VAL C 70 34.85 7.84 3.74
N SER C 71 34.72 6.76 4.51
CA SER C 71 34.91 5.42 4.00
C SER C 71 33.60 4.86 3.46
N HIS C 72 33.71 3.92 2.52
CA HIS C 72 32.57 3.12 2.10
C HIS C 72 32.36 1.97 3.08
N PRO C 73 31.16 1.91 3.70
CA PRO C 73 30.83 0.95 4.75
C PRO C 73 30.48 -0.41 4.14
N PRO C 74 30.89 -1.50 4.82
CA PRO C 74 30.71 -2.82 4.22
C PRO C 74 29.33 -3.42 4.49
N ALA C 75 28.62 -3.79 3.42
CA ALA C 75 27.37 -4.52 3.51
C ALA C 75 26.21 -3.58 3.85
N HIS C 79 24.32 -0.19 0.35
CA HIS C 79 23.17 0.25 1.14
C HIS C 79 23.33 1.70 1.59
N LEU C 80 24.40 1.96 2.35
CA LEU C 80 24.65 3.30 2.86
C LEU C 80 25.91 3.88 2.23
N THR C 81 25.74 4.95 1.46
CA THR C 81 26.81 5.51 0.66
C THR C 81 27.38 6.77 1.31
N PRO C 82 28.48 7.30 0.76
CA PRO C 82 29.06 8.57 1.18
C PRO C 82 28.17 9.77 0.83
N THR C 83 27.08 9.51 0.11
CA THR C 83 26.37 10.57 -0.59
C THR C 83 25.85 11.64 0.37
N PRO C 84 25.22 11.22 1.47
CA PRO C 84 24.66 12.16 2.45
C PRO C 84 25.73 13.07 3.05
N ILE C 85 26.96 12.57 3.11
CA ILE C 85 28.08 13.33 3.65
C ILE C 85 28.58 14.32 2.61
N SER C 86 28.69 13.87 1.37
CA SER C 86 29.04 14.75 0.25
C SER C 86 28.03 15.89 0.14
N TYR C 87 26.76 15.55 0.23
CA TYR C 87 25.69 16.55 0.11
C TYR C 87 25.81 17.61 1.19
N THR C 88 25.88 17.19 2.45
CA THR C 88 25.82 18.11 3.58
C THR C 88 27.07 18.97 3.63
N ALA C 89 28.24 18.34 3.46
CA ALA C 89 29.50 19.06 3.38
C ALA C 89 29.52 19.98 2.16
N GLY C 90 28.98 19.51 1.05
CA GLY C 90 29.01 20.27 -0.20
C GLY C 90 28.18 21.53 -0.09
N PHE C 91 27.12 21.46 0.72
CA PHE C 91 26.32 22.63 1.06
C PHE C 91 27.20 23.80 1.48
N TYR C 92 28.28 23.49 2.19
CA TYR C 92 29.15 24.53 2.75
C TYR C 92 30.47 24.61 1.98
N ARG C 93 30.62 23.75 0.98
CA ARG C 93 31.85 23.68 0.20
C ARG C 93 33.01 23.22 1.08
N ILE C 94 32.69 22.45 2.11
CA ILE C 94 33.69 21.64 2.81
C ILE C 94 34.04 20.40 2.00
N PRO C 95 35.33 20.23 1.66
CA PRO C 95 35.77 19.12 0.84
C PRO C 95 35.57 17.76 1.52
N VAL C 96 35.11 16.79 0.73
CA VAL C 96 35.00 15.42 1.19
C VAL C 96 36.05 14.57 0.48
N ILE C 97 36.73 13.72 1.23
CA ILE C 97 37.67 12.77 0.64
C ILE C 97 37.14 11.34 0.78
N GLY C 98 36.72 10.76 -0.34
CA GLY C 98 36.30 9.37 -0.37
C GLY C 98 37.49 8.43 -0.31
N LEU C 99 37.37 7.39 0.50
CA LEU C 99 38.52 6.53 0.81
C LEU C 99 38.50 5.26 -0.04
N THR C 100 37.31 4.78 -0.38
CA THR C 100 37.17 3.43 -0.94
C THR C 100 35.97 3.30 -1.89
N THR C 101 35.26 4.40 -2.12
CA THR C 101 34.17 4.39 -3.08
C THR C 101 34.69 4.45 -4.51
N ARG C 102 34.22 3.54 -5.35
CA ARG C 102 34.75 3.39 -6.70
C ARG C 102 33.74 3.79 -7.78
N MET C 103 32.48 3.96 -7.39
CA MET C 103 31.43 4.27 -8.35
C MET C 103 31.72 5.58 -9.06
N SER C 104 31.50 5.60 -10.37
CA SER C 104 31.94 6.70 -11.21
C SER C 104 31.10 7.95 -10.98
N ILE C 105 29.89 7.76 -10.47
CA ILE C 105 28.95 8.87 -10.31
C ILE C 105 29.53 9.95 -9.42
N TYR C 106 30.51 9.58 -8.60
CA TYR C 106 31.12 10.52 -7.66
C TYR C 106 32.21 11.35 -8.33
N SER C 107 32.34 11.20 -9.65
CA SER C 107 33.22 12.06 -10.42
C SER C 107 32.43 13.23 -11.01
N ASP C 108 31.12 13.22 -10.80
CA ASP C 108 30.22 14.18 -11.41
C ASP C 108 30.11 15.43 -10.55
N LYS C 109 30.65 16.54 -11.05
CA LYS C 109 30.83 17.74 -10.25
C LYS C 109 29.50 18.40 -9.93
N SER C 110 28.50 18.15 -10.76
CA SER C 110 27.16 18.72 -10.57
C SER C 110 26.51 18.14 -9.32
N ILE C 111 26.84 16.89 -9.01
CA ILE C 111 26.23 16.19 -7.89
C ILE C 111 27.14 16.27 -6.66
N HIS C 112 28.44 16.10 -6.89
CA HIS C 112 29.41 16.08 -5.81
C HIS C 112 30.51 17.11 -6.05
N LEU C 113 30.25 18.34 -5.62
CA LEU C 113 30.97 19.50 -6.15
C LEU C 113 32.16 19.87 -5.26
N SER C 114 32.38 19.09 -4.20
CA SER C 114 33.63 19.13 -3.46
C SER C 114 34.02 17.75 -2.99
N PHE C 115 34.37 16.89 -3.93
CA PHE C 115 34.64 15.49 -3.64
C PHE C 115 35.93 15.04 -4.32
N LEU C 116 36.91 14.66 -3.51
CA LEU C 116 38.07 13.92 -3.99
C LEU C 116 38.06 12.51 -3.44
N ARG C 117 38.87 11.63 -4.04
CA ARG C 117 39.03 10.27 -3.50
C ARG C 117 40.38 9.68 -3.85
N THR C 118 40.89 8.84 -2.96
CA THR C 118 42.23 8.29 -3.08
C THR C 118 42.22 6.95 -3.80
N VAL C 119 41.03 6.47 -4.13
CA VAL C 119 40.87 5.39 -5.10
C VAL C 119 40.22 5.90 -6.37
N PRO C 120 40.57 5.29 -7.52
CA PRO C 120 39.99 5.66 -8.80
C PRO C 120 38.60 5.06 -8.99
N PRO C 121 37.76 5.72 -9.79
CA PRO C 121 36.48 5.14 -10.19
C PRO C 121 36.67 3.93 -11.10
N TYR C 122 35.71 3.01 -11.09
CA TYR C 122 35.82 1.78 -11.85
C TYR C 122 36.15 2.08 -13.31
N SER C 123 35.70 3.22 -13.80
CA SER C 123 35.83 3.55 -15.22
C SER C 123 37.29 3.72 -15.61
N HIS C 124 38.14 4.01 -14.63
CA HIS C 124 39.55 4.22 -14.88
C HIS C 124 40.27 2.91 -15.20
N GLN C 125 39.57 1.80 -14.97
CA GLN C 125 40.09 0.48 -15.34
C GLN C 125 40.36 0.40 -16.84
N ALA C 126 39.74 1.30 -17.60
CA ALA C 126 39.95 1.37 -19.05
C ALA C 126 41.39 1.74 -19.37
N LEU C 127 42.03 2.49 -18.48
CA LEU C 127 43.44 2.83 -18.64
C LEU C 127 44.29 1.56 -18.71
N VAL C 128 43.93 0.57 -17.90
CA VAL C 128 44.67 -0.69 -17.85
C VAL C 128 44.34 -1.54 -19.07
N TRP C 129 43.05 -1.65 -19.39
CA TRP C 129 42.61 -2.32 -20.60
C TRP C 129 43.40 -1.83 -21.81
N PHE C 130 43.51 -0.51 -21.93
CA PHE C 130 44.10 0.10 -23.10
C PHE C 130 45.56 -0.29 -23.25
N GLU C 131 46.26 -0.35 -22.11
CA GLU C 131 47.68 -0.68 -22.12
C GLU C 131 47.88 -2.18 -22.32
N MET C 132 46.88 -2.96 -21.94
CA MET C 132 46.85 -4.38 -22.27
C MET C 132 46.71 -4.57 -23.77
N MET C 133 45.88 -3.74 -24.39
CA MET C 133 45.56 -3.87 -25.80
C MET C 133 46.78 -3.58 -26.65
N ARG C 134 47.62 -2.66 -26.18
CA ARG C 134 48.91 -2.39 -26.81
C ARG C 134 49.88 -3.55 -26.59
N LEU C 135 50.01 -3.96 -25.34
CA LEU C 135 50.95 -5.01 -24.97
C LEU C 135 50.68 -6.28 -25.77
N PHE C 136 49.46 -6.79 -25.68
CA PHE C 136 49.12 -8.07 -26.29
C PHE C 136 48.54 -7.87 -27.69
N ASN C 137 48.61 -6.63 -28.18
CA ASN C 137 48.32 -6.34 -29.58
C ASN C 137 46.92 -6.83 -29.96
N TRP C 138 45.96 -6.60 -29.07
CA TRP C 138 44.56 -6.66 -29.43
C TRP C 138 44.12 -5.35 -30.07
N ASN C 139 44.11 -5.32 -31.41
CA ASN C 139 43.83 -4.10 -32.15
C ASN C 139 42.35 -4.01 -32.51
N HIS C 140 41.62 -5.09 -32.24
CA HIS C 140 40.19 -5.15 -32.53
C HIS C 140 39.42 -5.79 -31.37
N VAL C 141 38.64 -4.99 -30.66
CA VAL C 141 37.95 -5.47 -29.47
C VAL C 141 36.45 -5.21 -29.58
N ILE C 142 35.66 -6.12 -29.00
CA ILE C 142 34.25 -5.86 -28.73
C ILE C 142 34.06 -5.40 -27.28
N LEU C 143 33.45 -4.24 -27.10
CA LEU C 143 33.15 -3.73 -25.77
C LEU C 143 31.67 -3.94 -25.43
N ILE C 144 31.41 -4.79 -24.44
CA ILE C 144 30.08 -4.94 -23.90
C ILE C 144 29.95 -4.19 -22.58
N VAL C 145 28.84 -3.47 -22.44
CA VAL C 145 28.70 -2.47 -21.38
C VAL C 145 27.26 -2.43 -20.90
N SER C 146 27.07 -2.35 -19.58
CA SER C 146 25.74 -2.19 -19.01
C SER C 146 25.22 -0.79 -19.28
N ASP C 147 23.98 -0.69 -19.72
CA ASP C 147 23.36 0.60 -20.00
C ASP C 147 22.95 1.28 -18.70
N ASP C 148 23.91 1.48 -17.81
CA ASP C 148 23.77 2.41 -16.70
C ASP C 148 24.95 3.37 -16.68
N HIS C 149 25.01 4.21 -15.65
CA HIS C 149 26.04 5.24 -15.58
C HIS C 149 27.44 4.63 -15.61
N GLU C 150 27.62 3.55 -14.85
CA GLU C 150 28.95 2.98 -14.67
C GLU C 150 29.44 2.33 -15.96
N GLY C 151 28.54 1.63 -16.64
CA GLY C 151 28.86 1.04 -17.94
C GLY C 151 29.22 2.10 -18.95
N ARG C 152 28.38 3.13 -19.04
CA ARG C 152 28.61 4.20 -19.99
C ARG C 152 29.88 4.98 -19.66
N ALA C 153 30.17 5.11 -18.37
CA ALA C 153 31.39 5.77 -17.93
C ALA C 153 32.62 5.04 -18.44
N ALA C 154 32.60 3.71 -18.36
CA ALA C 154 33.70 2.90 -18.84
C ALA C 154 33.86 2.99 -20.35
N GLN C 155 32.72 2.96 -21.05
CA GLN C 155 32.73 3.15 -22.50
C GLN C 155 33.33 4.50 -22.87
N LYS C 156 32.83 5.56 -22.25
CA LYS C 156 33.33 6.91 -22.50
C LYS C 156 34.84 6.93 -22.35
N LYS C 157 35.34 6.31 -21.29
CA LYS C 157 36.74 6.43 -20.91
C LYS C 157 37.64 5.70 -21.91
N LEU C 158 37.25 4.48 -22.26
CA LEU C 158 37.98 3.70 -23.25
C LEU C 158 37.99 4.42 -24.60
N GLU C 159 36.82 4.91 -25.01
CA GLU C 159 36.67 5.51 -26.33
C GLU C 159 37.50 6.77 -26.46
N THR C 160 37.59 7.53 -25.37
CA THR C 160 38.48 8.68 -25.30
C THR C 160 39.92 8.25 -25.56
N LEU C 161 40.32 7.15 -24.94
CA LEU C 161 41.70 6.66 -25.04
C LEU C 161 41.99 6.19 -26.46
N LEU C 162 41.02 5.54 -27.08
CA LEU C 162 41.19 5.01 -28.42
C LEU C 162 41.18 6.13 -29.46
N GLU C 163 40.39 7.17 -29.18
CA GLU C 163 40.46 8.41 -29.95
C GLU C 163 41.44 9.38 -29.29
N GLY C 187 46.50 2.37 -34.36
CA GLY C 187 46.38 1.82 -33.01
C GLY C 187 45.13 0.96 -32.87
N PRO C 188 44.84 0.54 -31.63
CA PRO C 188 43.71 -0.36 -31.36
C PRO C 188 42.37 0.35 -31.51
N LYS C 189 41.35 -0.40 -31.89
CA LYS C 189 40.02 0.17 -32.11
C LYS C 189 38.93 -0.74 -31.55
N ALA C 190 37.87 -0.14 -31.03
CA ALA C 190 36.66 -0.88 -30.68
C ALA C 190 35.81 -1.09 -31.92
N ASP C 191 35.63 -2.35 -32.31
CA ASP C 191 34.93 -2.68 -33.54
C ASP C 191 33.42 -2.62 -33.35
N LYS C 192 33.00 -2.65 -32.08
CA LYS C 192 31.59 -2.47 -31.76
C LYS C 192 31.42 -2.21 -30.27
N VAL C 193 30.36 -1.50 -29.92
CA VAL C 193 29.94 -1.38 -28.53
C VAL C 193 28.51 -1.88 -28.37
N LEU C 194 28.34 -2.85 -27.49
CA LEU C 194 27.02 -3.40 -27.20
C LEU C 194 26.60 -3.01 -25.79
N GLN C 195 25.38 -2.51 -25.66
CA GLN C 195 24.84 -2.14 -24.36
C GLN C 195 23.59 -2.96 -24.06
N PHE C 196 23.49 -3.47 -22.83
CA PHE C 196 22.32 -4.22 -22.41
C PHE C 196 21.67 -3.57 -21.20
N GLU C 197 20.37 -3.81 -21.05
CA GLU C 197 19.63 -3.25 -19.92
C GLU C 197 20.00 -3.97 -18.63
N PRO C 198 20.47 -3.21 -17.63
CA PRO C 198 20.76 -3.78 -16.32
C PRO C 198 19.60 -4.64 -15.83
N GLY C 199 19.90 -5.87 -15.43
CA GLY C 199 18.91 -6.74 -14.80
C GLY C 199 18.34 -7.76 -15.79
N THR C 200 18.75 -7.66 -17.04
CA THR C 200 18.34 -8.62 -18.06
C THR C 200 19.03 -9.96 -17.83
N LYS C 201 18.26 -11.03 -17.96
CA LYS C 201 18.80 -12.38 -17.80
C LYS C 201 18.93 -13.07 -19.16
N ASN C 202 17.92 -12.87 -20.01
CA ASN C 202 18.00 -13.31 -21.39
C ASN C 202 18.90 -12.37 -22.20
N LEU C 203 20.19 -12.71 -22.27
CA LEU C 203 21.16 -11.89 -22.97
C LEU C 203 21.63 -12.56 -24.25
N THR C 204 20.87 -13.55 -24.70
CA THR C 204 21.25 -14.32 -25.88
C THR C 204 21.28 -13.42 -27.12
N ALA C 205 20.28 -12.55 -27.23
CA ALA C 205 20.20 -11.63 -28.36
C ALA C 205 21.49 -10.82 -28.49
N LEU C 206 21.91 -10.19 -27.40
CA LEU C 206 23.08 -9.32 -27.43
C LEU C 206 24.33 -10.11 -27.81
N LEU C 207 24.47 -11.31 -27.26
CA LEU C 207 25.73 -12.03 -27.32
C LEU C 207 25.90 -12.72 -28.68
N LEU C 208 24.78 -13.17 -29.24
CA LEU C 208 24.78 -13.69 -30.62
C LEU C 208 25.22 -12.62 -31.59
N GLU C 209 24.87 -11.37 -31.31
CA GLU C 209 25.34 -10.24 -32.09
C GLU C 209 26.85 -10.10 -31.98
N ALA C 210 27.38 -10.33 -30.78
CA ALA C 210 28.82 -10.27 -30.55
C ALA C 210 29.51 -11.46 -31.23
N LYS C 211 28.86 -12.62 -31.18
CA LYS C 211 29.40 -13.82 -31.80
C LYS C 211 29.54 -13.64 -33.30
N GLU C 212 28.60 -12.91 -33.90
CA GLU C 212 28.68 -12.52 -35.30
C GLU C 212 30.09 -12.11 -35.69
N LEU C 213 30.65 -11.17 -34.94
CA LEU C 213 31.75 -10.34 -35.43
C LEU C 213 33.08 -11.08 -35.31
N GLU C 214 34.06 -10.67 -36.10
CA GLU C 214 35.27 -11.46 -36.28
C GLU C 214 36.30 -11.14 -35.20
N ALA C 215 36.12 -10.02 -34.52
CA ALA C 215 36.83 -9.76 -33.27
C ALA C 215 36.51 -10.84 -32.25
N ARG C 216 37.53 -11.25 -31.49
CA ARG C 216 37.37 -12.33 -30.53
C ARG C 216 37.83 -11.88 -29.14
N VAL C 217 38.13 -10.60 -29.00
CA VAL C 217 38.49 -10.03 -27.70
C VAL C 217 37.33 -9.23 -27.14
N ILE C 218 36.75 -9.72 -26.05
CA ILE C 218 35.55 -9.12 -25.47
C ILE C 218 35.90 -8.43 -24.14
N ILE C 219 35.56 -7.15 -24.06
CA ILE C 219 35.71 -6.41 -22.80
C ILE C 219 34.35 -6.14 -22.18
N LEU C 220 34.26 -6.30 -20.87
CA LEU C 220 32.98 -6.20 -20.17
C LEU C 220 33.05 -5.21 -19.02
N SER C 221 32.17 -4.21 -19.06
CA SER C 221 31.80 -3.48 -17.84
C SER C 221 30.38 -3.82 -17.42
N ALA C 222 30.25 -4.39 -16.23
CA ALA C 222 28.95 -4.78 -15.70
C ALA C 222 29.03 -4.97 -14.20
N SER C 223 27.89 -4.87 -13.53
CA SER C 223 27.81 -5.21 -12.11
C SER C 223 28.00 -6.70 -11.92
N GLU C 224 28.15 -7.10 -10.66
CA GLU C 224 28.41 -8.49 -10.32
C GLU C 224 27.31 -9.41 -10.87
N ASP C 225 26.06 -9.00 -10.68
CA ASP C 225 24.91 -9.83 -11.07
C ASP C 225 24.72 -9.82 -12.58
N ASP C 226 25.00 -8.69 -13.21
CA ASP C 226 24.84 -8.54 -14.65
C ASP C 226 25.95 -9.27 -15.40
N ALA C 227 27.15 -9.26 -14.83
CA ALA C 227 28.27 -10.03 -15.37
C ALA C 227 27.98 -11.53 -15.32
N THR C 228 27.37 -11.97 -14.23
CA THR C 228 26.92 -13.35 -14.12
C THR C 228 26.04 -13.73 -15.31
N ALA C 229 25.06 -12.87 -15.61
CA ALA C 229 24.11 -13.13 -16.67
C ALA C 229 24.81 -13.25 -18.01
N VAL C 230 25.75 -12.33 -18.26
CA VAL C 230 26.54 -12.37 -19.48
C VAL C 230 27.31 -13.68 -19.57
N TYR C 231 27.96 -14.06 -18.47
CA TYR C 231 28.82 -15.23 -18.45
C TYR C 231 28.02 -16.49 -18.76
N LYS C 232 26.85 -16.62 -18.15
CA LYS C 232 25.98 -17.77 -18.38
C LYS C 232 25.60 -17.87 -19.86
N SER C 233 25.03 -16.80 -20.39
CA SER C 233 24.59 -16.77 -21.78
C SER C 233 25.78 -17.03 -22.71
N ALA C 234 26.92 -16.45 -22.38
CA ALA C 234 28.11 -16.60 -23.20
C ALA C 234 28.54 -18.06 -23.26
N ALA C 235 28.29 -18.79 -22.18
CA ALA C 235 28.65 -20.21 -22.12
C ALA C 235 27.72 -21.02 -23.00
N MET C 236 26.42 -20.78 -22.88
CA MET C 236 25.42 -21.47 -23.69
C MET C 236 25.76 -21.38 -25.17
N LEU C 237 26.39 -20.26 -25.55
CA LEU C 237 26.68 -20.00 -26.96
C LEU C 237 28.13 -20.33 -27.29
N ASP C 238 28.82 -20.99 -26.35
CA ASP C 238 30.15 -21.52 -26.61
C ASP C 238 31.13 -20.41 -26.98
N MET C 239 31.09 -19.31 -26.22
CA MET C 239 31.94 -18.16 -26.49
C MET C 239 32.96 -17.97 -25.39
N THR C 240 33.14 -18.99 -24.56
CA THR C 240 34.07 -18.91 -23.44
C THR C 240 35.24 -19.86 -23.64
N GLY C 241 35.29 -20.50 -24.82
CA GLY C 241 36.32 -21.47 -25.13
C GLY C 241 37.47 -20.86 -25.91
N ALA C 242 38.15 -21.70 -26.69
CA ALA C 242 39.40 -21.30 -27.34
C ALA C 242 39.13 -20.28 -28.44
N GLY C 243 40.05 -19.34 -28.60
CA GLY C 243 39.93 -18.31 -29.63
C GLY C 243 39.37 -17.00 -29.09
N TYR C 244 38.61 -17.10 -28.00
CA TYR C 244 38.07 -15.92 -27.35
C TYR C 244 39.00 -15.43 -26.24
N VAL C 245 39.11 -14.12 -26.10
CA VAL C 245 39.66 -13.53 -24.88
C VAL C 245 38.59 -12.75 -24.13
N TRP C 246 38.56 -12.91 -22.81
CA TRP C 246 37.65 -12.13 -21.97
C TRP C 246 38.43 -11.20 -21.05
N LEU C 247 38.07 -9.93 -21.10
CA LEU C 247 38.82 -8.88 -20.44
C LEU C 247 37.85 -8.03 -19.64
N VAL C 248 38.09 -7.90 -18.34
CA VAL C 248 37.10 -7.30 -17.45
C VAL C 248 37.77 -6.53 -16.32
N GLY C 249 36.95 -5.98 -15.42
CA GLY C 249 37.46 -5.27 -14.26
C GLY C 249 37.30 -6.08 -12.99
N GLU C 250 36.95 -5.40 -11.91
CA GLU C 250 37.01 -5.99 -10.58
C GLU C 250 35.65 -6.55 -10.18
N ARG C 251 34.59 -5.81 -10.48
CA ARG C 251 33.24 -6.25 -10.15
C ARG C 251 32.90 -7.54 -10.88
N GLU C 252 33.49 -7.73 -12.06
CA GLU C 252 33.07 -8.78 -12.96
C GLU C 252 33.78 -10.09 -12.63
N ILE C 253 34.68 -10.02 -11.65
CA ILE C 253 35.25 -11.23 -11.06
C ILE C 253 35.08 -11.21 -9.54
N SER C 254 33.95 -10.70 -9.09
CA SER C 254 33.64 -10.64 -7.66
C SER C 254 32.38 -11.44 -7.34
N GLY C 255 32.28 -11.91 -6.10
CA GLY C 255 31.10 -12.61 -5.64
C GLY C 255 30.63 -13.63 -6.65
N SER C 256 29.35 -13.57 -6.99
CA SER C 256 28.72 -14.63 -7.78
C SER C 256 29.30 -14.67 -9.19
N ALA C 257 29.95 -13.60 -9.59
CA ALA C 257 30.46 -13.48 -10.95
C ALA C 257 31.61 -14.44 -11.19
N LEU C 258 32.33 -14.79 -10.12
CA LEU C 258 33.47 -15.67 -10.24
C LEU C 258 33.03 -17.10 -10.49
N ARG C 259 31.91 -17.47 -9.87
CA ARG C 259 31.36 -18.81 -10.00
C ARG C 259 31.17 -19.19 -11.47
N TYR C 260 30.66 -18.24 -12.25
CA TYR C 260 30.21 -18.54 -13.61
C TYR C 260 31.14 -17.94 -14.64
N ALA C 261 32.11 -17.15 -14.17
CA ALA C 261 33.17 -16.64 -15.02
C ALA C 261 33.81 -17.76 -15.83
N PRO C 262 34.12 -17.49 -17.11
CA PRO C 262 34.81 -18.44 -17.97
C PRO C 262 36.28 -18.60 -17.60
N ASP C 263 36.77 -19.83 -17.59
CA ASP C 263 38.17 -20.09 -17.28
C ASP C 263 39.09 -19.34 -18.24
N GLY C 264 40.15 -18.75 -17.71
CA GLY C 264 41.13 -18.05 -18.52
C GLY C 264 40.82 -16.57 -18.64
N ILE C 265 39.71 -16.15 -18.03
CA ILE C 265 39.35 -14.74 -18.00
C ILE C 265 40.47 -13.91 -17.39
N ILE C 266 40.54 -12.64 -17.80
CA ILE C 266 41.49 -11.71 -17.21
C ILE C 266 40.75 -10.50 -16.64
N GLY C 267 40.94 -10.27 -15.34
CA GLY C 267 40.29 -9.15 -14.67
C GLY C 267 41.29 -8.33 -13.88
N LEU C 268 40.78 -7.44 -13.04
CA LEU C 268 41.62 -6.48 -12.34
C LEU C 268 41.29 -6.44 -10.86
N GLN C 269 42.28 -6.07 -10.05
CA GLN C 269 42.06 -5.81 -8.64
C GLN C 269 42.87 -4.60 -8.20
N LEU C 270 42.17 -3.53 -7.83
CA LEU C 270 42.82 -2.35 -7.28
C LEU C 270 43.59 -2.72 -6.01
N ILE C 271 44.92 -2.64 -6.08
CA ILE C 271 45.76 -2.95 -4.93
C ILE C 271 45.45 -2.00 -3.78
N ASN C 272 45.08 -2.56 -2.64
CA ASN C 272 44.76 -1.77 -1.45
C ASN C 272 43.40 -1.08 -1.60
N GLY C 273 42.64 -1.51 -2.60
CA GLY C 273 41.38 -0.84 -2.94
C GLY C 273 40.37 -0.88 -1.81
N LYS C 274 40.46 -1.91 -0.97
CA LYS C 274 39.50 -2.11 0.10
C LYS C 274 40.16 -1.93 1.46
N ASN C 275 41.43 -1.56 1.45
CA ASN C 275 42.20 -1.39 2.68
C ASN C 275 41.96 0.00 3.27
N GLU C 276 40.99 0.09 4.18
CA GLU C 276 40.53 1.38 4.69
C GLU C 276 41.63 2.05 5.52
N SER C 277 42.45 1.24 6.19
CA SER C 277 43.52 1.77 7.01
C SER C 277 44.58 2.45 6.16
N ALA C 278 44.96 1.79 5.06
CA ALA C 278 45.95 2.36 4.15
C ALA C 278 45.51 3.74 3.67
N HIS C 279 44.22 3.87 3.37
CA HIS C 279 43.72 5.03 2.66
C HIS C 279 43.41 6.16 3.63
N ILE C 280 42.94 5.82 4.83
CA ILE C 280 42.94 6.76 5.94
C ILE C 280 44.29 7.42 6.09
N SER C 281 45.33 6.61 6.12
CA SER C 281 46.69 7.10 6.36
C SER C 281 47.12 8.05 5.25
N ASP C 282 46.86 7.66 4.00
CA ASP C 282 47.28 8.46 2.85
C ASP C 282 46.46 9.74 2.73
N ALA C 283 45.15 9.63 2.95
CA ALA C 283 44.26 10.77 2.83
C ALA C 283 44.61 11.85 3.85
N VAL C 284 44.88 11.43 5.08
CA VAL C 284 45.26 12.36 6.15
C VAL C 284 46.53 13.12 5.76
N ALA C 285 47.50 12.40 5.19
CA ALA C 285 48.78 12.99 4.84
C ALA C 285 48.59 14.07 3.77
N VAL C 286 47.68 13.81 2.85
CA VAL C 286 47.42 14.73 1.76
C VAL C 286 46.64 15.94 2.25
N VAL C 287 45.67 15.70 3.12
CA VAL C 287 44.86 16.77 3.68
C VAL C 287 45.70 17.62 4.62
N ALA C 288 46.54 16.98 5.42
CA ALA C 288 47.46 17.70 6.29
C ALA C 288 48.37 18.62 5.48
N GLN C 289 48.96 18.08 4.43
CA GLN C 289 49.86 18.82 3.57
C GLN C 289 49.15 20.03 2.96
N ALA C 290 47.92 19.82 2.51
CA ALA C 290 47.14 20.87 1.87
C ALA C 290 46.75 21.95 2.87
N ILE C 291 46.48 21.54 4.10
CA ILE C 291 46.11 22.48 5.16
C ILE C 291 47.25 23.46 5.42
N HIS C 292 48.46 22.93 5.55
CA HIS C 292 49.63 23.74 5.83
C HIS C 292 49.98 24.63 4.65
N GLU C 293 49.69 24.14 3.44
CA GLU C 293 49.86 24.93 2.23
C GLU C 293 48.83 26.05 2.16
N LEU C 294 47.59 25.74 2.56
CA LEU C 294 46.52 26.72 2.60
C LEU C 294 46.92 27.92 3.45
N PHE C 295 47.57 27.65 4.58
CA PHE C 295 47.69 28.64 5.65
C PHE C 295 48.94 29.49 5.48
N GLU C 296 49.67 29.27 4.39
CA GLU C 296 50.70 30.20 3.96
C GLU C 296 50.19 31.06 2.80
N MET C 297 48.89 31.00 2.56
CA MET C 297 48.20 32.06 1.83
C MET C 297 47.44 32.97 2.78
N GLU C 298 46.90 34.06 2.25
CA GLU C 298 46.33 35.11 3.08
C GLU C 298 44.81 35.03 3.08
N ASN C 299 44.20 35.57 4.14
CA ASN C 299 42.74 35.71 4.21
C ASN C 299 42.07 34.35 4.21
N ILE C 300 42.64 33.42 4.98
CA ILE C 300 41.97 32.15 5.26
C ILE C 300 40.90 32.32 6.33
N THR C 301 39.66 32.01 5.97
CA THR C 301 38.56 32.06 6.92
C THR C 301 38.27 30.67 7.48
N ASP C 302 37.65 30.63 8.65
CA ASP C 302 37.26 29.37 9.26
C ASP C 302 35.94 28.88 8.68
N PRO C 303 35.76 27.55 8.62
CA PRO C 303 34.48 26.97 8.24
C PRO C 303 33.41 27.30 9.27
N PRO C 304 32.13 27.22 8.87
CA PRO C 304 31.05 27.47 9.81
C PRO C 304 31.11 26.52 11.00
N ARG C 305 30.88 27.04 12.20
CA ARG C 305 30.73 26.21 13.38
C ARG C 305 29.28 25.75 13.51
N GLY C 306 29.01 24.52 13.09
CA GLY C 306 27.67 23.95 13.16
C GLY C 306 26.83 24.33 11.96
N CYS C 307 25.76 23.56 11.73
CA CYS C 307 24.88 23.79 10.60
C CYS C 307 23.83 24.83 10.93
N VAL C 308 23.31 24.79 12.15
CA VAL C 308 22.15 25.57 12.53
C VAL C 308 22.44 27.06 12.37
N GLY C 309 21.63 27.73 11.56
CA GLY C 309 21.72 29.18 11.41
C GLY C 309 22.65 29.60 10.27
N ASN C 310 23.29 28.61 9.65
CA ASN C 310 24.35 28.88 8.69
C ASN C 310 23.98 28.35 7.31
N THR C 311 23.77 29.26 6.36
CA THR C 311 23.31 28.88 5.03
C THR C 311 24.25 29.37 3.94
N ASN C 312 25.23 30.19 4.33
CA ASN C 312 26.25 30.64 3.39
C ASN C 312 27.40 29.64 3.31
N ILE C 313 28.06 29.60 2.16
CA ILE C 313 29.20 28.69 1.98
C ILE C 313 30.39 29.15 2.81
N TRP C 314 31.23 28.20 3.20
CA TRP C 314 32.59 28.50 3.63
C TRP C 314 33.38 29.20 2.53
N LYS C 315 33.73 30.46 2.76
CA LYS C 315 34.24 31.31 1.69
C LYS C 315 35.58 30.80 1.16
N THR C 316 36.30 30.08 2.01
CA THR C 316 37.63 29.59 1.66
C THR C 316 37.57 28.16 1.11
N GLY C 317 36.38 27.57 1.15
CA GLY C 317 36.20 26.19 0.71
C GLY C 317 36.74 25.94 -0.68
N PRO C 318 36.30 26.75 -1.66
CA PRO C 318 36.72 26.60 -3.05
C PRO C 318 38.23 26.73 -3.23
N LEU C 319 38.86 27.61 -2.45
CA LEU C 319 40.31 27.76 -2.49
C LEU C 319 40.98 26.47 -1.99
N PHE C 320 40.50 25.98 -0.85
CA PHE C 320 41.04 24.76 -0.26
C PHE C 320 40.91 23.60 -1.24
N LYS C 321 39.80 23.55 -1.97
CA LYS C 321 39.60 22.50 -2.96
C LYS C 321 40.68 22.56 -4.04
N ARG C 322 41.00 23.76 -4.50
CA ARG C 322 42.01 23.93 -5.54
C ARG C 322 43.38 23.46 -5.04
N VAL C 323 43.70 23.79 -3.80
CA VAL C 323 44.94 23.35 -3.19
C VAL C 323 44.98 21.82 -3.09
N LEU C 324 43.90 21.23 -2.61
CA LEU C 324 43.80 19.78 -2.50
C LEU C 324 43.98 19.13 -3.87
N MET C 325 43.28 19.65 -4.88
CA MET C 325 43.26 19.04 -6.20
C MET C 325 44.68 18.89 -6.75
N SER C 326 45.54 19.84 -6.41
CA SER C 326 46.87 19.90 -7.01
C SER C 326 47.93 19.44 -6.03
N SER C 327 47.50 18.81 -4.94
CA SER C 327 48.43 18.25 -3.96
C SER C 327 49.05 16.95 -4.49
N LYS C 328 50.35 16.83 -4.28
CA LYS C 328 51.06 15.61 -4.64
C LYS C 328 51.73 14.99 -3.41
N TYR C 329 51.45 13.72 -3.16
CA TYR C 329 52.11 12.97 -2.09
C TYR C 329 52.71 11.68 -2.63
N PRO C 330 54.00 11.69 -2.93
CA PRO C 330 54.65 10.64 -3.72
C PRO C 330 54.88 9.37 -2.91
N ASP C 331 55.09 9.52 -1.60
CA ASP C 331 55.54 8.41 -0.77
C ASP C 331 54.39 7.85 0.06
N GLY C 332 53.25 7.63 -0.58
CA GLY C 332 52.06 7.15 0.10
C GLY C 332 52.04 5.64 0.24
N VAL C 333 51.35 5.14 1.26
CA VAL C 333 51.21 3.71 1.46
C VAL C 333 50.66 3.04 0.21
N THR C 334 49.74 3.73 -0.46
CA THR C 334 49.08 3.17 -1.63
C THR C 334 49.73 3.68 -2.92
N GLY C 335 50.91 4.25 -2.80
CA GLY C 335 51.67 4.71 -3.96
C GLY C 335 51.67 6.21 -4.09
N ARG C 336 51.84 6.70 -5.32
CA ARG C 336 51.86 8.13 -5.60
C ARG C 336 50.46 8.70 -5.61
N ILE C 337 50.18 9.62 -4.70
CA ILE C 337 48.89 10.30 -4.65
C ILE C 337 48.92 11.58 -5.49
N GLU C 338 48.15 11.60 -6.57
CA GLU C 338 47.72 12.84 -7.19
C GLU C 338 46.26 12.73 -7.61
N PHE C 339 45.69 13.84 -8.05
CA PHE C 339 44.29 13.87 -8.47
C PHE C 339 44.15 14.48 -9.86
N ASN C 340 43.12 14.05 -10.59
CA ASN C 340 42.87 14.57 -11.93
C ASN C 340 41.78 15.63 -11.90
N GLU C 341 41.32 16.03 -13.10
CA GLU C 341 40.38 17.14 -13.23
C GLU C 341 39.10 16.88 -12.44
N ASP C 342 38.77 15.60 -12.24
CA ASP C 342 37.52 15.22 -11.60
C ASP C 342 37.73 14.97 -10.10
N GLY C 343 38.95 15.18 -9.64
CA GLY C 343 39.29 14.94 -8.24
C GLY C 343 39.49 13.45 -7.96
N ASP C 344 39.76 12.68 -9.01
CA ASP C 344 39.91 11.24 -8.88
C ASP C 344 41.38 10.85 -8.80
N ARG C 345 41.67 9.80 -8.04
CA ARG C 345 43.04 9.34 -7.84
C ARG C 345 43.73 8.99 -9.15
N LYS C 346 44.93 9.52 -9.34
CA LYS C 346 45.79 9.10 -10.45
C LYS C 346 46.89 8.16 -9.96
N PHE C 347 47.46 7.40 -10.90
CA PHE C 347 48.60 6.54 -10.59
C PHE C 347 48.20 5.45 -9.61
N ALA C 348 46.95 5.00 -9.71
CA ALA C 348 46.50 3.82 -8.97
C ALA C 348 47.12 2.55 -9.53
N GLN C 349 47.25 1.54 -8.68
CA GLN C 349 47.94 0.31 -9.04
C GLN C 349 46.99 -0.88 -8.99
N TYR C 350 47.01 -1.69 -10.05
CA TYR C 350 46.10 -2.83 -10.16
C TYR C 350 46.87 -4.14 -10.21
N SER C 351 46.33 -5.16 -9.56
CA SER C 351 46.68 -6.55 -9.88
C SER C 351 45.97 -7.00 -11.16
N ILE C 352 46.74 -7.55 -12.09
CA ILE C 352 46.18 -8.22 -13.25
C ILE C 352 45.95 -9.70 -12.96
N MET C 353 44.69 -10.12 -12.99
CA MET C 353 44.30 -11.41 -12.44
C MET C 353 43.82 -12.35 -13.54
N ASN C 354 44.17 -13.61 -13.43
CA ASN C 354 43.85 -14.59 -14.46
C ASN C 354 43.29 -15.86 -13.81
N LEU C 355 42.17 -16.34 -14.32
CA LEU C 355 41.46 -17.46 -13.70
C LEU C 355 42.08 -18.80 -14.13
N GLN C 356 42.96 -19.32 -13.28
CA GLN C 356 43.70 -20.55 -13.56
C GLN C 356 43.36 -21.63 -12.56
N ASN C 357 43.06 -22.84 -13.04
CA ASN C 357 42.87 -23.98 -12.16
C ASN C 357 41.99 -23.61 -10.97
N ARG C 358 40.96 -22.81 -11.22
CA ARG C 358 39.94 -22.56 -10.23
C ARG C 358 40.47 -21.65 -9.13
N LYS C 359 41.50 -20.88 -9.47
CA LYS C 359 41.97 -19.83 -8.59
C LYS C 359 42.23 -18.55 -9.38
N LEU C 360 42.00 -17.41 -8.75
CA LEU C 360 42.44 -16.14 -9.30
C LEU C 360 43.93 -15.94 -9.04
N VAL C 361 44.68 -15.72 -10.10
CA VAL C 361 46.14 -15.72 -10.02
C VAL C 361 46.70 -14.45 -10.65
N GLN C 362 47.59 -13.79 -9.91
CA GLN C 362 48.15 -12.54 -10.38
C GLN C 362 49.25 -12.80 -11.39
N VAL C 363 49.03 -12.36 -12.63
CA VAL C 363 49.97 -12.58 -13.71
C VAL C 363 50.75 -11.31 -14.02
N GLY C 364 50.49 -10.26 -13.24
CA GLY C 364 51.19 -9.00 -13.42
C GLY C 364 50.57 -7.88 -12.58
N ILE C 365 51.12 -6.68 -12.70
CA ILE C 365 50.51 -5.51 -12.11
C ILE C 365 50.60 -4.32 -13.06
N PHE C 366 49.65 -3.39 -12.92
CA PHE C 366 49.76 -2.07 -13.51
C PHE C 366 50.28 -1.08 -12.48
N ASN C 367 51.50 -0.58 -12.69
CA ASN C 367 52.26 0.05 -11.61
C ASN C 367 51.91 1.53 -11.47
N GLY C 368 50.95 1.97 -12.27
CA GLY C 368 50.55 3.38 -12.27
C GLY C 368 50.60 3.98 -13.66
N SER C 369 51.49 3.45 -14.51
CA SER C 369 51.66 3.97 -15.86
C SER C 369 52.15 2.89 -16.81
N TYR C 370 52.63 1.77 -16.25
CA TYR C 370 53.21 0.70 -17.05
C TYR C 370 52.73 -0.66 -16.56
N ILE C 371 52.57 -1.59 -17.50
CA ILE C 371 52.30 -2.98 -17.16
C ILE C 371 53.60 -3.73 -16.87
N ILE C 372 53.65 -4.40 -15.72
CA ILE C 372 54.77 -5.28 -15.41
C ILE C 372 54.31 -6.72 -15.27
N GLN C 373 54.71 -7.56 -16.22
CA GLN C 373 54.36 -8.98 -16.19
C GLN C 373 55.29 -9.73 -15.22
N ASN C 374 54.69 -10.55 -14.37
CA ASN C 374 55.46 -11.44 -13.51
C ASN C 374 55.69 -12.79 -14.19
N ASP C 375 56.39 -13.68 -13.51
CA ASP C 375 56.93 -14.87 -14.13
C ASP C 375 55.83 -15.84 -14.54
N ARG C 376 54.62 -15.59 -14.03
CA ARG C 376 53.54 -16.56 -14.10
C ARG C 376 52.89 -16.56 -15.49
N LYS C 377 52.85 -17.73 -16.12
CA LYS C 377 52.31 -17.85 -17.47
C LYS C 377 50.80 -17.66 -17.46
N ILE C 378 50.31 -16.75 -18.29
CA ILE C 378 48.87 -16.59 -18.49
C ILE C 378 48.28 -17.80 -19.20
N ILE C 379 47.11 -18.24 -18.74
CA ILE C 379 46.38 -19.31 -19.41
C ILE C 379 45.05 -18.80 -19.96
N TRP C 380 44.91 -18.84 -21.28
CA TRP C 380 43.76 -18.22 -21.94
C TRP C 380 42.59 -19.19 -22.01
N PRO C 381 41.39 -18.67 -22.32
CA PRO C 381 40.21 -19.51 -22.51
C PRO C 381 40.46 -20.62 -23.53
N GLY C 382 40.26 -21.87 -23.12
CA GLY C 382 40.85 -23.01 -23.82
C GLY C 382 42.03 -23.58 -23.06
N GLY C 383 43.24 -23.13 -23.41
CA GLY C 383 44.46 -23.65 -22.79
C GLY C 383 45.48 -24.07 -23.82
N PRO D 1 -15.93 11.25 6.81
CA PRO D 1 -14.72 10.92 6.06
C PRO D 1 -13.44 11.23 6.83
N PRO D 2 -12.46 10.31 6.78
CA PRO D 2 -11.30 10.35 7.66
C PRO D 2 -10.33 11.48 7.31
N SER D 3 -9.54 11.92 8.29
CA SER D 3 -8.67 13.07 8.12
C SER D 3 -7.23 12.62 7.87
N ILE D 4 -6.59 13.24 6.88
CA ILE D 4 -5.16 13.06 6.67
C ILE D 4 -4.40 14.32 7.06
N GLY D 5 -3.26 14.13 7.73
CA GLY D 5 -2.46 15.24 8.21
C GLY D 5 -1.62 15.85 7.12
N ILE D 6 -1.76 17.17 6.93
CA ILE D 6 -0.89 17.91 6.03
C ILE D 6 -0.22 19.05 6.76
N ALA D 7 1.11 18.96 6.89
CA ALA D 7 1.89 20.06 7.44
C ALA D 7 2.19 21.09 6.35
N VAL D 8 1.87 22.35 6.63
CA VAL D 8 2.26 23.45 5.78
C VAL D 8 3.37 24.23 6.47
N ILE D 9 4.55 24.25 5.87
CA ILE D 9 5.70 24.86 6.51
C ILE D 9 6.02 26.22 5.88
N LEU D 10 6.09 27.24 6.71
CA LEU D 10 6.29 28.60 6.24
C LEU D 10 7.58 29.18 6.80
N VAL D 11 8.52 29.48 5.91
CA VAL D 11 9.77 30.12 6.29
C VAL D 11 9.70 31.61 6.00
N GLY D 12 10.00 32.42 7.01
CA GLY D 12 10.07 33.87 6.83
C GLY D 12 8.70 34.51 6.89
N THR D 13 8.68 35.84 6.88
CA THR D 13 7.44 36.59 7.04
C THR D 13 6.35 36.05 6.11
N SER D 14 5.13 35.99 6.60
CA SER D 14 3.99 35.55 5.80
C SER D 14 2.70 35.71 6.57
N ASP D 15 1.62 36.01 5.86
CA ASP D 15 0.31 36.19 6.46
C ASP D 15 -0.39 34.84 6.65
N GLU D 16 -0.18 34.23 7.81
CA GLU D 16 -0.82 32.97 8.15
C GLU D 16 -2.34 33.10 8.05
N VAL D 17 -2.85 34.27 8.42
CA VAL D 17 -4.30 34.50 8.41
C VAL D 17 -4.84 34.48 6.98
N ALA D 18 -4.17 35.19 6.09
CA ALA D 18 -4.56 35.20 4.68
C ALA D 18 -4.48 33.80 4.09
N ILE D 19 -3.58 32.98 4.62
CA ILE D 19 -3.34 31.66 4.08
C ILE D 19 -4.43 30.68 4.51
N LYS D 20 -4.65 30.60 5.81
CA LYS D 20 -5.79 29.85 6.35
C LYS D 20 -7.09 30.30 5.69
N ASP D 21 -7.18 31.58 5.39
CA ASP D 21 -8.42 32.16 4.87
C ASP D 21 -8.73 31.67 3.47
N ALA D 22 -7.68 31.40 2.69
CA ALA D 22 -7.84 30.95 1.31
C ALA D 22 -8.15 29.46 1.27
N HIS D 23 -7.87 28.79 2.38
CA HIS D 23 -8.06 27.35 2.46
C HIS D 23 -9.41 27.02 3.08
N GLU D 24 -10.06 28.05 3.62
CA GLU D 24 -11.38 27.89 4.23
C GLU D 24 -12.47 27.73 3.17
N LYS D 25 -12.08 27.87 1.90
CA LYS D 25 -12.73 27.11 0.83
C LYS D 25 -12.27 25.66 0.89
N ASP D 26 -11.87 25.25 2.08
CA ASP D 26 -11.45 23.87 2.34
C ASP D 26 -12.63 22.93 2.58
N ASP D 27 -13.76 23.48 3.03
CA ASP D 27 -15.01 22.73 3.09
C ASP D 27 -15.40 22.33 1.67
N PHE D 28 -14.54 22.70 0.72
CA PHE D 28 -14.74 22.37 -0.68
C PHE D 28 -14.55 20.88 -0.90
N HIS D 29 -13.97 20.21 0.08
CA HIS D 29 -13.49 18.86 -0.12
C HIS D 29 -14.59 17.84 0.15
N HIS D 30 -15.20 17.41 -0.95
CA HIS D 30 -16.31 16.48 -0.98
C HIS D 30 -15.78 15.07 -0.80
N LEU D 31 -14.46 14.94 -0.83
CA LEU D 31 -13.81 13.76 -1.39
C LEU D 31 -13.91 12.61 -0.41
N SER D 32 -13.18 11.53 -0.68
CA SER D 32 -13.12 10.40 0.23
C SER D 32 -12.37 10.77 1.51
N VAL D 33 -11.57 11.83 1.43
CA VAL D 33 -10.72 12.22 2.55
C VAL D 33 -10.77 13.74 2.75
N VAL D 34 -10.53 14.17 3.99
CA VAL D 34 -10.41 15.59 4.28
C VAL D 34 -9.08 15.92 4.96
N PRO D 35 -8.50 17.08 4.64
CA PRO D 35 -7.23 17.51 5.20
C PRO D 35 -7.38 18.00 6.64
N ARG D 36 -6.46 17.60 7.51
CA ARG D 36 -6.24 18.29 8.77
C ARG D 36 -4.95 19.10 8.71
N VAL D 37 -5.09 20.41 8.53
CA VAL D 37 -3.96 21.25 8.16
C VAL D 37 -3.27 21.82 9.39
N GLU D 38 -1.95 21.75 9.40
CA GLU D 38 -1.15 22.32 10.49
C GLU D 38 -0.10 23.27 9.93
N LEU D 39 -0.33 24.57 10.11
CA LEU D 39 0.70 25.57 9.84
C LEU D 39 1.86 25.42 10.83
N VAL D 40 3.06 25.23 10.28
CA VAL D 40 4.27 25.30 11.08
C VAL D 40 5.18 26.41 10.57
N ALA D 41 5.74 27.19 11.49
CA ALA D 41 6.68 28.25 11.14
C ALA D 41 8.11 27.78 11.38
N MET D 42 9.01 28.15 10.47
CA MET D 42 10.42 27.81 10.60
C MET D 42 11.28 29.02 10.28
N ASN D 43 12.33 29.22 11.07
CA ASN D 43 13.12 30.45 10.99
C ASN D 43 14.46 30.20 10.31
N GLU D 44 14.90 28.94 10.28
CA GLU D 44 16.18 28.60 9.68
C GLU D 44 15.99 27.66 8.48
N THR D 45 16.94 27.70 7.55
CA THR D 45 16.85 26.92 6.33
C THR D 45 18.16 26.21 6.01
N ASP D 46 18.97 25.98 7.03
CA ASP D 46 20.10 25.05 6.93
C ASP D 46 19.61 23.61 6.96
N PRO D 47 20.46 22.67 6.50
CA PRO D 47 20.09 21.27 6.36
C PRO D 47 19.55 20.66 7.65
N LYS D 48 20.25 20.88 8.77
CA LYS D 48 19.86 20.27 10.04
C LYS D 48 18.50 20.79 10.49
N SER D 49 18.33 22.11 10.42
CA SER D 49 17.09 22.73 10.86
C SER D 49 15.90 22.21 10.06
N ILE D 50 16.09 22.09 8.75
CA ILE D 50 15.01 21.65 7.87
C ILE D 50 14.68 20.18 8.10
N ILE D 51 15.73 19.38 8.28
CA ILE D 51 15.55 17.95 8.49
C ILE D 51 14.90 17.67 9.86
N THR D 52 15.47 18.26 10.90
CA THR D 52 14.98 18.03 12.26
C THR D 52 13.55 18.52 12.41
N ARG D 53 13.21 19.58 11.70
CA ARG D 53 11.88 20.18 11.81
C ARG D 53 10.83 19.27 11.21
N ILE D 54 11.10 18.76 10.02
CA ILE D 54 10.17 17.87 9.32
C ILE D 54 10.09 16.52 10.02
N CYS D 55 11.22 16.07 10.55
CA CYS D 55 11.29 14.77 11.22
C CYS D 55 10.54 14.81 12.55
N ASP D 56 10.66 15.92 13.27
CA ASP D 56 9.92 16.12 14.51
C ASP D 56 8.42 16.16 14.25
N LEU D 57 8.03 16.87 13.19
CA LEU D 57 6.64 16.88 12.76
C LEU D 57 6.14 15.46 12.53
N MET D 58 6.95 14.65 11.85
CA MET D 58 6.51 13.34 11.39
C MET D 58 6.36 12.38 12.56
N SER D 59 7.03 12.70 13.66
CA SER D 59 7.00 11.84 14.84
C SER D 59 6.03 12.37 15.89
N ASP D 60 5.73 13.67 15.81
CA ASP D 60 4.71 14.27 16.66
C ASP D 60 3.47 14.62 15.84
N ARG D 61 2.87 13.61 15.21
CA ARG D 61 1.74 13.81 14.32
C ARG D 61 1.88 12.94 13.07
N LYS D 62 0.76 12.55 12.49
CA LYS D 62 0.76 11.66 11.33
C LYS D 62 0.63 12.46 10.03
N ILE D 63 1.75 12.67 9.36
CA ILE D 63 1.81 13.60 8.23
C ILE D 63 1.81 12.85 6.91
N GLN D 64 0.76 13.05 6.12
CA GLN D 64 0.64 12.39 4.83
C GLN D 64 1.45 13.12 3.76
N GLY D 65 1.76 14.37 4.02
CA GLY D 65 2.37 15.23 3.01
C GLY D 65 2.77 16.58 3.56
N VAL D 66 3.74 17.21 2.91
CA VAL D 66 4.24 18.51 3.33
C VAL D 66 4.03 19.55 2.23
N VAL D 67 3.50 20.71 2.60
CA VAL D 67 3.51 21.87 1.72
C VAL D 67 4.48 22.91 2.25
N PHE D 68 5.48 23.25 1.44
CA PHE D 68 6.64 24.02 1.91
C PHE D 68 6.80 25.31 1.11
N ALA D 69 6.83 26.43 1.82
CA ALA D 69 7.10 27.72 1.20
C ALA D 69 8.15 28.48 2.01
N ASP D 70 9.04 29.17 1.31
CA ASP D 70 10.03 30.02 1.96
C ASP D 70 10.20 31.35 1.22
N ASP D 71 10.86 32.30 1.87
CA ASP D 71 11.02 33.64 1.33
C ASP D 71 12.47 33.91 0.95
N THR D 72 13.21 32.85 0.69
CA THR D 72 14.66 32.97 0.45
C THR D 72 14.98 32.79 -1.02
N ASP D 73 16.25 32.97 -1.36
CA ASP D 73 16.73 32.69 -2.72
C ASP D 73 17.59 31.44 -2.73
N GLN D 74 17.37 30.56 -1.75
CA GLN D 74 18.27 29.43 -1.52
C GLN D 74 17.78 28.18 -2.25
N GLU D 75 18.36 27.94 -3.43
CA GLU D 75 17.92 26.82 -4.26
C GLU D 75 18.27 25.48 -3.62
N ALA D 76 19.11 25.53 -2.59
CA ALA D 76 19.54 24.31 -1.91
C ALA D 76 18.41 23.72 -1.08
N ILE D 77 17.44 24.55 -0.71
CA ILE D 77 16.26 24.09 0.01
C ILE D 77 15.55 23.00 -0.79
N ALA D 78 15.44 23.20 -2.10
CA ALA D 78 14.78 22.25 -2.98
C ALA D 78 15.51 20.91 -2.94
N GLN D 79 16.83 20.99 -2.80
CA GLN D 79 17.68 19.81 -2.85
C GLN D 79 17.55 19.03 -1.55
N ILE D 80 17.50 19.74 -0.43
CA ILE D 80 17.30 19.14 0.87
C ILE D 80 15.93 18.46 0.95
N LEU D 81 14.94 19.07 0.32
CA LEU D 81 13.56 18.57 0.39
C LEU D 81 13.41 17.30 -0.43
N ASP D 82 14.01 17.27 -1.61
CA ASP D 82 14.07 16.05 -2.41
C ASP D 82 14.69 14.91 -1.61
N PHE D 83 15.85 15.19 -1.01
CA PHE D 83 16.54 14.22 -0.19
C PHE D 83 15.62 13.68 0.90
N ILE D 84 15.01 14.58 1.65
CA ILE D 84 14.11 14.20 2.72
C ILE D 84 12.91 13.41 2.17
N SER D 85 12.39 13.87 1.05
CA SER D 85 11.20 13.24 0.45
C SER D 85 11.50 11.80 0.07
N ALA D 86 12.68 11.58 -0.50
CA ALA D 86 13.05 10.26 -1.00
C ALA D 86 13.35 9.32 0.15
N GLN D 87 13.98 9.84 1.20
CA GLN D 87 14.41 9.02 2.33
C GLN D 87 13.23 8.58 3.17
N THR D 88 12.22 9.43 3.28
CA THR D 88 11.07 9.16 4.15
C THR D 88 9.88 8.70 3.33
N LEU D 89 10.02 8.71 2.01
CA LEU D 89 8.89 8.48 1.11
C LEU D 89 7.67 9.25 1.59
N THR D 90 7.83 10.57 1.69
CA THR D 90 6.72 11.47 2.01
C THR D 90 6.61 12.54 0.94
N PRO D 91 5.40 12.73 0.39
CA PRO D 91 5.15 13.81 -0.57
C PRO D 91 5.52 15.18 -0.01
N ILE D 92 6.33 15.92 -0.76
CA ILE D 92 6.63 17.30 -0.42
C ILE D 92 6.45 18.20 -1.65
N LEU D 93 5.68 19.27 -1.47
CA LEU D 93 5.55 20.28 -2.51
C LEU D 93 6.34 21.53 -2.14
N GLY D 94 7.28 21.90 -3.00
CA GLY D 94 7.93 23.20 -2.90
C GLY D 94 7.25 24.23 -3.78
N ILE D 95 6.52 25.14 -3.16
CA ILE D 95 5.54 25.95 -3.87
C ILE D 95 6.03 27.38 -4.07
N HIS D 96 7.02 27.79 -3.30
CA HIS D 96 7.47 29.18 -3.30
C HIS D 96 8.89 29.33 -2.75
N GLY D 97 9.69 30.15 -3.41
CA GLY D 97 10.99 30.53 -2.88
C GLY D 97 12.07 29.55 -3.30
N GLY D 98 13.06 29.37 -2.44
CA GLY D 98 14.14 28.41 -2.70
C GLY D 98 13.61 27.02 -2.99
N SER D 99 12.51 26.65 -2.35
CA SER D 99 11.98 25.30 -2.47
C SER D 99 11.45 25.03 -3.87
N SER D 100 11.14 26.10 -4.60
CA SER D 100 10.50 25.98 -5.90
C SER D 100 11.50 26.13 -7.04
N MET D 101 12.75 26.42 -6.68
CA MET D 101 13.82 26.58 -7.67
C MET D 101 14.26 25.24 -8.21
N ILE D 102 14.43 25.16 -9.54
CA ILE D 102 14.45 23.88 -10.21
C ILE D 102 15.43 22.93 -9.54
N MET D 103 14.96 21.71 -9.32
CA MET D 103 15.80 20.61 -8.91
C MET D 103 15.83 19.60 -10.05
N ALA D 104 16.85 19.69 -10.89
CA ALA D 104 17.07 18.67 -11.91
C ALA D 104 17.69 17.43 -11.27
N ASP D 105 17.51 16.28 -11.91
CA ASP D 105 17.92 15.00 -11.34
C ASP D 105 17.38 14.81 -9.92
N LYS D 106 16.06 14.72 -9.81
CA LYS D 106 15.42 14.26 -8.58
C LYS D 106 15.63 12.77 -8.37
N ASP D 107 15.71 12.35 -7.12
CA ASP D 107 15.91 10.95 -6.78
C ASP D 107 14.83 10.08 -7.41
N GLU D 108 15.18 8.86 -7.79
CA GLU D 108 14.22 7.90 -8.31
C GLU D 108 13.02 7.77 -7.39
N SER D 109 13.29 7.77 -6.08
CA SER D 109 12.26 7.46 -5.08
C SER D 109 11.64 8.74 -4.54
N SER D 110 12.04 9.88 -5.08
CA SER D 110 11.55 11.16 -4.61
C SER D 110 10.05 11.25 -4.82
N MET D 111 9.36 11.89 -3.89
CA MET D 111 8.00 12.36 -4.10
C MET D 111 7.96 13.88 -3.89
N PHE D 112 8.93 14.55 -4.49
CA PHE D 112 9.08 15.99 -4.34
C PHE D 112 8.65 16.70 -5.62
N PHE D 113 7.72 17.64 -5.48
CA PHE D 113 7.15 18.31 -6.65
C PHE D 113 7.17 19.83 -6.45
N GLN D 114 7.44 20.56 -7.52
CA GLN D 114 7.68 21.99 -7.42
C GLN D 114 6.71 22.78 -8.31
N PHE D 115 6.13 23.83 -7.74
CA PHE D 115 5.55 24.90 -8.54
C PHE D 115 6.64 25.65 -9.29
N GLY D 116 6.40 25.93 -10.56
CA GLY D 116 7.40 26.57 -11.40
C GLY D 116 7.70 25.75 -12.65
N PRO D 117 8.36 26.38 -13.62
CA PRO D 117 8.61 25.77 -14.93
C PRO D 117 9.82 24.85 -14.90
N SER D 118 9.79 23.81 -15.73
CA SER D 118 10.98 23.00 -15.98
C SER D 118 12.09 23.84 -16.59
N ILE D 119 13.29 23.28 -16.61
CA ILE D 119 14.43 23.91 -17.28
C ILE D 119 14.18 24.01 -18.78
N GLU D 120 13.63 22.94 -19.36
CA GLU D 120 13.51 22.83 -20.79
C GLU D 120 12.42 23.76 -21.32
N GLN D 121 11.40 23.97 -20.49
CA GLN D 121 10.34 24.93 -20.78
C GLN D 121 10.92 26.34 -20.88
N GLN D 122 11.66 26.74 -19.84
CA GLN D 122 12.26 28.06 -19.80
C GLN D 122 13.19 28.27 -20.99
N ALA D 123 13.97 27.25 -21.32
CA ALA D 123 14.89 27.34 -22.44
C ALA D 123 14.14 27.69 -23.72
N SER D 124 12.96 27.11 -23.88
CA SER D 124 12.20 27.28 -25.12
C SER D 124 11.47 28.62 -25.12
N VAL D 125 11.10 29.08 -23.93
CA VAL D 125 10.57 30.43 -23.77
C VAL D 125 11.59 31.48 -24.18
N MET D 126 12.85 31.25 -23.80
CA MET D 126 13.93 32.17 -24.15
C MET D 126 14.08 32.28 -25.65
N LEU D 127 14.03 31.15 -26.35
CA LEU D 127 14.22 31.11 -27.78
C LEU D 127 13.06 31.79 -28.50
N ASN D 128 11.88 31.72 -27.89
CA ASN D 128 10.70 32.37 -28.44
C ASN D 128 10.82 33.89 -28.35
N ILE D 129 11.28 34.36 -27.19
CA ILE D 129 11.63 35.77 -27.04
C ILE D 129 12.62 36.20 -28.11
N MET D 130 13.67 35.39 -28.30
CA MET D 130 14.72 35.72 -29.25
C MET D 130 14.18 35.75 -30.68
N GLU D 131 13.26 34.84 -30.99
CA GLU D 131 12.67 34.78 -32.32
C GLU D 131 11.79 36.00 -32.59
N GLU D 132 11.11 36.46 -31.54
CA GLU D 132 10.25 37.63 -31.63
C GLU D 132 11.02 38.83 -32.16
N TYR D 133 12.21 39.05 -31.62
CA TYR D 133 13.00 40.23 -31.96
C TYR D 133 14.19 39.87 -32.85
N ASP D 134 14.11 38.70 -33.50
CA ASP D 134 15.14 38.27 -34.44
C ASP D 134 16.54 38.35 -33.82
N TRP D 135 16.66 37.87 -32.58
CA TRP D 135 17.96 37.66 -31.97
C TRP D 135 18.46 36.25 -32.21
N TYR D 136 19.05 36.02 -33.38
CA TYR D 136 19.32 34.67 -33.85
C TYR D 136 20.75 34.26 -33.51
N ILE D 137 21.56 35.23 -33.12
CA ILE D 137 22.97 34.99 -32.86
C ILE D 137 23.29 35.20 -31.38
N PHE D 138 23.77 34.15 -30.73
CA PHE D 138 23.84 34.13 -29.27
C PHE D 138 24.89 33.14 -28.78
N SER D 139 25.27 33.29 -27.51
CA SER D 139 26.11 32.31 -26.83
C SER D 139 25.42 31.81 -25.56
N ILE D 140 25.96 30.74 -24.98
CA ILE D 140 25.45 30.23 -23.71
C ILE D 140 26.55 30.21 -22.66
N VAL D 141 26.21 30.64 -21.46
CA VAL D 141 27.07 30.46 -20.29
C VAL D 141 26.33 29.72 -19.20
N THR D 142 26.95 28.69 -18.65
CA THR D 142 26.42 28.02 -17.47
C THR D 142 27.51 27.75 -16.44
N THR D 143 27.10 27.46 -15.22
CA THR D 143 27.95 26.73 -14.28
C THR D 143 27.65 25.24 -14.30
N TYR D 144 28.13 24.52 -13.30
CA TYR D 144 27.92 23.09 -13.20
C TYR D 144 26.65 22.78 -12.43
N PHE D 145 25.93 23.83 -12.02
CA PHE D 145 24.69 23.66 -11.28
C PHE D 145 23.76 22.71 -12.02
N PRO D 146 23.21 21.73 -11.30
CA PRO D 146 22.41 20.68 -11.93
C PRO D 146 21.34 21.25 -12.84
N GLY D 147 21.23 20.69 -14.04
CA GLY D 147 20.30 21.20 -15.04
C GLY D 147 21.00 21.78 -16.25
N TYR D 148 22.26 22.17 -16.07
CA TYR D 148 22.97 22.95 -17.09
C TYR D 148 23.07 22.17 -18.39
N GLN D 149 23.22 20.85 -18.30
CA GLN D 149 23.23 19.99 -19.47
C GLN D 149 21.87 19.92 -20.14
N ASP D 150 20.82 19.81 -19.33
CA ASP D 150 19.45 19.81 -19.84
C ASP D 150 19.16 21.13 -20.55
N PHE D 151 19.65 22.22 -19.97
CA PHE D 151 19.47 23.54 -20.56
C PHE D 151 20.14 23.60 -21.93
N VAL D 152 21.43 23.29 -21.97
CA VAL D 152 22.20 23.40 -23.20
C VAL D 152 21.66 22.48 -24.29
N ASN D 153 21.32 21.26 -23.89
CA ASN D 153 20.84 20.25 -24.84
C ASN D 153 19.49 20.66 -25.44
N LYS D 154 18.65 21.29 -24.63
CA LYS D 154 17.35 21.73 -25.09
C LYS D 154 17.47 22.84 -26.14
N ILE D 155 18.30 23.83 -25.85
CA ILE D 155 18.64 24.85 -26.83
C ILE D 155 19.15 24.19 -28.12
N ARG D 156 20.18 23.37 -27.98
CA ARG D 156 20.85 22.78 -29.13
C ARG D 156 19.86 21.97 -29.96
N SER D 157 19.05 21.17 -29.30
CA SER D 157 18.08 20.31 -29.98
C SER D 157 17.09 21.15 -30.77
N THR D 158 16.67 22.26 -30.19
CA THR D 158 15.62 23.09 -30.78
C THR D 158 16.12 23.78 -32.05
N ILE D 159 17.35 24.27 -32.02
CA ILE D 159 17.88 25.10 -33.10
C ILE D 159 18.43 24.24 -34.24
N GLU D 160 18.87 23.03 -33.93
CA GLU D 160 19.19 22.04 -34.94
C GLU D 160 17.94 21.67 -35.74
N ASN D 161 16.78 21.84 -35.13
CA ASN D 161 15.53 21.38 -35.73
C ASN D 161 14.78 22.53 -36.41
N SER D 162 15.53 23.54 -36.86
CA SER D 162 14.95 24.84 -37.15
C SER D 162 15.26 25.27 -38.58
N PHE D 163 14.23 25.73 -39.29
CA PHE D 163 14.42 26.44 -40.54
C PHE D 163 14.93 27.85 -40.28
N VAL D 164 14.90 28.26 -39.01
CA VAL D 164 15.37 29.59 -38.63
C VAL D 164 16.89 29.63 -38.53
N GLY D 165 17.47 30.80 -38.78
CA GLY D 165 18.90 30.92 -38.99
C GLY D 165 19.67 31.12 -37.69
N TRP D 166 19.48 30.19 -36.76
CA TRP D 166 20.18 30.26 -35.47
C TRP D 166 21.68 30.15 -35.66
N GLU D 167 22.44 30.95 -34.91
CA GLU D 167 23.88 30.80 -34.84
C GLU D 167 24.35 30.78 -33.39
N LEU D 168 24.62 29.58 -32.88
CA LEU D 168 25.12 29.42 -31.52
C LEU D 168 26.65 29.48 -31.50
N GLU D 169 27.19 30.58 -30.98
CA GLU D 169 28.58 30.95 -31.26
C GLU D 169 29.53 30.32 -30.28
N GLU D 170 29.16 30.33 -29.00
CA GLU D 170 30.03 29.85 -27.93
C GLU D 170 29.21 29.29 -26.77
N VAL D 171 29.70 28.19 -26.19
CA VAL D 171 29.11 27.65 -24.98
C VAL D 171 30.17 27.51 -23.88
N LEU D 172 30.08 28.36 -22.87
CA LEU D 172 31.06 28.36 -21.79
C LEU D 172 30.58 27.54 -20.60
N LEU D 173 31.51 26.81 -19.99
CA LEU D 173 31.21 26.08 -18.76
C LEU D 173 32.11 26.58 -17.64
N LEU D 174 31.50 27.24 -16.64
CA LEU D 174 32.25 27.90 -15.59
C LEU D 174 32.31 27.03 -14.34
N ASP D 175 33.51 26.74 -13.87
CA ASP D 175 33.70 25.93 -12.67
C ASP D 175 33.84 26.81 -11.44
N MET D 176 32.74 26.98 -10.71
CA MET D 176 32.73 27.86 -9.54
C MET D 176 32.83 27.05 -8.26
N SER D 177 33.33 25.82 -8.37
CA SER D 177 33.70 25.02 -7.21
C SER D 177 35.14 25.31 -6.80
N LEU D 178 35.88 25.98 -7.67
CA LEU D 178 37.22 26.45 -7.35
C LEU D 178 37.22 27.96 -7.12
N ASP D 179 38.21 28.45 -6.38
CA ASP D 179 38.42 29.88 -6.23
C ASP D 179 38.83 30.49 -7.56
N ASP D 180 38.62 31.79 -7.70
CA ASP D 180 38.90 32.48 -8.96
C ASP D 180 40.04 33.47 -8.80
N GLY D 181 41.14 33.00 -8.19
CA GLY D 181 42.31 33.85 -7.98
C GLY D 181 43.23 33.87 -9.18
N ASP D 182 43.04 32.92 -10.09
CA ASP D 182 43.79 32.87 -11.34
C ASP D 182 42.99 33.50 -12.48
N SER D 183 41.90 34.17 -12.13
CA SER D 183 41.11 34.92 -13.11
C SER D 183 40.73 34.05 -14.30
N LYS D 184 40.41 32.78 -14.02
CA LYS D 184 40.08 31.83 -15.06
C LYS D 184 38.77 32.20 -15.74
N ILE D 185 37.80 32.60 -14.93
CA ILE D 185 36.47 32.94 -15.41
C ILE D 185 36.53 34.16 -16.33
N GLN D 186 37.24 35.19 -15.89
CA GLN D 186 37.48 36.37 -16.72
C GLN D 186 37.98 35.96 -18.10
N ASN D 187 38.97 35.07 -18.14
CA ASN D 187 39.55 34.64 -19.40
C ASN D 187 38.51 33.98 -20.27
N GLN D 188 37.62 33.21 -19.65
CA GLN D 188 36.57 32.50 -20.38
C GLN D 188 35.53 33.47 -20.93
N LEU D 189 35.12 34.42 -20.11
CA LEU D 189 34.10 35.39 -20.49
C LEU D 189 34.60 36.30 -21.61
N LYS D 190 35.89 36.61 -21.58
CA LYS D 190 36.49 37.48 -22.59
C LYS D 190 36.34 36.89 -23.99
N LYS D 191 35.93 35.63 -24.06
CA LYS D 191 35.84 34.92 -25.33
C LYS D 191 34.50 35.18 -26.02
N LEU D 192 33.62 35.90 -25.35
CA LEU D 192 32.24 36.06 -25.82
C LEU D 192 32.13 37.22 -26.81
N GLN D 193 31.49 36.96 -27.94
CA GLN D 193 31.24 37.99 -28.95
C GLN D 193 29.76 38.36 -29.04
N SER D 194 28.90 37.38 -28.81
CA SER D 194 27.50 37.47 -29.22
C SER D 194 26.80 38.61 -28.49
N PRO D 195 25.78 39.20 -29.15
CA PRO D 195 24.96 40.25 -28.54
C PRO D 195 23.93 39.69 -27.56
N ILE D 196 23.56 38.43 -27.72
CA ILE D 196 22.70 37.76 -26.76
C ILE D 196 23.46 36.67 -26.01
N ILE D 197 23.33 36.66 -24.69
CA ILE D 197 23.93 35.63 -23.86
C ILE D 197 22.89 34.98 -22.96
N LEU D 198 22.76 33.66 -23.07
CA LEU D 198 21.91 32.90 -22.17
C LEU D 198 22.72 32.34 -21.00
N LEU D 199 22.26 32.61 -19.78
CA LEU D 199 23.01 32.25 -18.59
C LEU D 199 22.19 31.33 -17.69
N TYR D 200 22.70 30.12 -17.45
CA TYR D 200 22.08 29.21 -16.49
C TYR D 200 23.00 28.97 -15.29
N CYS D 201 22.54 29.40 -14.12
CA CYS D 201 23.29 29.26 -12.89
C CYS D 201 22.40 29.65 -11.71
N THR D 202 22.96 29.68 -10.51
CA THR D 202 22.23 30.13 -9.34
C THR D 202 22.30 31.65 -9.21
N LYS D 203 21.49 32.20 -8.32
CA LYS D 203 21.44 33.65 -8.11
C LYS D 203 22.77 34.17 -7.61
N GLU D 204 23.31 33.51 -6.58
CA GLU D 204 24.60 33.90 -6.02
C GLU D 204 25.71 33.77 -7.06
N GLU D 205 25.67 32.69 -7.82
CA GLU D 205 26.64 32.46 -8.89
C GLU D 205 26.56 33.57 -9.94
N ALA D 206 25.36 33.89 -10.36
CA ALA D 206 25.14 34.96 -11.34
C ALA D 206 25.72 36.28 -10.84
N THR D 207 25.60 36.51 -9.54
CA THR D 207 26.03 37.77 -8.95
C THR D 207 27.53 37.98 -9.14
N TYR D 208 28.30 36.90 -9.03
CA TYR D 208 29.73 36.95 -9.31
C TYR D 208 29.98 37.08 -10.80
N ILE D 209 29.29 36.25 -11.58
CA ILE D 209 29.54 36.17 -13.02
C ILE D 209 29.28 37.52 -13.68
N PHE D 210 28.28 38.24 -13.19
CA PHE D 210 27.95 39.56 -13.71
C PHE D 210 29.04 40.57 -13.33
N GLU D 211 29.51 40.49 -12.09
CA GLU D 211 30.62 41.34 -11.66
C GLU D 211 31.80 41.24 -12.61
N VAL D 212 32.17 40.01 -12.96
CA VAL D 212 33.31 39.76 -13.82
C VAL D 212 32.99 40.21 -15.26
N ALA D 213 31.78 39.91 -15.71
CA ALA D 213 31.36 40.25 -17.07
C ALA D 213 31.40 41.76 -17.26
N ASN D 214 31.03 42.51 -16.22
CA ASN D 214 31.11 43.96 -16.24
C ASN D 214 32.56 44.43 -16.37
N SER D 215 33.44 43.79 -15.59
CA SER D 215 34.87 44.10 -15.66
C SER D 215 35.36 44.16 -17.10
N VAL D 216 34.87 43.24 -17.93
CA VAL D 216 35.41 43.07 -19.27
C VAL D 216 34.38 43.49 -20.33
N GLY D 217 33.40 44.29 -19.91
CA GLY D 217 32.66 45.14 -20.83
C GLY D 217 31.56 44.40 -21.56
N LEU D 218 30.84 43.55 -20.84
CA LEU D 218 29.93 42.60 -21.47
C LEU D 218 28.48 42.81 -21.02
N THR D 219 28.23 43.87 -20.26
CA THR D 219 26.94 44.05 -19.60
C THR D 219 26.24 45.33 -20.05
N GLY D 220 26.85 46.05 -21.00
CA GLY D 220 26.35 47.35 -21.40
C GLY D 220 25.20 47.25 -22.40
N TYR D 221 24.88 48.37 -23.04
CA TYR D 221 24.27 48.34 -24.37
C TYR D 221 25.00 47.34 -25.27
N GLY D 222 24.27 46.72 -26.17
CA GLY D 222 24.87 45.86 -27.19
C GLY D 222 25.01 44.42 -26.71
N TYR D 223 24.88 44.22 -25.40
CA TYR D 223 24.79 42.88 -24.84
C TYR D 223 23.52 42.72 -24.01
N THR D 224 22.74 41.70 -24.34
CA THR D 224 21.52 41.40 -23.60
C THR D 224 21.58 40.00 -22.98
N TRP D 225 21.53 39.96 -21.66
CA TRP D 225 21.57 38.69 -20.94
C TRP D 225 20.17 38.19 -20.62
N ILE D 226 19.95 36.90 -20.80
CA ILE D 226 18.69 36.27 -20.47
C ILE D 226 18.91 35.12 -19.48
N VAL D 227 18.23 35.19 -18.34
CA VAL D 227 18.40 34.20 -17.29
C VAL D 227 17.06 33.56 -16.94
N PRO D 228 17.11 32.35 -16.35
CA PRO D 228 15.90 31.65 -15.91
C PRO D 228 15.45 32.09 -14.52
N SER D 229 14.33 31.52 -14.08
CA SER D 229 13.59 32.06 -12.94
C SER D 229 14.44 32.16 -11.69
N LEU D 230 15.36 31.21 -11.52
CA LEU D 230 16.03 31.03 -10.25
C LEU D 230 17.16 32.04 -10.06
N VAL D 231 17.59 32.66 -11.16
CA VAL D 231 18.56 33.74 -11.08
C VAL D 231 17.89 35.03 -10.59
N ALA D 232 16.77 35.39 -11.20
CA ALA D 232 15.95 36.48 -10.70
C ALA D 232 15.50 36.19 -9.27
N GLY D 233 15.03 34.97 -9.06
CA GLY D 233 14.56 34.56 -7.73
C GLY D 233 13.52 35.49 -7.18
N ASP D 234 13.72 35.93 -5.94
CA ASP D 234 12.87 36.95 -5.34
C ASP D 234 13.16 38.32 -5.94
N THR D 235 12.16 38.89 -6.60
CA THR D 235 12.37 40.07 -7.44
C THR D 235 12.41 41.34 -6.58
N ASP D 236 12.11 41.20 -5.30
CA ASP D 236 12.27 42.31 -4.36
C ASP D 236 13.70 42.37 -3.84
N THR D 237 14.50 41.39 -4.20
CA THR D 237 15.92 41.40 -3.86
C THR D 237 16.78 41.41 -5.12
N VAL D 238 17.32 42.59 -5.44
CA VAL D 238 18.03 42.79 -6.70
C VAL D 238 19.48 43.16 -6.43
N PRO D 239 20.40 42.22 -6.65
CA PRO D 239 21.81 42.50 -6.38
C PRO D 239 22.32 43.64 -7.25
N SER D 240 23.15 44.51 -6.68
CA SER D 240 23.65 45.68 -7.39
C SER D 240 24.43 45.25 -8.63
N GLU D 241 24.86 43.99 -8.65
CA GLU D 241 25.74 43.48 -9.70
C GLU D 241 24.96 43.07 -10.93
N PHE D 242 23.66 42.80 -10.75
CA PHE D 242 22.78 42.56 -11.88
C PHE D 242 22.78 43.77 -12.81
N PRO D 243 22.95 43.51 -14.12
CA PRO D 243 22.94 44.59 -15.10
C PRO D 243 21.53 45.05 -15.43
N THR D 244 21.33 46.36 -15.49
CA THR D 244 20.18 46.93 -16.18
C THR D 244 20.03 46.34 -17.57
N GLY D 245 18.81 45.98 -17.93
CA GLY D 245 18.54 45.35 -19.21
C GLY D 245 18.51 43.83 -19.13
N LEU D 246 18.74 43.30 -17.92
CA LEU D 246 18.62 41.87 -17.69
C LEU D 246 17.20 41.39 -17.97
N ILE D 247 17.09 40.31 -18.75
CA ILE D 247 15.81 39.68 -19.00
C ILE D 247 15.71 38.34 -18.27
N SER D 248 14.58 38.10 -17.64
CA SER D 248 14.32 36.83 -16.99
C SER D 248 12.94 36.30 -17.35
N VAL D 249 12.83 34.99 -17.50
CA VAL D 249 11.58 34.29 -17.24
C VAL D 249 11.37 34.14 -15.75
N SER D 250 10.15 34.40 -15.28
CA SER D 250 9.89 34.42 -13.86
C SER D 250 8.62 33.67 -13.49
N TYR D 251 8.58 33.24 -12.23
CA TYR D 251 7.41 32.60 -11.66
C TYR D 251 7.45 32.88 -10.17
N ASP D 252 7.56 34.16 -9.84
CA ASP D 252 7.49 34.62 -8.47
C ASP D 252 6.03 34.91 -8.17
N GLU D 253 5.73 35.27 -6.93
CA GLU D 253 4.44 35.83 -6.62
C GLU D 253 4.12 36.95 -7.62
N TRP D 254 3.49 36.60 -8.73
CA TRP D 254 3.20 37.59 -9.78
C TRP D 254 1.71 37.77 -9.98
N ASP D 255 1.05 36.70 -10.46
CA ASP D 255 -0.41 36.68 -10.54
C ASP D 255 -0.92 35.52 -9.71
N TYR D 256 0.01 34.71 -9.22
CA TYR D 256 -0.31 33.49 -8.50
C TYR D 256 0.30 33.60 -7.11
N GLY D 257 -0.53 33.73 -6.09
CA GLY D 257 -0.09 34.24 -4.79
C GLY D 257 0.07 33.10 -3.80
N LEU D 258 0.85 33.36 -2.74
CA LEU D 258 1.22 32.30 -1.81
C LEU D 258 -0.02 31.60 -1.26
N PRO D 259 -0.98 32.39 -0.74
CA PRO D 259 -2.23 31.83 -0.24
C PRO D 259 -2.90 30.88 -1.23
N ALA D 260 -3.02 31.31 -2.49
CA ALA D 260 -3.59 30.47 -3.53
C ALA D 260 -2.77 29.20 -3.70
N ARG D 261 -1.46 29.34 -3.51
CA ARG D 261 -0.53 28.25 -3.75
C ARG D 261 -0.64 27.20 -2.65
N VAL D 262 -0.60 27.67 -1.41
CA VAL D 262 -0.81 26.81 -0.26
C VAL D 262 -2.15 26.08 -0.36
N ARG D 263 -3.15 26.77 -0.87
CA ARG D 263 -4.46 26.15 -1.09
C ARG D 263 -4.34 24.98 -2.05
N ASP D 264 -3.65 25.22 -3.17
CA ASP D 264 -3.56 24.23 -4.23
C ASP D 264 -2.69 23.05 -3.81
N GLY D 265 -1.64 23.34 -3.05
CA GLY D 265 -0.77 22.30 -2.50
C GLY D 265 -1.54 21.32 -1.63
N ILE D 266 -2.34 21.87 -0.71
CA ILE D 266 -3.20 21.06 0.14
C ILE D 266 -4.16 20.23 -0.71
N ALA D 267 -4.70 20.85 -1.76
CA ALA D 267 -5.71 20.21 -2.58
C ALA D 267 -5.11 19.05 -3.37
N ILE D 268 -3.89 19.25 -3.87
CA ILE D 268 -3.20 18.22 -4.64
C ILE D 268 -2.98 16.97 -3.81
N ILE D 269 -2.50 17.17 -2.58
CA ILE D 269 -2.15 16.06 -1.71
C ILE D 269 -3.40 15.28 -1.32
N THR D 270 -4.42 16.00 -0.83
CA THR D 270 -5.70 15.41 -0.46
C THR D 270 -6.35 14.68 -1.63
N THR D 271 -6.47 15.39 -2.74
CA THR D 271 -7.13 14.86 -3.92
C THR D 271 -6.45 13.57 -4.38
N ALA D 272 -5.12 13.54 -4.25
CA ALA D 272 -4.34 12.37 -4.63
C ALA D 272 -4.60 11.20 -3.68
N ALA D 273 -4.67 11.51 -2.39
CA ALA D 273 -4.91 10.48 -1.38
C ALA D 273 -6.31 9.89 -1.52
N SER D 274 -7.28 10.75 -1.82
CA SER D 274 -8.65 10.31 -2.03
C SER D 274 -8.74 9.40 -3.26
N ASP D 275 -8.01 9.75 -4.32
CA ASP D 275 -8.03 8.98 -5.55
C ASP D 275 -7.44 7.60 -5.34
N MET D 276 -6.35 7.53 -4.57
CA MET D 276 -5.72 6.26 -4.26
C MET D 276 -6.60 5.43 -3.32
N LEU D 277 -7.17 6.07 -2.31
CA LEU D 277 -8.00 5.40 -1.34
C LEU D 277 -9.20 4.74 -2.03
N SER D 278 -9.76 5.44 -3.01
CA SER D 278 -11.02 5.06 -3.61
C SER D 278 -10.82 3.96 -4.64
N GLU D 279 -9.56 3.72 -5.00
CA GLU D 279 -9.23 2.69 -5.98
C GLU D 279 -8.60 1.46 -5.31
N HIS D 280 -7.82 1.69 -4.26
CA HIS D 280 -7.05 0.63 -3.62
C HIS D 280 -7.49 0.40 -2.18
N SER D 281 -8.40 1.24 -1.70
CA SER D 281 -8.97 1.06 -0.37
C SER D 281 -7.88 1.07 0.70
N PHE D 282 -6.74 1.68 0.38
CA PHE D 282 -5.79 2.11 1.39
C PHE D 282 -4.97 3.30 0.91
N ILE D 283 -4.36 4.01 1.84
CA ILE D 283 -3.27 4.92 1.53
C ILE D 283 -2.03 4.55 2.33
N PRO D 284 -0.87 5.11 1.95
CA PRO D 284 0.38 4.86 2.67
C PRO D 284 0.33 5.41 4.08
N GLU D 285 0.68 4.58 5.07
CA GLU D 285 0.72 5.03 6.45
C GLU D 285 1.90 5.96 6.67
N PRO D 286 1.63 7.17 7.18
CA PRO D 286 2.68 8.15 7.47
C PRO D 286 3.83 7.56 8.26
N LYS D 287 5.05 7.92 7.89
CA LYS D 287 6.24 7.42 8.58
C LYS D 287 6.28 7.92 10.02
N SER D 288 6.46 6.98 10.95
CA SER D 288 6.47 7.31 12.37
C SER D 288 7.77 8.02 12.75
N SER D 289 8.80 7.88 11.93
CA SER D 289 10.08 8.53 12.17
C SER D 289 10.98 8.51 10.94
N CYS D 290 11.98 9.37 10.95
CA CYS D 290 13.05 9.33 9.96
C CYS D 290 14.12 8.32 10.35
N TYR D 291 14.14 7.96 11.63
CA TYR D 291 15.27 7.24 12.21
C TYR D 291 15.23 5.76 11.82
N ASN D 292 14.10 5.31 11.30
CA ASN D 292 13.82 3.88 11.19
C ASN D 292 13.42 3.52 9.76
N THR D 293 13.87 4.31 8.79
CA THR D 293 13.42 4.17 7.41
C THR D 293 14.09 2.98 6.73
N HIS D 294 15.21 2.54 7.30
CA HIS D 294 15.99 1.43 6.72
C HIS D 294 15.31 0.09 7.00
N GLU D 295 14.63 0.00 8.15
CA GLU D 295 13.90 -1.20 8.51
C GLU D 295 12.67 -1.36 7.61
N LYS D 296 11.98 -0.25 7.38
CA LYS D 296 10.55 -0.28 7.12
C LYS D 296 10.29 -0.37 5.63
N ARG D 297 11.30 -0.08 4.82
CA ARG D 297 11.08 0.39 3.46
C ARG D 297 10.67 -0.75 2.53
N ILE D 298 10.77 -1.97 3.00
CA ILE D 298 10.16 -3.10 2.32
C ILE D 298 8.64 -3.01 2.43
N TYR D 299 8.16 -2.07 3.24
CA TYR D 299 6.73 -1.84 3.43
C TYR D 299 6.28 -0.54 2.78
N GLN D 300 7.24 0.26 2.32
CA GLN D 300 6.93 1.58 1.79
C GLN D 300 7.26 1.62 0.30
N SER D 301 6.73 2.63 -0.39
CA SER D 301 6.78 2.63 -1.84
C SER D 301 6.56 4.02 -2.45
N ASN D 302 6.40 4.03 -3.77
CA ASN D 302 6.38 5.26 -4.55
C ASN D 302 4.97 5.54 -5.05
N MET D 303 3.98 4.89 -4.44
CA MET D 303 2.77 4.53 -5.16
C MET D 303 1.89 5.75 -5.34
N LEU D 304 1.93 6.64 -4.34
CA LEU D 304 1.02 7.77 -4.30
C LEU D 304 1.40 8.82 -5.33
N ASN D 305 2.53 8.62 -6.00
CA ASN D 305 3.04 9.58 -6.98
C ASN D 305 2.16 9.63 -8.20
N ARG D 306 1.68 8.47 -8.64
CA ARG D 306 0.89 8.37 -9.87
C ARG D 306 -0.37 9.21 -9.77
N TYR D 307 -0.82 9.44 -8.54
CA TYR D 307 -2.02 10.24 -8.29
C TYR D 307 -1.66 11.70 -8.06
N LEU D 308 -0.50 11.92 -7.46
CA LEU D 308 -0.06 13.28 -7.12
C LEU D 308 0.12 14.13 -8.37
N ILE D 309 0.34 13.48 -9.52
CA ILE D 309 0.74 14.19 -10.72
C ILE D 309 -0.44 14.40 -11.67
N ASN D 310 -1.63 14.00 -11.24
CA ASN D 310 -2.77 13.89 -12.15
C ASN D 310 -4.01 14.55 -11.56
N VAL D 311 -3.80 15.57 -10.72
CA VAL D 311 -4.89 16.19 -9.99
C VAL D 311 -5.50 17.35 -10.78
N THR D 312 -6.82 17.31 -10.96
CA THR D 312 -7.58 18.50 -11.29
C THR D 312 -8.50 18.88 -10.12
N PHE D 313 -8.58 20.18 -9.83
CA PHE D 313 -9.27 20.66 -8.63
C PHE D 313 -9.89 22.03 -8.87
N GLU D 314 -11.17 22.16 -8.52
CA GLU D 314 -11.94 23.36 -8.84
C GLU D 314 -11.66 23.81 -10.26
N GLY D 315 -11.58 22.85 -11.18
CA GLY D 315 -11.63 23.13 -12.61
C GLY D 315 -10.25 23.29 -13.21
N ARG D 316 -9.24 23.45 -12.36
CA ARG D 316 -7.88 23.68 -12.81
C ARG D 316 -7.10 22.37 -12.94
N ASP D 317 -6.44 22.19 -14.08
CA ASP D 317 -5.46 21.12 -14.22
C ASP D 317 -4.18 21.48 -13.46
N LEU D 318 -3.96 20.80 -12.34
CA LEU D 318 -2.77 21.06 -11.51
C LEU D 318 -1.73 19.97 -11.72
N SER D 319 -1.70 19.39 -12.93
CA SER D 319 -0.82 18.27 -13.22
C SER D 319 0.63 18.62 -12.92
N PHE D 320 1.41 17.62 -12.53
CA PHE D 320 2.87 17.70 -12.60
C PHE D 320 3.40 16.85 -13.75
N SER D 321 4.60 17.18 -14.22
CA SER D 321 5.42 16.24 -14.96
C SER D 321 5.97 15.17 -14.02
N GLU D 322 6.36 14.03 -14.59
CA GLU D 322 6.99 12.97 -13.82
C GLU D 322 8.35 13.43 -13.31
N ASP D 323 8.91 14.43 -13.98
CA ASP D 323 10.19 15.00 -13.57
C ASP D 323 10.02 16.01 -12.44
N GLY D 324 8.77 16.34 -12.14
CA GLY D 324 8.41 16.90 -10.84
C GLY D 324 8.21 18.40 -10.87
N TYR D 325 7.76 18.91 -12.00
CA TYR D 325 7.46 20.34 -12.13
C TYR D 325 6.07 20.56 -12.72
N GLN D 326 5.54 21.76 -12.50
CA GLN D 326 4.21 22.12 -12.98
C GLN D 326 4.15 22.06 -14.50
N MET D 327 3.00 21.64 -15.03
CA MET D 327 2.88 21.32 -16.45
C MET D 327 2.63 22.58 -17.27
N HIS D 328 1.62 23.35 -16.87
CA HIS D 328 1.21 24.52 -17.65
C HIS D 328 1.19 25.77 -16.78
N PRO D 329 2.36 26.21 -16.32
CA PRO D 329 2.46 27.43 -15.54
C PRO D 329 2.35 28.67 -16.42
N LYS D 330 1.63 29.68 -15.95
CA LYS D 330 1.68 31.00 -16.55
C LYS D 330 2.98 31.70 -16.17
N LEU D 331 3.87 31.88 -17.14
CA LEU D 331 5.18 32.47 -16.89
C LEU D 331 5.18 33.96 -17.24
N VAL D 332 5.93 34.74 -16.47
CA VAL D 332 6.04 36.17 -16.71
C VAL D 332 7.44 36.52 -17.17
N ILE D 333 7.55 37.18 -18.32
CA ILE D 333 8.82 37.73 -18.76
C ILE D 333 9.06 39.09 -18.12
N ILE D 334 10.21 39.25 -17.49
CA ILE D 334 10.48 40.45 -16.71
C ILE D 334 11.82 41.08 -17.08
N LEU D 335 11.93 42.38 -16.85
CA LEU D 335 13.06 43.16 -17.33
C LEU D 335 13.54 44.09 -16.23
N LEU D 336 14.81 44.00 -15.88
CA LEU D 336 15.38 44.88 -14.86
C LEU D 336 15.69 46.26 -15.45
N ASN D 337 14.95 47.26 -14.99
CA ASN D 337 14.89 48.54 -15.69
C ASN D 337 15.85 49.55 -15.08
N LYS D 338 15.86 50.76 -15.62
CA LYS D 338 16.89 51.74 -15.31
C LYS D 338 16.84 52.11 -13.83
N GLU D 339 15.67 51.96 -13.21
CA GLU D 339 15.51 52.26 -11.79
C GLU D 339 15.68 51.01 -10.94
N ARG D 340 16.35 50.01 -11.50
CA ARG D 340 16.72 48.81 -10.74
C ARG D 340 15.50 48.11 -10.18
N LYS D 341 14.39 48.17 -10.91
CA LYS D 341 13.20 47.41 -10.56
C LYS D 341 12.87 46.39 -11.65
N TRP D 342 12.47 45.20 -11.24
CA TRP D 342 11.96 44.19 -12.17
C TRP D 342 10.57 44.59 -12.65
N GLU D 343 10.39 44.65 -13.97
CA GLU D 343 9.12 45.12 -14.54
C GLU D 343 8.55 44.13 -15.54
N ARG D 344 7.23 43.94 -15.48
CA ARG D 344 6.53 43.02 -16.38
C ARG D 344 6.64 43.49 -17.82
N VAL D 345 6.98 42.58 -18.73
CA VAL D 345 7.26 42.94 -20.11
C VAL D 345 6.67 41.93 -21.10
N GLY D 346 6.19 40.80 -20.58
CA GLY D 346 5.59 39.77 -21.42
C GLY D 346 4.92 38.67 -20.63
N LYS D 347 4.05 37.91 -21.28
CA LYS D 347 3.45 36.73 -20.69
C LYS D 347 3.69 35.50 -21.56
N TRP D 348 3.84 34.34 -20.92
CA TRP D 348 3.86 33.07 -21.63
C TRP D 348 2.66 32.21 -21.25
N LYS D 349 1.69 32.12 -22.15
CA LYS D 349 0.43 31.45 -21.86
C LYS D 349 -0.09 30.73 -23.10
N ASP D 350 -0.59 29.51 -22.90
CA ASP D 350 -1.02 28.67 -24.01
C ASP D 350 0.12 28.48 -25.01
N LYS D 351 1.26 28.01 -24.51
CA LYS D 351 2.44 27.83 -25.34
C LYS D 351 2.57 28.94 -26.39
N SER D 352 2.15 30.14 -26.01
CA SER D 352 2.30 31.31 -26.88
C SER D 352 2.92 32.47 -26.11
N LEU D 353 3.77 33.23 -26.79
CA LEU D 353 4.39 34.41 -26.19
C LEU D 353 3.67 35.68 -26.61
N GLN D 354 3.29 36.49 -25.62
CA GLN D 354 2.82 37.85 -25.88
C GLN D 354 3.71 38.88 -25.21
N MET D 355 4.40 39.68 -26.02
CA MET D 355 5.33 40.67 -25.50
C MET D 355 4.72 42.06 -25.55
N LYS D 356 5.03 42.88 -24.56
CA LYS D 356 4.57 44.27 -24.53
C LYS D 356 5.14 45.05 -25.72
N TYR D 357 6.45 44.94 -25.93
CA TYR D 357 7.13 45.74 -26.93
C TYR D 357 7.20 44.98 -28.26
N TYR D 358 7.03 45.71 -29.37
CA TYR D 358 7.36 45.15 -30.68
C TYR D 358 8.72 45.64 -31.18
N VAL D 359 9.17 46.77 -30.66
CA VAL D 359 10.58 47.14 -30.77
C VAL D 359 11.23 47.17 -29.38
N TRP D 360 12.30 46.41 -29.21
CA TRP D 360 12.90 46.25 -27.89
C TRP D 360 13.65 47.50 -27.49
N PRO D 361 13.24 48.12 -26.37
CA PRO D 361 13.73 49.44 -25.96
C PRO D 361 15.14 49.37 -25.37
N ARG D 362 15.89 50.46 -25.51
CA ARG D 362 17.26 50.53 -25.03
C ARG D 362 17.30 50.83 -23.54
N MET D 363 17.97 49.97 -22.78
CA MET D 363 18.05 50.11 -21.33
C MET D 363 19.43 50.59 -20.91
C1 NAG E . -55.19 -0.72 15.47
C2 NAG E . -55.30 -1.37 16.85
C3 NAG E . -56.31 -2.52 16.85
C4 NAG E . -57.62 -2.11 16.20
C5 NAG E . -57.39 -1.39 14.88
C6 NAG E . -58.70 -0.87 14.30
C7 NAG E . -53.32 -1.27 18.25
C8 NAG E . -52.00 -1.87 18.58
N2 NAG E . -54.01 -1.86 17.27
O3 NAG E . -56.56 -2.93 18.20
O4 NAG E . -58.40 -3.30 15.97
O5 NAG E . -56.49 -0.29 15.06
O6 NAG E . -59.17 0.23 15.08
O7 NAG E . -53.75 -0.27 18.83
C1 NAG E . -59.69 -3.17 16.58
C2 NAG E . -60.61 -4.26 16.06
C3 NAG E . -62.01 -4.12 16.66
C4 NAG E . -61.97 -3.88 18.17
C5 NAG E . -60.89 -2.88 18.58
C6 NAG E . -60.76 -2.82 20.10
C7 NAG E . -60.06 -5.10 13.86
C8 NAG E . -60.23 -4.92 12.38
N2 NAG E . -60.69 -4.21 14.62
O3 NAG E . -62.74 -5.32 16.39
O4 NAG E . -63.24 -3.37 18.59
O5 NAG E . -59.63 -3.24 18.00
O6 NAG E . -60.64 -1.46 20.52
O7 NAG E . -59.40 -6.01 14.33
C1 BMA E . -64.12 -4.44 18.95
C2 BMA E . -65.05 -3.96 20.05
C3 BMA E . -66.03 -5.06 20.46
C4 BMA E . -66.75 -5.60 19.22
C5 BMA E . -65.73 -6.02 18.17
C6 BMA E . -66.41 -6.52 16.91
O2 BMA E . -65.79 -2.82 19.61
O3 BMA E . -66.97 -4.54 21.40
O4 BMA E . -67.56 -6.72 19.58
O5 BMA E . -64.89 -4.90 17.84
O6 BMA E . -65.43 -6.63 15.86
C1 MAN E . -66.73 -5.17 22.68
C2 MAN E . -68.06 -5.37 23.40
C3 MAN E . -68.68 -4.03 23.75
C4 MAN E . -67.68 -3.15 24.49
C5 MAN E . -66.33 -3.09 23.78
C6 MAN E . -65.30 -2.35 24.61
O2 MAN E . -67.85 -6.14 24.58
O3 MAN E . -69.84 -4.24 24.57
O4 MAN E . -68.21 -1.82 24.58
O5 MAN E . -65.85 -4.42 23.51
O6 MAN E . -64.86 -1.19 23.90
C1 MAN E . -66.07 -7.11 14.66
C2 MAN E . -65.08 -7.96 13.87
C3 MAN E . -63.94 -7.09 13.33
C4 MAN E . -64.49 -5.88 12.59
C5 MAN E . -65.52 -5.14 13.46
C6 MAN E . -66.12 -3.96 12.73
O2 MAN E . -65.74 -8.59 12.78
O3 MAN E . -63.12 -7.86 12.45
O4 MAN E . -63.41 -4.99 12.26
O5 MAN E . -66.55 -6.05 13.84
O6 MAN E . -66.83 -4.41 11.58
C1 NAG F . -38.35 6.75 25.22
C2 NAG F . -39.04 8.11 25.31
C3 NAG F . -39.25 8.52 26.76
C4 NAG F . -39.93 7.41 27.54
C5 NAG F . -39.23 6.07 27.33
C6 NAG F . -40.00 4.94 28.00
C7 NAG F . -38.73 9.74 23.53
C8 NAG F . -37.81 10.75 22.91
N2 NAG F . -38.26 9.11 24.61
O3 NAG F . -40.08 9.70 26.81
O4 NAG F . -39.91 7.73 28.95
O5 NAG F . -39.14 5.79 25.93
O6 NAG F . -39.12 3.83 28.23
O7 NAG F . -39.85 9.51 23.09
NA NA G . -33.75 -13.87 13.41
CL CL H . -13.65 -16.57 28.70
CL CL I . -54.27 12.87 7.07
C1 NAG J . -1.39 -27.39 25.89
C2 NAG J . -0.58 -26.22 26.43
C3 NAG J . 0.87 -26.64 26.73
C4 NAG J . 0.89 -27.92 27.56
C5 NAG J . -0.02 -28.99 26.96
C6 NAG J . -0.04 -30.24 27.84
C7 NAG J . -1.19 -23.96 25.78
C8 NAG J . -1.14 -22.92 24.70
N2 NAG J . -0.60 -25.12 25.50
O3 NAG J . 1.54 -25.60 27.44
O4 NAG J . 2.23 -28.42 27.63
O5 NAG J . -1.35 -28.48 26.81
O6 NAG J . -1.35 -30.43 28.39
O7 NAG J . -1.75 -23.76 26.84
C1 NAG K . -1.13 -15.79 -12.82
C2 NAG K . 0.00 -16.78 -13.07
C3 NAG K . -0.21 -17.65 -14.31
C4 NAG K . -0.95 -16.97 -15.46
C5 NAG K . -1.98 -15.94 -14.99
C6 NAG K . -3.27 -16.05 -15.80
C7 NAG K . 2.35 -16.44 -12.53
C8 NAG K . 2.19 -17.65 -11.64
N2 NAG K . 1.27 -16.06 -13.20
O3 NAG K . -0.93 -18.84 -13.92
O4 NAG K . 0.00 -16.32 -16.31
O5 NAG K . -2.26 -16.13 -13.61
O6 NAG K . -3.64 -14.75 -16.29
O7 NAG K . 3.41 -15.86 -12.63
C01 T97 L . -17.94 -16.85 15.40
C02 T97 L . -17.10 -15.83 14.96
C03 T97 L . -17.17 -15.40 13.66
C04 T97 L . -18.08 -15.97 12.79
C05 T97 L . -18.93 -16.98 13.23
C06 T97 L . -18.85 -17.42 14.54
C07 T97 L . -19.93 -17.60 12.26
C08 T97 L . -20.27 -16.66 11.10
N09 T97 L . -21.38 -17.15 10.31
C10 T97 L . -21.81 -16.12 9.39
C11 T97 L . -21.12 -16.29 8.03
C12 T97 L . -21.40 -15.09 7.12
C13 T97 L . -21.54 -17.60 7.37
C14 T97 L . -22.49 -17.51 11.17
C15 T97 L . -22.39 -18.98 11.57
C16 T97 L . -23.77 -19.63 11.58
O17 T97 L . -23.55 -21.01 11.64
C18 T97 L . -24.64 -21.84 11.37
C19 T97 L . -25.78 -21.35 10.77
C20 T97 L . -26.86 -22.20 10.52
C21 T97 L . -26.78 -23.53 10.87
C22 T97 L . -25.62 -24.02 11.48
C23 T97 L . -24.57 -23.18 11.73
N24 T97 L . -27.89 -24.43 10.62
S25 T97 L . -29.34 -24.28 11.50
C26 T97 L . -29.91 -22.56 11.49
O27 T97 L . -30.37 -25.19 10.97
O28 T97 L . -29.19 -24.78 12.87
O29 T97 L . -21.58 -19.65 10.65
CL1 T97 L . -15.93 -15.11 16.09
CL2 T97 L . -17.82 -17.40 17.10
CL CL M . -16.52 -29.43 3.10
CL CL N . -4.59 -22.86 23.59
CL CL O . -15.99 -10.42 9.20
C1 NAG P . 46.38 -2.66 4.80
C2 NAG P . 47.49 -3.69 4.66
C3 NAG P . 48.28 -3.80 5.96
C4 NAG P . 48.71 -2.44 6.47
C5 NAG P . 47.53 -1.46 6.49
C6 NAG P . 47.96 -0.06 6.89
C8 NAG P . 45.29 -5.49 5.22
N2 NAG P . 46.97 -4.99 4.29
O3 NAG P . 49.45 -4.61 5.74
O4 NAG P . 49.25 -2.55 7.79
O5 NAG P . 46.95 -1.41 5.19
O6 NAG P . 49.06 0.36 6.08
O7 NAG P . 46.64 -6.74 3.49
C1 NAG Q . 56.30 1.85 -13.85
C2 NAG Q . 57.22 2.79 -13.08
C3 NAG Q . 58.28 3.36 -14.00
C4 NAG Q . 59.12 2.22 -14.55
C5 NAG Q . 58.26 1.11 -15.14
C6 NAG Q . 58.53 -0.22 -14.44
C7 NAG Q . 56.11 3.84 -11.19
C8 NAG Q . 55.31 5.01 -10.72
N2 NAG Q . 56.45 3.86 -12.48
O3 NAG Q . 59.12 4.28 -13.28
O4 NAG Q . 60.02 2.72 -15.56
O5 NAG Q . 56.85 1.40 -15.10
O6 NAG Q . 59.44 -1.01 -15.21
O7 NAG Q . 56.44 2.93 -10.45
NA NA R . 35.42 15.07 -7.60
CL CL S . 24.61 21.79 14.44
CL CL T . 32.01 1.13 -4.34
C1 NAG U . -4.81 10.63 -15.30
C2 NAG U . -5.15 9.14 -15.32
C3 NAG U . -6.07 8.73 -16.46
C4 NAG U . -7.19 9.73 -16.67
C5 NAG U . -6.61 11.13 -16.76
C6 NAG U . -7.68 12.17 -17.07
C7 NAG U . -3.51 7.60 -14.38
C8 NAG U . -4.38 7.58 -13.17
N2 NAG U . -3.92 8.37 -15.39
O3 NAG U . -6.64 7.44 -16.16
O4 NAG U . -7.92 9.42 -17.87
O5 NAG U . -5.97 11.43 -15.53
O6 NAG U . -7.20 13.48 -16.76
O7 NAG U . -2.47 6.95 -14.46
C01 T97 V . 22.04 18.90 0.90
C02 T97 V . 21.25 17.80 1.21
C03 T97 V . 20.75 17.01 0.19
C04 T97 V . 21.04 17.31 -1.13
C05 T97 V . 21.84 18.40 -1.43
C06 T97 V . 22.34 19.20 -0.42
C07 T97 V . 22.18 18.74 -2.89
C08 T97 V . 22.32 17.49 -3.77
N09 T97 V . 22.80 17.86 -5.10
C10 T97 V . 22.88 16.67 -5.93
C11 T97 V . 21.58 16.46 -6.69
C12 T97 V . 21.63 15.17 -7.52
C13 T97 V . 21.24 17.66 -7.56
C14 T97 V . 24.12 18.46 -4.98
C15 T97 V . 24.00 19.98 -4.97
C16 T97 V . 25.14 20.60 -5.78
O17 T97 V . 24.91 21.98 -5.82
C18 T97 V . 25.64 22.70 -6.77
C19 T97 V . 26.31 22.03 -7.78
C20 T97 V . 27.04 22.75 -8.72
C21 T97 V . 27.08 24.15 -8.65
C22 T97 V . 26.40 24.80 -7.63
C23 T97 V . 25.68 24.08 -6.70
N24 T97 V . 27.83 24.90 -9.62
S25 T97 V . 29.54 24.92 -9.53
C26 T97 V . 30.20 23.25 -9.79
O27 T97 V . 30.11 25.88 -10.48
O28 T97 V . 29.98 25.47 -8.24
O29 T97 V . 22.78 20.35 -5.54
CL1 T97 V . 20.88 17.42 2.91
CL2 T97 V . 22.67 19.91 2.23
CL CL W . 13.82 28.02 -11.84
CL CL X . 7.29 49.22 -28.60
#